data_7CFF
# 
_entry.id   7CFF 
# 
_audit_conform.dict_name       mmcif_pdbx.dic 
_audit_conform.dict_version    5.387 
_audit_conform.dict_location   http://mmcif.pdb.org/dictionaries/ascii/mmcif_pdbx.dic 
# 
loop_
_database_2.database_id 
_database_2.database_code 
_database_2.pdbx_database_accession 
_database_2.pdbx_DOI 
PDB   7CFF         pdb_00007cff 10.2210/pdb7cff/pdb 
WWPDB D_1300017511 ?            ?                   
# 
loop_
_pdbx_audit_revision_history.ordinal 
_pdbx_audit_revision_history.data_content_type 
_pdbx_audit_revision_history.major_revision 
_pdbx_audit_revision_history.minor_revision 
_pdbx_audit_revision_history.revision_date 
1 'Structure model' 1 0 2021-02-24 
2 'Structure model' 1 1 2021-03-10 
3 'Structure model' 1 2 2024-03-27 
# 
_pdbx_audit_revision_details.ordinal             1 
_pdbx_audit_revision_details.revision_ordinal    1 
_pdbx_audit_revision_details.data_content_type   'Structure model' 
_pdbx_audit_revision_details.provider            repository 
_pdbx_audit_revision_details.type                'Initial release' 
_pdbx_audit_revision_details.description         ? 
_pdbx_audit_revision_details.details             ? 
# 
loop_
_pdbx_audit_revision_group.ordinal 
_pdbx_audit_revision_group.revision_ordinal 
_pdbx_audit_revision_group.data_content_type 
_pdbx_audit_revision_group.group 
1 2 'Structure model' 'Structure summary'   
2 3 'Structure model' 'Data collection'     
3 3 'Structure model' 'Database references' 
# 
loop_
_pdbx_audit_revision_category.ordinal 
_pdbx_audit_revision_category.revision_ordinal 
_pdbx_audit_revision_category.data_content_type 
_pdbx_audit_revision_category.category 
1 2 'Structure model' struct         
2 3 'Structure model' chem_comp_atom 
3 3 'Structure model' chem_comp_bond 
4 3 'Structure model' database_2     
# 
loop_
_pdbx_audit_revision_item.ordinal 
_pdbx_audit_revision_item.revision_ordinal 
_pdbx_audit_revision_item.data_content_type 
_pdbx_audit_revision_item.item 
1 2 'Structure model' '_struct.title'                       
2 3 'Structure model' '_database_2.pdbx_DOI'                
3 3 'Structure model' '_database_2.pdbx_database_accession' 
# 
_pdbx_database_status.status_code                     REL 
_pdbx_database_status.status_code_sf                  REL 
_pdbx_database_status.status_code_mr                  ? 
_pdbx_database_status.entry_id                        7CFF 
_pdbx_database_status.recvd_initial_deposition_date   2020-06-25 
_pdbx_database_status.SG_entry                        N 
_pdbx_database_status.deposit_site                    PDBJ 
_pdbx_database_status.process_site                    PDBJ 
_pdbx_database_status.status_code_cs                  ? 
_pdbx_database_status.status_code_nmr_data            ? 
_pdbx_database_status.methods_development_category    ? 
_pdbx_database_status.pdb_format_compatible           Y 
# 
loop_
_audit_author.name 
_audit_author.pdbx_ordinal 
_audit_author.identifier_ORCID 
'Huang, Y.'   1 ? 
'Jin, F.'     2 ? 
'Hattori, M.' 3 ? 
# 
_citation.abstract                  ? 
_citation.abstract_id_CAS           ? 
_citation.book_id_ISBN              ? 
_citation.book_publisher            ? 
_citation.book_publisher_city       ? 
_citation.book_title                ? 
_citation.coordinate_linkage        ? 
_citation.country                   US 
_citation.database_id_Medline       ? 
_citation.details                   ? 
_citation.id                        primary 
_citation.journal_abbrev            'Sci Adv' 
_citation.journal_id_ASTM           ? 
_citation.journal_id_CSD            ? 
_citation.journal_id_ISSN           2375-2548 
_citation.journal_full              ? 
_citation.journal_issue             ? 
_citation.journal_volume            7 
_citation.language                  ? 
_citation.page_first                ? 
_citation.page_last                 ? 
_citation.title                     'Structural basis for the Mg 2+ recognition and regulation of the CorC Mg 2+ transporter.' 
_citation.year                      2021 
_citation.database_id_CSD           ? 
_citation.pdbx_database_id_DOI      10.1126/sciadv.abe6140 
_citation.pdbx_database_id_PubMed   33568487 
_citation.unpublished_flag          ? 
# 
loop_
_citation_author.citation_id 
_citation_author.name 
_citation_author.ordinal 
_citation_author.identifier_ORCID 
primary 'Huang, Y.'   1  0000-0001-6964-3993 
primary 'Jin, F.'     2  0000-0001-9961-1423 
primary 'Funato, Y.'  3  0000-0002-4288-7717 
primary 'Xu, Z.'      4  0000-0002-3063-8473 
primary 'Zhu, W.'     5  0000-0001-6699-5299 
primary 'Wang, J.'    6  ?                   
primary 'Sun, M.'     7  ?                   
primary 'Zhao, Y.'    8  0000-0002-8913-3568 
primary 'Yu, Y.'      9  ?                   
primary 'Miki, H.'    10 0000-0003-0454-7006 
primary 'Hattori, M.' 11 0000-0002-5327-5337 
# 
loop_
_entity.id 
_entity.type 
_entity.src_method 
_entity.pdbx_description 
_entity.formula_weight 
_entity.pdbx_number_of_molecules 
_entity.pdbx_ec 
_entity.pdbx_mutation 
_entity.pdbx_fragment 
_entity.details 
1 polymer     man Hemolysin                                             18294.309 1  ? V101A ? ? 
2 non-polymer syn 'ZINC ION'                                            65.409    1  ? ?     ? ? 
3 non-polymer syn 'MAGNESIUM ION'                                       24.305    1  ? ?     ? ? 
4 non-polymer syn '4-(2-HYDROXYETHYL)-1-PIPERAZINE ETHANESULFONIC ACID' 238.305   1  ? ?     ? ? 
5 non-polymer syn '(2R)-2,3-dihydroxypropyl (9Z)-octadec-9-enoate'      356.540   3  ? ?     ? ? 
6 water       nat water                                                 18.015    84 ? ?     ? ? 
# 
_entity_name_com.entity_id   1 
_entity_name_com.name        CorC 
# 
_entity_poly.entity_id                      1 
_entity_poly.type                           'polypeptide(L)' 
_entity_poly.nstd_linkage                   no 
_entity_poly.nstd_monomer                   no 
_entity_poly.pdbx_seq_one_letter_code       
;MASPENPWLWAVLVLLLALSAFFSASETAITTLYPWKLKELAESKNGPFRLLAEDITRFLTTILVGNNLVNIAATALATE
LATQAFGSAGVGVATGAMTFLILFFGEITPKSLAVHHAEAIARLAAWPIYGLSVLFYPVGRFFSLVSGGLLRLLGLEPRL
ESSGLEVLFQ
;
_entity_poly.pdbx_seq_one_letter_code_can   
;MASPENPWLWAVLVLLLALSAFFSASETAITTLYPWKLKELAESKNGPFRLLAEDITRFLTTILVGNNLVNIAATALATE
LATQAFGSAGVGVATGAMTFLILFFGEITPKSLAVHHAEAIARLAAWPIYGLSVLFYPVGRFFSLVSGGLLRLLGLEPRL
ESSGLEVLFQ
;
_entity_poly.pdbx_strand_id                 A 
_entity_poly.pdbx_target_identifier         ? 
# 
loop_
_pdbx_entity_nonpoly.entity_id 
_pdbx_entity_nonpoly.name 
_pdbx_entity_nonpoly.comp_id 
2 'ZINC ION'                                            ZN  
3 'MAGNESIUM ION'                                       MG  
4 '4-(2-HYDROXYETHYL)-1-PIPERAZINE ETHANESULFONIC ACID' EPE 
5 '(2R)-2,3-dihydroxypropyl (9Z)-octadec-9-enoate'      OLC 
6 water                                                 HOH 
# 
loop_
_entity_poly_seq.entity_id 
_entity_poly_seq.num 
_entity_poly_seq.mon_id 
_entity_poly_seq.hetero 
1 1   MET n 
1 2   ALA n 
1 3   SER n 
1 4   PRO n 
1 5   GLU n 
1 6   ASN n 
1 7   PRO n 
1 8   TRP n 
1 9   LEU n 
1 10  TRP n 
1 11  ALA n 
1 12  VAL n 
1 13  LEU n 
1 14  VAL n 
1 15  LEU n 
1 16  LEU n 
1 17  LEU n 
1 18  ALA n 
1 19  LEU n 
1 20  SER n 
1 21  ALA n 
1 22  PHE n 
1 23  PHE n 
1 24  SER n 
1 25  ALA n 
1 26  SER n 
1 27  GLU n 
1 28  THR n 
1 29  ALA n 
1 30  ILE n 
1 31  THR n 
1 32  THR n 
1 33  LEU n 
1 34  TYR n 
1 35  PRO n 
1 36  TRP n 
1 37  LYS n 
1 38  LEU n 
1 39  LYS n 
1 40  GLU n 
1 41  LEU n 
1 42  ALA n 
1 43  GLU n 
1 44  SER n 
1 45  LYS n 
1 46  ASN n 
1 47  GLY n 
1 48  PRO n 
1 49  PHE n 
1 50  ARG n 
1 51  LEU n 
1 52  LEU n 
1 53  ALA n 
1 54  GLU n 
1 55  ASP n 
1 56  ILE n 
1 57  THR n 
1 58  ARG n 
1 59  PHE n 
1 60  LEU n 
1 61  THR n 
1 62  THR n 
1 63  ILE n 
1 64  LEU n 
1 65  VAL n 
1 66  GLY n 
1 67  ASN n 
1 68  ASN n 
1 69  LEU n 
1 70  VAL n 
1 71  ASN n 
1 72  ILE n 
1 73  ALA n 
1 74  ALA n 
1 75  THR n 
1 76  ALA n 
1 77  LEU n 
1 78  ALA n 
1 79  THR n 
1 80  GLU n 
1 81  LEU n 
1 82  ALA n 
1 83  THR n 
1 84  GLN n 
1 85  ALA n 
1 86  PHE n 
1 87  GLY n 
1 88  SER n 
1 89  ALA n 
1 90  GLY n 
1 91  VAL n 
1 92  GLY n 
1 93  VAL n 
1 94  ALA n 
1 95  THR n 
1 96  GLY n 
1 97  ALA n 
1 98  MET n 
1 99  THR n 
1 100 PHE n 
1 101 LEU n 
1 102 ILE n 
1 103 LEU n 
1 104 PHE n 
1 105 PHE n 
1 106 GLY n 
1 107 GLU n 
1 108 ILE n 
1 109 THR n 
1 110 PRO n 
1 111 LYS n 
1 112 SER n 
1 113 LEU n 
1 114 ALA n 
1 115 VAL n 
1 116 HIS n 
1 117 HIS n 
1 118 ALA n 
1 119 GLU n 
1 120 ALA n 
1 121 ILE n 
1 122 ALA n 
1 123 ARG n 
1 124 LEU n 
1 125 ALA n 
1 126 ALA n 
1 127 TRP n 
1 128 PRO n 
1 129 ILE n 
1 130 TYR n 
1 131 GLY n 
1 132 LEU n 
1 133 SER n 
1 134 VAL n 
1 135 LEU n 
1 136 PHE n 
1 137 TYR n 
1 138 PRO n 
1 139 VAL n 
1 140 GLY n 
1 141 ARG n 
1 142 PHE n 
1 143 PHE n 
1 144 SER n 
1 145 LEU n 
1 146 VAL n 
1 147 SER n 
1 148 GLY n 
1 149 GLY n 
1 150 LEU n 
1 151 LEU n 
1 152 ARG n 
1 153 LEU n 
1 154 LEU n 
1 155 GLY n 
1 156 LEU n 
1 157 GLU n 
1 158 PRO n 
1 159 ARG n 
1 160 LEU n 
1 161 GLU n 
1 162 SER n 
1 163 SER n 
1 164 GLY n 
1 165 LEU n 
1 166 GLU n 
1 167 VAL n 
1 168 LEU n 
1 169 PHE n 
1 170 GLN n 
# 
_entity_src_gen.entity_id                          1 
_entity_src_gen.pdbx_src_id                        1 
_entity_src_gen.pdbx_alt_source_flag               sample 
_entity_src_gen.pdbx_seq_type                      'Biological sequence' 
_entity_src_gen.pdbx_beg_seq_num                   1 
_entity_src_gen.pdbx_end_seq_num                   170 
_entity_src_gen.gene_src_common_name               ? 
_entity_src_gen.gene_src_genus                     ? 
_entity_src_gen.pdbx_gene_src_gene                 AV541_07030 
_entity_src_gen.gene_src_species                   ? 
_entity_src_gen.gene_src_strain                    ? 
_entity_src_gen.gene_src_tissue                    ? 
_entity_src_gen.gene_src_tissue_fraction           ? 
_entity_src_gen.gene_src_details                   ? 
_entity_src_gen.pdbx_gene_src_fragment             ? 
_entity_src_gen.pdbx_gene_src_scientific_name      'Thermus parvatiensis' 
_entity_src_gen.pdbx_gene_src_ncbi_taxonomy_id     456163 
_entity_src_gen.pdbx_gene_src_variant              ? 
_entity_src_gen.pdbx_gene_src_cell_line            ? 
_entity_src_gen.pdbx_gene_src_atcc                 ? 
_entity_src_gen.pdbx_gene_src_organ                ? 
_entity_src_gen.pdbx_gene_src_organelle            ? 
_entity_src_gen.pdbx_gene_src_cell                 ? 
_entity_src_gen.pdbx_gene_src_cellular_location    ? 
_entity_src_gen.host_org_common_name               ? 
_entity_src_gen.pdbx_host_org_scientific_name      'Escherichia coli' 
_entity_src_gen.pdbx_host_org_ncbi_taxonomy_id     562 
_entity_src_gen.host_org_genus                     ? 
_entity_src_gen.pdbx_host_org_gene                 ? 
_entity_src_gen.pdbx_host_org_organ                ? 
_entity_src_gen.host_org_species                   ? 
_entity_src_gen.pdbx_host_org_tissue               ? 
_entity_src_gen.pdbx_host_org_tissue_fraction      ? 
_entity_src_gen.pdbx_host_org_strain               ? 
_entity_src_gen.pdbx_host_org_variant              ? 
_entity_src_gen.pdbx_host_org_cell_line            ? 
_entity_src_gen.pdbx_host_org_atcc                 ? 
_entity_src_gen.pdbx_host_org_culture_collection   ? 
_entity_src_gen.pdbx_host_org_cell                 ? 
_entity_src_gen.pdbx_host_org_organelle            ? 
_entity_src_gen.pdbx_host_org_cellular_location    ? 
_entity_src_gen.pdbx_host_org_vector_type          ? 
_entity_src_gen.pdbx_host_org_vector               ? 
_entity_src_gen.host_org_details                   ? 
_entity_src_gen.expression_system_id               ? 
_entity_src_gen.plasmid_name                       ? 
_entity_src_gen.plasmid_details                    ? 
_entity_src_gen.pdbx_description                   ? 
# 
loop_
_chem_comp.id 
_chem_comp.type 
_chem_comp.mon_nstd_flag 
_chem_comp.name 
_chem_comp.pdbx_synonyms 
_chem_comp.formula 
_chem_comp.formula_weight 
ALA 'L-peptide linking' y ALANINE                                               ?                   'C3 H7 N O2'     89.093  
ARG 'L-peptide linking' y ARGININE                                              ?                   'C6 H15 N4 O2 1' 175.209 
ASN 'L-peptide linking' y ASPARAGINE                                            ?                   'C4 H8 N2 O3'    132.118 
ASP 'L-peptide linking' y 'ASPARTIC ACID'                                       ?                   'C4 H7 N O4'     133.103 
EPE non-polymer         . '4-(2-HYDROXYETHYL)-1-PIPERAZINE ETHANESULFONIC ACID' HEPES               'C8 H18 N2 O4 S' 238.305 
GLN 'L-peptide linking' y GLUTAMINE                                             ?                   'C5 H10 N2 O3'   146.144 
GLU 'L-peptide linking' y 'GLUTAMIC ACID'                                       ?                   'C5 H9 N O4'     147.129 
GLY 'peptide linking'   y GLYCINE                                               ?                   'C2 H5 N O2'     75.067  
HIS 'L-peptide linking' y HISTIDINE                                             ?                   'C6 H10 N3 O2 1' 156.162 
HOH non-polymer         . WATER                                                 ?                   'H2 O'           18.015  
ILE 'L-peptide linking' y ISOLEUCINE                                            ?                   'C6 H13 N O2'    131.173 
LEU 'L-peptide linking' y LEUCINE                                               ?                   'C6 H13 N O2'    131.173 
LYS 'L-peptide linking' y LYSINE                                                ?                   'C6 H15 N2 O2 1' 147.195 
MET 'L-peptide linking' y METHIONINE                                            ?                   'C5 H11 N O2 S'  149.211 
MG  non-polymer         . 'MAGNESIUM ION'                                       ?                   'Mg 2'           24.305  
OLC non-polymer         . '(2R)-2,3-dihydroxypropyl (9Z)-octadec-9-enoate'      1-Oleoyl-R-glycerol 'C21 H40 O4'     356.540 
PHE 'L-peptide linking' y PHENYLALANINE                                         ?                   'C9 H11 N O2'    165.189 
PRO 'L-peptide linking' y PROLINE                                               ?                   'C5 H9 N O2'     115.130 
SER 'L-peptide linking' y SERINE                                                ?                   'C3 H7 N O3'     105.093 
THR 'L-peptide linking' y THREONINE                                             ?                   'C4 H9 N O3'     119.119 
TRP 'L-peptide linking' y TRYPTOPHAN                                            ?                   'C11 H12 N2 O2'  204.225 
TYR 'L-peptide linking' y TYROSINE                                              ?                   'C9 H11 N O3'    181.189 
VAL 'L-peptide linking' y VALINE                                                ?                   'C5 H11 N O2'    117.146 
ZN  non-polymer         . 'ZINC ION'                                            ?                   'Zn 2'           65.409  
# 
loop_
_pdbx_poly_seq_scheme.asym_id 
_pdbx_poly_seq_scheme.entity_id 
_pdbx_poly_seq_scheme.seq_id 
_pdbx_poly_seq_scheme.mon_id 
_pdbx_poly_seq_scheme.ndb_seq_num 
_pdbx_poly_seq_scheme.pdb_seq_num 
_pdbx_poly_seq_scheme.auth_seq_num 
_pdbx_poly_seq_scheme.pdb_mon_id 
_pdbx_poly_seq_scheme.auth_mon_id 
_pdbx_poly_seq_scheme.pdb_strand_id 
_pdbx_poly_seq_scheme.pdb_ins_code 
_pdbx_poly_seq_scheme.hetero 
A 1 1   MET 1   24  ?   ?   ?   A . n 
A 1 2   ALA 2   25  ?   ?   ?   A . n 
A 1 3   SER 3   26  ?   ?   ?   A . n 
A 1 4   PRO 4   27  ?   ?   ?   A . n 
A 1 5   GLU 5   28  28  GLU GLU A . n 
A 1 6   ASN 6   29  29  ASN ASN A . n 
A 1 7   PRO 7   30  30  PRO PRO A . n 
A 1 8   TRP 8   31  31  TRP TRP A . n 
A 1 9   LEU 9   32  32  LEU LEU A . n 
A 1 10  TRP 10  33  33  TRP TRP A . n 
A 1 11  ALA 11  34  34  ALA ALA A . n 
A 1 12  VAL 12  35  35  VAL VAL A . n 
A 1 13  LEU 13  36  36  LEU LEU A . n 
A 1 14  VAL 14  37  37  VAL VAL A . n 
A 1 15  LEU 15  38  38  LEU LEU A . n 
A 1 16  LEU 16  39  39  LEU LEU A . n 
A 1 17  LEU 17  40  40  LEU LEU A . n 
A 1 18  ALA 18  41  41  ALA ALA A . n 
A 1 19  LEU 19  42  42  LEU LEU A . n 
A 1 20  SER 20  43  43  SER SER A . n 
A 1 21  ALA 21  44  44  ALA ALA A . n 
A 1 22  PHE 22  45  45  PHE PHE A . n 
A 1 23  PHE 23  46  46  PHE PHE A . n 
A 1 24  SER 24  47  47  SER SER A . n 
A 1 25  ALA 25  48  48  ALA ALA A . n 
A 1 26  SER 26  49  49  SER SER A . n 
A 1 27  GLU 27  50  50  GLU GLU A . n 
A 1 28  THR 28  51  51  THR THR A . n 
A 1 29  ALA 29  52  52  ALA ALA A . n 
A 1 30  ILE 30  53  53  ILE ILE A . n 
A 1 31  THR 31  54  54  THR THR A . n 
A 1 32  THR 32  55  55  THR THR A . n 
A 1 33  LEU 33  56  56  LEU LEU A . n 
A 1 34  TYR 34  57  57  TYR TYR A . n 
A 1 35  PRO 35  58  58  PRO PRO A . n 
A 1 36  TRP 36  59  59  TRP TRP A . n 
A 1 37  LYS 37  60  60  LYS LYS A . n 
A 1 38  LEU 38  61  61  LEU LEU A . n 
A 1 39  LYS 39  62  62  LYS LYS A . n 
A 1 40  GLU 40  63  63  GLU GLU A . n 
A 1 41  LEU 41  64  64  LEU LEU A . n 
A 1 42  ALA 42  65  65  ALA ALA A . n 
A 1 43  GLU 43  66  66  GLU GLU A . n 
A 1 44  SER 44  67  67  SER SER A . n 
A 1 45  LYS 45  68  68  LYS LYS A . n 
A 1 46  ASN 46  69  69  ASN ASN A . n 
A 1 47  GLY 47  70  70  GLY GLY A . n 
A 1 48  PRO 48  71  71  PRO PRO A . n 
A 1 49  PHE 49  72  72  PHE PHE A . n 
A 1 50  ARG 50  73  73  ARG ARG A . n 
A 1 51  LEU 51  74  74  LEU LEU A . n 
A 1 52  LEU 52  75  75  LEU LEU A . n 
A 1 53  ALA 53  76  76  ALA ALA A . n 
A 1 54  GLU 54  77  77  GLU GLU A . n 
A 1 55  ASP 55  78  78  ASP ASP A . n 
A 1 56  ILE 56  79  79  ILE ILE A . n 
A 1 57  THR 57  80  80  THR THR A . n 
A 1 58  ARG 58  81  81  ARG ARG A . n 
A 1 59  PHE 59  82  82  PHE PHE A . n 
A 1 60  LEU 60  83  83  LEU LEU A . n 
A 1 61  THR 61  84  84  THR THR A . n 
A 1 62  THR 62  85  85  THR THR A . n 
A 1 63  ILE 63  86  86  ILE ILE A . n 
A 1 64  LEU 64  87  87  LEU LEU A . n 
A 1 65  VAL 65  88  88  VAL VAL A . n 
A 1 66  GLY 66  89  89  GLY GLY A . n 
A 1 67  ASN 67  90  90  ASN ASN A . n 
A 1 68  ASN 68  91  91  ASN ASN A . n 
A 1 69  LEU 69  92  92  LEU LEU A . n 
A 1 70  VAL 70  93  93  VAL VAL A . n 
A 1 71  ASN 71  94  94  ASN ASN A . n 
A 1 72  ILE 72  95  95  ILE ILE A . n 
A 1 73  ALA 73  96  96  ALA ALA A . n 
A 1 74  ALA 74  97  97  ALA ALA A . n 
A 1 75  THR 75  98  98  THR THR A . n 
A 1 76  ALA 76  99  99  ALA ALA A . n 
A 1 77  LEU 77  100 100 LEU LEU A . n 
A 1 78  ALA 78  101 101 ALA ALA A . n 
A 1 79  THR 79  102 102 THR THR A . n 
A 1 80  GLU 80  103 103 GLU GLU A . n 
A 1 81  LEU 81  104 104 LEU LEU A . n 
A 1 82  ALA 82  105 105 ALA ALA A . n 
A 1 83  THR 83  106 106 THR THR A . n 
A 1 84  GLN 84  107 107 GLN GLN A . n 
A 1 85  ALA 85  108 108 ALA ALA A . n 
A 1 86  PHE 86  109 109 PHE PHE A . n 
A 1 87  GLY 87  110 110 GLY GLY A . n 
A 1 88  SER 88  111 111 SER SER A . n 
A 1 89  ALA 89  112 112 ALA ALA A . n 
A 1 90  GLY 90  113 113 GLY GLY A . n 
A 1 91  VAL 91  114 114 VAL VAL A . n 
A 1 92  GLY 92  115 115 GLY GLY A . n 
A 1 93  VAL 93  116 116 VAL VAL A . n 
A 1 94  ALA 94  117 117 ALA ALA A . n 
A 1 95  THR 95  118 118 THR THR A . n 
A 1 96  GLY 96  119 119 GLY GLY A . n 
A 1 97  ALA 97  120 120 ALA ALA A . n 
A 1 98  MET 98  121 121 MET MET A . n 
A 1 99  THR 99  122 122 THR THR A . n 
A 1 100 PHE 100 123 123 PHE PHE A . n 
A 1 101 LEU 101 124 124 LEU LEU A . n 
A 1 102 ILE 102 125 125 ILE ILE A . n 
A 1 103 LEU 103 126 126 LEU LEU A . n 
A 1 104 PHE 104 127 127 PHE PHE A . n 
A 1 105 PHE 105 128 128 PHE PHE A . n 
A 1 106 GLY 106 129 129 GLY GLY A . n 
A 1 107 GLU 107 130 130 GLU GLU A . n 
A 1 108 ILE 108 131 131 ILE ILE A . n 
A 1 109 THR 109 132 132 THR THR A . n 
A 1 110 PRO 110 133 133 PRO PRO A . n 
A 1 111 LYS 111 134 134 LYS LYS A . n 
A 1 112 SER 112 135 135 SER SER A . n 
A 1 113 LEU 113 136 136 LEU LEU A . n 
A 1 114 ALA 114 137 137 ALA ALA A . n 
A 1 115 VAL 115 138 138 VAL VAL A . n 
A 1 116 HIS 116 139 139 HIS HIS A . n 
A 1 117 HIS 117 140 140 HIS HIS A . n 
A 1 118 ALA 118 141 141 ALA ALA A . n 
A 1 119 GLU 119 142 142 GLU GLU A . n 
A 1 120 ALA 120 143 143 ALA ALA A . n 
A 1 121 ILE 121 144 144 ILE ILE A . n 
A 1 122 ALA 122 145 145 ALA ALA A . n 
A 1 123 ARG 123 146 146 ARG ARG A . n 
A 1 124 LEU 124 147 147 LEU LEU A . n 
A 1 125 ALA 125 148 148 ALA ALA A . n 
A 1 126 ALA 126 149 149 ALA ALA A . n 
A 1 127 TRP 127 150 150 TRP TRP A . n 
A 1 128 PRO 128 151 151 PRO PRO A . n 
A 1 129 ILE 129 152 152 ILE ILE A . n 
A 1 130 TYR 130 153 153 TYR TYR A . n 
A 1 131 GLY 131 154 154 GLY GLY A . n 
A 1 132 LEU 132 155 155 LEU LEU A . n 
A 1 133 SER 133 156 156 SER SER A . n 
A 1 134 VAL 134 157 157 VAL VAL A . n 
A 1 135 LEU 135 158 158 LEU LEU A . n 
A 1 136 PHE 136 159 159 PHE PHE A . n 
A 1 137 TYR 137 160 160 TYR TYR A . n 
A 1 138 PRO 138 161 161 PRO PRO A . n 
A 1 139 VAL 139 162 162 VAL VAL A . n 
A 1 140 GLY 140 163 163 GLY GLY A . n 
A 1 141 ARG 141 164 164 ARG ARG A . n 
A 1 142 PHE 142 165 165 PHE PHE A . n 
A 1 143 PHE 143 166 166 PHE PHE A . n 
A 1 144 SER 144 167 167 SER SER A . n 
A 1 145 LEU 145 168 168 LEU LEU A . n 
A 1 146 VAL 146 169 169 VAL VAL A . n 
A 1 147 SER 147 170 170 SER SER A . n 
A 1 148 GLY 148 171 171 GLY GLY A . n 
A 1 149 GLY 149 172 172 GLY GLY A . n 
A 1 150 LEU 150 173 173 LEU LEU A . n 
A 1 151 LEU 151 174 174 LEU LEU A . n 
A 1 152 ARG 152 175 175 ARG ARG A . n 
A 1 153 LEU 153 176 176 LEU LEU A . n 
A 1 154 LEU 154 177 177 LEU LEU A . n 
A 1 155 GLY 155 178 178 GLY GLY A . n 
A 1 156 LEU 156 179 179 LEU LEU A . n 
A 1 157 GLU 157 180 180 GLU GLU A . n 
A 1 158 PRO 158 181 181 PRO PRO A . n 
A 1 159 ARG 159 182 182 ARG ARG A . n 
A 1 160 LEU 160 183 183 LEU LEU A . n 
A 1 161 GLU 161 184 ?   ?   ?   A . n 
A 1 162 SER 162 185 ?   ?   ?   A . n 
A 1 163 SER 163 186 ?   ?   ?   A . n 
A 1 164 GLY 164 187 ?   ?   ?   A . n 
A 1 165 LEU 165 188 ?   ?   ?   A . n 
A 1 166 GLU 166 189 ?   ?   ?   A . n 
A 1 167 VAL 167 190 ?   ?   ?   A . n 
A 1 168 LEU 168 191 ?   ?   ?   A . n 
A 1 169 PHE 169 192 ?   ?   ?   A . n 
A 1 170 GLN 170 193 ?   ?   ?   A . n 
# 
loop_
_pdbx_nonpoly_scheme.asym_id 
_pdbx_nonpoly_scheme.entity_id 
_pdbx_nonpoly_scheme.mon_id 
_pdbx_nonpoly_scheme.ndb_seq_num 
_pdbx_nonpoly_scheme.pdb_seq_num 
_pdbx_nonpoly_scheme.auth_seq_num 
_pdbx_nonpoly_scheme.pdb_mon_id 
_pdbx_nonpoly_scheme.auth_mon_id 
_pdbx_nonpoly_scheme.pdb_strand_id 
_pdbx_nonpoly_scheme.pdb_ins_code 
B 2 ZN  1  201 201 ZN  ZN  A . 
C 3 MG  1  202 1   MG  MG  A . 
D 4 EPE 1  203 1   EPE EPE A . 
E 5 OLC 1  204 1   OLC OLC A . 
F 5 OLC 1  205 2   OLC OLC A . 
G 5 OLC 1  206 3   OLC OLC A . 
H 6 HOH 1  301 14  HOH HOH A . 
H 6 HOH 2  302 30  HOH HOH A . 
H 6 HOH 3  303 42  HOH HOH A . 
H 6 HOH 4  304 87  HOH HOH A . 
H 6 HOH 5  305 61  HOH HOH A . 
H 6 HOH 6  306 52  HOH HOH A . 
H 6 HOH 7  307 56  HOH HOH A . 
H 6 HOH 8  308 55  HOH HOH A . 
H 6 HOH 9  309 6   HOH HOH A . 
H 6 HOH 10 310 7   HOH HOH A . 
H 6 HOH 11 311 88  HOH HOH A . 
H 6 HOH 12 312 29  HOH HOH A . 
H 6 HOH 13 313 79  HOH HOH A . 
H 6 HOH 14 314 9   HOH HOH A . 
H 6 HOH 15 315 13  HOH HOH A . 
H 6 HOH 16 316 63  HOH HOH A . 
H 6 HOH 17 317 62  HOH HOH A . 
H 6 HOH 18 318 66  HOH HOH A . 
H 6 HOH 19 319 71  HOH HOH A . 
H 6 HOH 20 320 4   HOH HOH A . 
H 6 HOH 21 321 57  HOH HOH A . 
H 6 HOH 22 322 37  HOH HOH A . 
H 6 HOH 23 323 5   HOH HOH A . 
H 6 HOH 24 324 45  HOH HOH A . 
H 6 HOH 25 325 15  HOH HOH A . 
H 6 HOH 26 326 58  HOH HOH A . 
H 6 HOH 27 327 60  HOH HOH A . 
H 6 HOH 28 328 49  HOH HOH A . 
H 6 HOH 29 329 26  HOH HOH A . 
H 6 HOH 30 330 53  HOH HOH A . 
H 6 HOH 31 331 68  HOH HOH A . 
H 6 HOH 32 332 1   HOH HOH A . 
H 6 HOH 33 333 41  HOH HOH A . 
H 6 HOH 34 334 10  HOH HOH A . 
H 6 HOH 35 335 50  HOH HOH A . 
H 6 HOH 36 336 65  HOH HOH A . 
H 6 HOH 37 337 18  HOH HOH A . 
H 6 HOH 38 338 36  HOH HOH A . 
H 6 HOH 39 339 11  HOH HOH A . 
H 6 HOH 40 340 3   HOH HOH A . 
H 6 HOH 41 341 59  HOH HOH A . 
H 6 HOH 42 342 25  HOH HOH A . 
H 6 HOH 43 343 54  HOH HOH A . 
H 6 HOH 44 344 70  HOH HOH A . 
H 6 HOH 45 345 47  HOH HOH A . 
H 6 HOH 46 346 72  HOH HOH A . 
H 6 HOH 47 347 8   HOH HOH A . 
H 6 HOH 48 348 40  HOH HOH A . 
H 6 HOH 49 349 82  HOH HOH A . 
H 6 HOH 50 350 51  HOH HOH A . 
H 6 HOH 51 351 2   HOH HOH A . 
H 6 HOH 52 352 32  HOH HOH A . 
H 6 HOH 53 353 21  HOH HOH A . 
H 6 HOH 54 354 46  HOH HOH A . 
H 6 HOH 55 355 85  HOH HOH A . 
H 6 HOH 56 356 48  HOH HOH A . 
H 6 HOH 57 357 17  HOH HOH A . 
H 6 HOH 58 358 86  HOH HOH A . 
H 6 HOH 59 359 38  HOH HOH A . 
H 6 HOH 60 360 74  HOH HOH A . 
H 6 HOH 61 361 39  HOH HOH A . 
H 6 HOH 62 362 69  HOH HOH A . 
H 6 HOH 63 363 84  HOH HOH A . 
H 6 HOH 64 364 16  HOH HOH A . 
H 6 HOH 65 365 67  HOH HOH A . 
H 6 HOH 66 366 12  HOH HOH A . 
H 6 HOH 67 367 83  HOH HOH A . 
H 6 HOH 68 368 77  HOH HOH A . 
H 6 HOH 69 369 76  HOH HOH A . 
H 6 HOH 70 370 19  HOH HOH A . 
H 6 HOH 71 371 33  HOH HOH A . 
H 6 HOH 72 372 23  HOH HOH A . 
H 6 HOH 73 373 20  HOH HOH A . 
H 6 HOH 74 374 64  HOH HOH A . 
H 6 HOH 75 375 34  HOH HOH A . 
H 6 HOH 76 376 81  HOH HOH A . 
H 6 HOH 77 377 73  HOH HOH A . 
H 6 HOH 78 378 35  HOH HOH A . 
H 6 HOH 79 379 27  HOH HOH A . 
H 6 HOH 80 380 43  HOH HOH A . 
H 6 HOH 81 381 44  HOH HOH A . 
H 6 HOH 82 382 80  HOH HOH A . 
H 6 HOH 83 383 31  HOH HOH A . 
H 6 HOH 84 384 75  HOH HOH A . 
# 
loop_
_pdbx_unobs_or_zero_occ_atoms.id 
_pdbx_unobs_or_zero_occ_atoms.PDB_model_num 
_pdbx_unobs_or_zero_occ_atoms.polymer_flag 
_pdbx_unobs_or_zero_occ_atoms.occupancy_flag 
_pdbx_unobs_or_zero_occ_atoms.auth_asym_id 
_pdbx_unobs_or_zero_occ_atoms.auth_comp_id 
_pdbx_unobs_or_zero_occ_atoms.auth_seq_id 
_pdbx_unobs_or_zero_occ_atoms.PDB_ins_code 
_pdbx_unobs_or_zero_occ_atoms.auth_atom_id 
_pdbx_unobs_or_zero_occ_atoms.label_alt_id 
_pdbx_unobs_or_zero_occ_atoms.label_asym_id 
_pdbx_unobs_or_zero_occ_atoms.label_comp_id 
_pdbx_unobs_or_zero_occ_atoms.label_seq_id 
_pdbx_unobs_or_zero_occ_atoms.label_atom_id 
1  1 Y 1 A GLU 28  ? CG  ? A GLU 5   CG  
2  1 Y 1 A GLU 28  ? CD  ? A GLU 5   CD  
3  1 Y 1 A GLU 28  ? OE1 ? A GLU 5   OE1 
4  1 Y 1 A GLU 28  ? OE2 ? A GLU 5   OE2 
5  1 Y 1 A ASN 29  ? CG  ? A ASN 6   CG  
6  1 Y 1 A ASN 29  ? OD1 ? A ASN 6   OD1 
7  1 Y 1 A ASN 29  ? ND2 ? A ASN 6   ND2 
8  1 Y 1 A LYS 68  ? CG  ? A LYS 45  CG  
9  1 Y 1 A LYS 68  ? CD  ? A LYS 45  CD  
10 1 Y 1 A LYS 68  ? CE  ? A LYS 45  CE  
11 1 Y 1 A LYS 68  ? NZ  ? A LYS 45  NZ  
12 1 Y 1 A ARG 182 ? CG  ? A ARG 159 CG  
13 1 Y 1 A ARG 182 ? CD  ? A ARG 159 CD  
14 1 Y 1 A ARG 182 ? NE  ? A ARG 159 NE  
15 1 Y 1 A ARG 182 ? CZ  ? A ARG 159 CZ  
16 1 Y 1 A ARG 182 ? NH1 ? A ARG 159 NH1 
17 1 Y 1 A ARG 182 ? NH2 ? A ARG 159 NH2 
18 1 N 1 A OLC 204 ? C24 ? E OLC 1   C24 
19 1 N 1 A OLC 204 ? C21 ? E OLC 1   C21 
20 1 N 1 A OLC 204 ? C1  ? E OLC 1   C1  
21 1 N 1 A OLC 204 ? C22 ? E OLC 1   C22 
22 1 N 1 A OLC 204 ? O19 ? E OLC 1   O19 
23 1 N 1 A OLC 204 ? O25 ? E OLC 1   O25 
24 1 N 1 A OLC 204 ? O23 ? E OLC 1   O23 
25 1 N 1 A OLC 204 ? O20 ? E OLC 1   O20 
26 1 N 1 A OLC 205 ? C18 ? F OLC 1   C18 
27 1 N 1 A OLC 205 ? C17 ? F OLC 1   C17 
28 1 N 1 A OLC 205 ? C24 ? F OLC 1   C24 
29 1 N 1 A OLC 205 ? C16 ? F OLC 1   C16 
30 1 N 1 A OLC 205 ? C15 ? F OLC 1   C15 
31 1 N 1 A OLC 205 ? C14 ? F OLC 1   C14 
32 1 N 1 A OLC 205 ? C21 ? F OLC 1   C21 
33 1 N 1 A OLC 205 ? C22 ? F OLC 1   C22 
34 1 N 1 A OLC 205 ? O19 ? F OLC 1   O19 
35 1 N 1 A OLC 205 ? O25 ? F OLC 1   O25 
36 1 N 1 A OLC 205 ? O23 ? F OLC 1   O23 
37 1 N 1 A OLC 205 ? O20 ? F OLC 1   O20 
38 1 N 1 A OLC 206 ? C18 ? G OLC 1   C18 
39 1 N 1 A OLC 206 ? C10 ? G OLC 1   C10 
40 1 N 1 A OLC 206 ? C9  ? G OLC 1   C9  
41 1 N 1 A OLC 206 ? C17 ? G OLC 1   C17 
42 1 N 1 A OLC 206 ? C11 ? G OLC 1   C11 
43 1 N 1 A OLC 206 ? C8  ? G OLC 1   C8  
44 1 N 1 A OLC 206 ? C16 ? G OLC 1   C16 
45 1 N 1 A OLC 206 ? C12 ? G OLC 1   C12 
46 1 N 1 A OLC 206 ? C7  ? G OLC 1   C7  
47 1 N 1 A OLC 206 ? C15 ? G OLC 1   C15 
48 1 N 1 A OLC 206 ? C13 ? G OLC 1   C13 
49 1 N 1 A OLC 206 ? C6  ? G OLC 1   C6  
50 1 N 1 A OLC 206 ? C14 ? G OLC 1   C14 
51 1 N 1 A OLC 206 ? C5  ? G OLC 1   C5  
# 
loop_
_software.citation_id 
_software.classification 
_software.compiler_name 
_software.compiler_version 
_software.contact_author 
_software.contact_author_email 
_software.date 
_software.description 
_software.dependencies 
_software.hardware 
_software.language 
_software.location 
_software.mods 
_software.name 
_software.os 
_software.os_version 
_software.type 
_software.version 
_software.pdbx_ordinal 
? refinement       ? ? ? ? ? ? ? ? ? ? ? PHENIX ? ? ? 1.18.2_3874 1 
? 'data reduction' ? ? ? ? ? ? ? ? ? ? ? XDS    ? ? ? .           2 
? 'data scaling'   ? ? ? ? ? ? ? ? ? ? ? XDS    ? ? ? .           3 
? phasing          ? ? ? ? ? ? ? ? ? ? ? PHASER ? ? ? .           4 
# 
_cell.angle_alpha                  90.000 
_cell.angle_alpha_esd              ? 
_cell.angle_beta                   90.000 
_cell.angle_beta_esd               ? 
_cell.angle_gamma                  90.000 
_cell.angle_gamma_esd              ? 
_cell.entry_id                     7CFF 
_cell.details                      ? 
_cell.formula_units_Z              ? 
_cell.length_a                     57.490 
_cell.length_a_esd                 ? 
_cell.length_b                     83.320 
_cell.length_b_esd                 ? 
_cell.length_c                     98.530 
_cell.length_c_esd                 ? 
_cell.volume                       471965.282 
_cell.volume_esd                   ? 
_cell.Z_PDB                        8 
_cell.reciprocal_angle_alpha       ? 
_cell.reciprocal_angle_beta        ? 
_cell.reciprocal_angle_gamma       ? 
_cell.reciprocal_angle_alpha_esd   ? 
_cell.reciprocal_angle_beta_esd    ? 
_cell.reciprocal_angle_gamma_esd   ? 
_cell.reciprocal_length_a          ? 
_cell.reciprocal_length_b          ? 
_cell.reciprocal_length_c          ? 
_cell.reciprocal_length_a_esd      ? 
_cell.reciprocal_length_b_esd      ? 
_cell.reciprocal_length_c_esd      ? 
_cell.pdbx_unique_axis             ? 
# 
_symmetry.entry_id                         7CFF 
_symmetry.cell_setting                     ? 
_symmetry.Int_Tables_number                21 
_symmetry.space_group_name_Hall            'C 2 2' 
_symmetry.space_group_name_H-M             'C 2 2 2' 
_symmetry.pdbx_full_space_group_name_H-M   ? 
# 
_exptl.absorpt_coefficient_mu     ? 
_exptl.absorpt_correction_T_max   ? 
_exptl.absorpt_correction_T_min   ? 
_exptl.absorpt_correction_type    ? 
_exptl.absorpt_process_details    ? 
_exptl.entry_id                   7CFF 
_exptl.crystals_number            1 
_exptl.details                    ? 
_exptl.method                     'X-RAY DIFFRACTION' 
_exptl.method_details             ? 
# 
_exptl_crystal.colour                      ? 
_exptl_crystal.density_diffrn              ? 
_exptl_crystal.density_Matthews            3.48 
_exptl_crystal.density_method              ? 
_exptl_crystal.density_percent_sol         64.68 
_exptl_crystal.description                 ? 
_exptl_crystal.F_000                       ? 
_exptl_crystal.id                          1 
_exptl_crystal.preparation                 ? 
_exptl_crystal.size_max                    ? 
_exptl_crystal.size_mid                    ? 
_exptl_crystal.size_min                    ? 
_exptl_crystal.size_rad                    ? 
_exptl_crystal.colour_lustre               ? 
_exptl_crystal.colour_modifier             ? 
_exptl_crystal.colour_primary              ? 
_exptl_crystal.density_meas                ? 
_exptl_crystal.density_meas_esd            ? 
_exptl_crystal.density_meas_gt             ? 
_exptl_crystal.density_meas_lt             ? 
_exptl_crystal.density_meas_temp           ? 
_exptl_crystal.density_meas_temp_esd       ? 
_exptl_crystal.density_meas_temp_gt        ? 
_exptl_crystal.density_meas_temp_lt        ? 
_exptl_crystal.pdbx_crystal_image_url      ? 
_exptl_crystal.pdbx_crystal_image_format   ? 
_exptl_crystal.pdbx_mosaicity              ? 
_exptl_crystal.pdbx_mosaicity_esd          ? 
# 
_exptl_crystal_grow.apparatus       ? 
_exptl_crystal_grow.atmosphere      ? 
_exptl_crystal_grow.crystal_id      1 
_exptl_crystal_grow.details         ? 
_exptl_crystal_grow.method          'LIPIDIC CUBIC PHASE' 
_exptl_crystal_grow.method_ref      ? 
_exptl_crystal_grow.pH              4.0 
_exptl_crystal_grow.pressure        ? 
_exptl_crystal_grow.pressure_esd    ? 
_exptl_crystal_grow.seeding         ? 
_exptl_crystal_grow.seeding_ref     ? 
_exptl_crystal_grow.temp            291 
_exptl_crystal_grow.temp_details    ? 
_exptl_crystal_grow.temp_esd        ? 
_exptl_crystal_grow.time            ? 
_exptl_crystal_grow.pdbx_details    '10 mM ZnCl2, 100 mM sodium acetate (pH 4.0), 40% polyethylene glycol 200' 
_exptl_crystal_grow.pdbx_pH_range   ? 
# 
_diffrn.ambient_environment              ? 
_diffrn.ambient_temp                     100 
_diffrn.ambient_temp_details             ? 
_diffrn.ambient_temp_esd                 ? 
_diffrn.crystal_id                       1 
_diffrn.crystal_support                  ? 
_diffrn.crystal_treatment                ? 
_diffrn.details                          ? 
_diffrn.id                               1 
_diffrn.ambient_pressure                 ? 
_diffrn.ambient_pressure_esd             ? 
_diffrn.ambient_pressure_gt              ? 
_diffrn.ambient_pressure_lt              ? 
_diffrn.ambient_temp_gt                  ? 
_diffrn.ambient_temp_lt                  ? 
_diffrn.pdbx_serial_crystal_experiment   N 
# 
_diffrn_detector.details                      ? 
_diffrn_detector.detector                     PIXEL 
_diffrn_detector.diffrn_id                    1 
_diffrn_detector.type                         'DECTRIS EIGER X 9M' 
_diffrn_detector.area_resol_mean              ? 
_diffrn_detector.dtime                        ? 
_diffrn_detector.pdbx_frames_total            ? 
_diffrn_detector.pdbx_collection_time_total   ? 
_diffrn_detector.pdbx_collection_date         2018-11-02 
_diffrn_detector.pdbx_frequency               ? 
# 
_diffrn_radiation.collimation                      ? 
_diffrn_radiation.diffrn_id                        1 
_diffrn_radiation.filter_edge                      ? 
_diffrn_radiation.inhomogeneity                    ? 
_diffrn_radiation.monochromator                    ? 
_diffrn_radiation.polarisn_norm                    ? 
_diffrn_radiation.polarisn_ratio                   ? 
_diffrn_radiation.probe                            ? 
_diffrn_radiation.type                             ? 
_diffrn_radiation.xray_symbol                      ? 
_diffrn_radiation.wavelength_id                    1 
_diffrn_radiation.pdbx_monochromatic_or_laue_m_l   M 
_diffrn_radiation.pdbx_wavelength_list             ? 
_diffrn_radiation.pdbx_wavelength                  ? 
_diffrn_radiation.pdbx_diffrn_protocol             'SINGLE WAVELENGTH' 
_diffrn_radiation.pdbx_analyzer                    ? 
_diffrn_radiation.pdbx_scattering_type             x-ray 
# 
_diffrn_radiation_wavelength.id           1 
_diffrn_radiation_wavelength.wavelength   1 
_diffrn_radiation_wavelength.wt           1.0 
# 
_diffrn_source.current                     ? 
_diffrn_source.details                     ? 
_diffrn_source.diffrn_id                   1 
_diffrn_source.power                       ? 
_diffrn_source.size                        ? 
_diffrn_source.source                      SYNCHROTRON 
_diffrn_source.target                      ? 
_diffrn_source.type                        'SPRING-8 BEAMLINE BL32XU' 
_diffrn_source.voltage                     ? 
_diffrn_source.take-off_angle              ? 
_diffrn_source.pdbx_wavelength_list        1 
_diffrn_source.pdbx_wavelength             ? 
_diffrn_source.pdbx_synchrotron_beamline   BL32XU 
_diffrn_source.pdbx_synchrotron_site       SPring-8 
# 
_reflns.B_iso_Wilson_estimate            31.18 
_reflns.entry_id                         7CFF 
_reflns.data_reduction_details           ? 
_reflns.data_reduction_method            ? 
_reflns.d_resolution_high                2 
_reflns.d_resolution_low                 49.3 
_reflns.details                          ? 
_reflns.limit_h_max                      ? 
_reflns.limit_h_min                      ? 
_reflns.limit_k_max                      ? 
_reflns.limit_k_min                      ? 
_reflns.limit_l_max                      ? 
_reflns.limit_l_min                      ? 
_reflns.number_all                       ? 
_reflns.number_obs                       15683 
_reflns.observed_criterion               ? 
_reflns.observed_criterion_F_max         ? 
_reflns.observed_criterion_F_min         ? 
_reflns.observed_criterion_I_max         ? 
_reflns.observed_criterion_I_min         ? 
_reflns.observed_criterion_sigma_F       ? 
_reflns.observed_criterion_sigma_I       ? 
_reflns.percent_possible_obs             95.8 
_reflns.R_free_details                   ? 
_reflns.Rmerge_F_all                     ? 
_reflns.Rmerge_F_obs                     ? 
_reflns.Friedel_coverage                 ? 
_reflns.number_gt                        ? 
_reflns.threshold_expression             ? 
_reflns.pdbx_redundancy                  4.7 
_reflns.pdbx_Rmerge_I_obs                ? 
_reflns.pdbx_Rmerge_I_all                ? 
_reflns.pdbx_Rsym_value                  ? 
_reflns.pdbx_netI_over_av_sigmaI         ? 
_reflns.pdbx_netI_over_sigmaI            6.99 
_reflns.pdbx_res_netI_over_av_sigmaI_2   ? 
_reflns.pdbx_res_netI_over_sigmaI_2      ? 
_reflns.pdbx_chi_squared                 ? 
_reflns.pdbx_scaling_rejects             ? 
_reflns.pdbx_d_res_high_opt              ? 
_reflns.pdbx_d_res_low_opt               ? 
_reflns.pdbx_d_res_opt_method            ? 
_reflns.phase_calculation_details        ? 
_reflns.pdbx_Rrim_I_all                  ? 
_reflns.pdbx_Rpim_I_all                  ? 
_reflns.pdbx_d_opt                       ? 
_reflns.pdbx_number_measured_all         ? 
_reflns.pdbx_diffrn_id                   1 
_reflns.pdbx_ordinal                     1 
_reflns.pdbx_CC_half                     0.983 
_reflns.pdbx_CC_star                     ? 
_reflns.pdbx_R_split                     ? 
# 
_reflns_shell.d_res_high                  2 
_reflns_shell.d_res_low                   2.12 
_reflns_shell.meanI_over_sigI_all         ? 
_reflns_shell.meanI_over_sigI_obs         ? 
_reflns_shell.number_measured_all         ? 
_reflns_shell.number_measured_obs         ? 
_reflns_shell.number_possible             ? 
_reflns_shell.number_unique_all           ? 
_reflns_shell.number_unique_obs           2447 
_reflns_shell.percent_possible_all        ? 
_reflns_shell.percent_possible_obs        ? 
_reflns_shell.Rmerge_F_all                ? 
_reflns_shell.Rmerge_F_obs                ? 
_reflns_shell.Rmerge_I_all                ? 
_reflns_shell.Rmerge_I_obs                ? 
_reflns_shell.meanI_over_sigI_gt          ? 
_reflns_shell.meanI_over_uI_all           ? 
_reflns_shell.meanI_over_uI_gt            ? 
_reflns_shell.number_measured_gt          ? 
_reflns_shell.number_unique_gt            ? 
_reflns_shell.percent_possible_gt         ? 
_reflns_shell.Rmerge_F_gt                 ? 
_reflns_shell.Rmerge_I_gt                 ? 
_reflns_shell.pdbx_redundancy             ? 
_reflns_shell.pdbx_Rsym_value             ? 
_reflns_shell.pdbx_chi_squared            ? 
_reflns_shell.pdbx_netI_over_sigmaI_all   ? 
_reflns_shell.pdbx_netI_over_sigmaI_obs   ? 
_reflns_shell.pdbx_Rrim_I_all             ? 
_reflns_shell.pdbx_Rpim_I_all             ? 
_reflns_shell.pdbx_rejects                ? 
_reflns_shell.pdbx_ordinal                1 
_reflns_shell.pdbx_diffrn_id              1 
_reflns_shell.pdbx_CC_half                0.718 
_reflns_shell.pdbx_CC_star                ? 
_reflns_shell.pdbx_R_split                ? 
# 
_refine.aniso_B[1][1]                            ? 
_refine.aniso_B[1][2]                            ? 
_refine.aniso_B[1][3]                            ? 
_refine.aniso_B[2][2]                            ? 
_refine.aniso_B[2][3]                            ? 
_refine.aniso_B[3][3]                            ? 
_refine.B_iso_max                                ? 
_refine.B_iso_mean                               39.56 
_refine.B_iso_min                                ? 
_refine.correlation_coeff_Fo_to_Fc               ? 
_refine.correlation_coeff_Fo_to_Fc_free          ? 
_refine.details                                  ? 
_refine.diff_density_max                         ? 
_refine.diff_density_max_esd                     ? 
_refine.diff_density_min                         ? 
_refine.diff_density_min_esd                     ? 
_refine.diff_density_rms                         ? 
_refine.diff_density_rms_esd                     ? 
_refine.entry_id                                 7CFF 
_refine.pdbx_refine_id                           'X-RAY DIFFRACTION' 
_refine.ls_abs_structure_details                 ? 
_refine.ls_abs_structure_Flack                   ? 
_refine.ls_abs_structure_Flack_esd               ? 
_refine.ls_abs_structure_Rogers                  ? 
_refine.ls_abs_structure_Rogers_esd              ? 
_refine.ls_d_res_high                            2.00 
_refine.ls_d_res_low                             49.27 
_refine.ls_extinction_coef                       ? 
_refine.ls_extinction_coef_esd                   ? 
_refine.ls_extinction_expression                 ? 
_refine.ls_extinction_method                     ? 
_refine.ls_goodness_of_fit_all                   ? 
_refine.ls_goodness_of_fit_all_esd               ? 
_refine.ls_goodness_of_fit_obs                   ? 
_refine.ls_goodness_of_fit_obs_esd               ? 
_refine.ls_hydrogen_treatment                    ? 
_refine.ls_matrix_type                           ? 
_refine.ls_number_constraints                    ? 
_refine.ls_number_parameters                     ? 
_refine.ls_number_reflns_all                     ? 
_refine.ls_number_reflns_obs                     15683 
_refine.ls_number_reflns_R_free                  785 
_refine.ls_number_reflns_R_work                  14898 
_refine.ls_number_restraints                     ? 
_refine.ls_percent_reflns_obs                    95.72 
_refine.ls_percent_reflns_R_free                 5.01 
_refine.ls_R_factor_all                          ? 
_refine.ls_R_factor_obs                          0.2171 
_refine.ls_R_factor_R_free                       0.2324 
_refine.ls_R_factor_R_free_error                 ? 
_refine.ls_R_factor_R_free_error_details         ? 
_refine.ls_R_factor_R_work                       0.2163 
_refine.ls_R_Fsqd_factor_obs                     ? 
_refine.ls_R_I_factor_obs                        ? 
_refine.ls_redundancy_reflns_all                 ? 
_refine.ls_redundancy_reflns_obs                 ? 
_refine.ls_restrained_S_all                      ? 
_refine.ls_restrained_S_obs                      ? 
_refine.ls_shift_over_esd_max                    ? 
_refine.ls_shift_over_esd_mean                   ? 
_refine.ls_structure_factor_coef                 ? 
_refine.ls_weighting_details                     ? 
_refine.ls_weighting_scheme                      ? 
_refine.ls_wR_factor_all                         ? 
_refine.ls_wR_factor_obs                         ? 
_refine.ls_wR_factor_R_free                      ? 
_refine.ls_wR_factor_R_work                      ? 
_refine.occupancy_max                            ? 
_refine.occupancy_min                            ? 
_refine.solvent_model_details                    'FLAT BULK SOLVENT MODEL' 
_refine.solvent_model_param_bsol                 ? 
_refine.solvent_model_param_ksol                 ? 
_refine.pdbx_R_complete                          ? 
_refine.ls_R_factor_gt                           ? 
_refine.ls_goodness_of_fit_gt                    ? 
_refine.ls_goodness_of_fit_ref                   ? 
_refine.ls_shift_over_su_max                     ? 
_refine.ls_shift_over_su_max_lt                  ? 
_refine.ls_shift_over_su_mean                    ? 
_refine.ls_shift_over_su_mean_lt                 ? 
_refine.pdbx_ls_sigma_I                          ? 
_refine.pdbx_ls_sigma_F                          1.36 
_refine.pdbx_ls_sigma_Fsqd                       ? 
_refine.pdbx_data_cutoff_high_absF               ? 
_refine.pdbx_data_cutoff_high_rms_absF           ? 
_refine.pdbx_data_cutoff_low_absF                ? 
_refine.pdbx_isotropic_thermal_model             ? 
_refine.pdbx_ls_cross_valid_method               'FREE R-VALUE' 
_refine.pdbx_method_to_determine_struct          'MOLECULAR REPLACEMENT' 
_refine.pdbx_starting_model                      ? 
_refine.pdbx_stereochemistry_target_values       'GeoStd + Monomer Library + CDL v1.2' 
_refine.pdbx_R_Free_selection_details            ? 
_refine.pdbx_stereochem_target_val_spec_case     ? 
_refine.pdbx_overall_ESU_R                       ? 
_refine.pdbx_overall_ESU_R_Free                  ? 
_refine.pdbx_solvent_vdw_probe_radii             1.1100 
_refine.pdbx_solvent_ion_probe_radii             ? 
_refine.pdbx_solvent_shrinkage_radii             0.9000 
_refine.pdbx_real_space_R                        ? 
_refine.pdbx_density_correlation                 ? 
_refine.pdbx_pd_number_of_powder_patterns        ? 
_refine.pdbx_pd_number_of_points                 ? 
_refine.pdbx_pd_meas_number_of_points            ? 
_refine.pdbx_pd_proc_ls_prof_R_factor            ? 
_refine.pdbx_pd_proc_ls_prof_wR_factor           ? 
_refine.pdbx_pd_Marquardt_correlation_coeff      ? 
_refine.pdbx_pd_Fsqrd_R_factor                   ? 
_refine.pdbx_pd_ls_matrix_band_width             ? 
_refine.pdbx_overall_phase_error                 24.2452 
_refine.pdbx_overall_SU_R_free_Cruickshank_DPI   ? 
_refine.pdbx_overall_SU_R_free_Blow_DPI          ? 
_refine.pdbx_overall_SU_R_Blow_DPI               ? 
_refine.pdbx_TLS_residual_ADP_flag               ? 
_refine.pdbx_diffrn_id                           1 
_refine.overall_SU_B                             ? 
_refine.overall_SU_ML                            0.1519 
_refine.overall_SU_R_Cruickshank_DPI             ? 
_refine.overall_SU_R_free                        ? 
_refine.overall_FOM_free_R_set                   ? 
_refine.overall_FOM_work_R_set                   ? 
_refine.pdbx_average_fsc_overall                 ? 
_refine.pdbx_average_fsc_work                    ? 
_refine.pdbx_average_fsc_free                    ? 
# 
_refine_hist.pdbx_refine_id                   'X-RAY DIFFRACTION' 
_refine_hist.cycle_id                         LAST 
_refine_hist.details                          ? 
_refine_hist.d_res_high                       2.00 
_refine_hist.d_res_low                        49.27 
_refine_hist.number_atoms_solvent             84 
_refine_hist.number_atoms_total               1317 
_refine_hist.number_reflns_all                ? 
_refine_hist.number_reflns_obs                ? 
_refine_hist.number_reflns_R_free             ? 
_refine_hist.number_reflns_R_work             ? 
_refine_hist.R_factor_all                     ? 
_refine_hist.R_factor_obs                     ? 
_refine_hist.R_factor_R_free                  ? 
_refine_hist.R_factor_R_work                  ? 
_refine_hist.pdbx_number_residues_total       ? 
_refine_hist.pdbx_B_iso_mean_ligand           ? 
_refine_hist.pdbx_B_iso_mean_solvent          ? 
_refine_hist.pdbx_number_atoms_protein        1175 
_refine_hist.pdbx_number_atoms_nucleic_acid   0 
_refine_hist.pdbx_number_atoms_ligand         58 
_refine_hist.pdbx_number_atoms_lipid          ? 
_refine_hist.pdbx_number_atoms_carb           ? 
_refine_hist.pdbx_pseudo_atom_details         ? 
# 
loop_
_refine_ls_restr.pdbx_refine_id 
_refine_ls_restr.criterion 
_refine_ls_restr.dev_ideal 
_refine_ls_restr.dev_ideal_target 
_refine_ls_restr.number 
_refine_ls_restr.rejects 
_refine_ls_restr.type 
_refine_ls_restr.weight 
_refine_ls_restr.pdbx_restraint_function 
'X-RAY DIFFRACTION' ? 0.0071  ? 1258 ? f_bond_d           ? ? 
'X-RAY DIFFRACTION' ? 0.9736  ? 1707 ? f_angle_d          ? ? 
'X-RAY DIFFRACTION' ? 0.0471  ? 204  ? f_chiral_restr     ? ? 
'X-RAY DIFFRACTION' ? 0.0067  ? 204  ? f_plane_restr      ? ? 
'X-RAY DIFFRACTION' ? 16.4969 ? 440  ? f_dihedral_angle_d ? ? 
# 
loop_
_refine_ls_shell.pdbx_refine_id 
_refine_ls_shell.d_res_high 
_refine_ls_shell.d_res_low 
_refine_ls_shell.number_reflns_all 
_refine_ls_shell.number_reflns_obs 
_refine_ls_shell.number_reflns_R_free 
_refine_ls_shell.number_reflns_R_work 
_refine_ls_shell.percent_reflns_obs 
_refine_ls_shell.percent_reflns_R_free 
_refine_ls_shell.R_factor_all 
_refine_ls_shell.R_factor_obs 
_refine_ls_shell.R_factor_R_free 
_refine_ls_shell.R_factor_R_free_error 
_refine_ls_shell.R_factor_R_work 
_refine_ls_shell.redundancy_reflns_all 
_refine_ls_shell.redundancy_reflns_obs 
_refine_ls_shell.wR_factor_all 
_refine_ls_shell.wR_factor_obs 
_refine_ls_shell.wR_factor_R_free 
_refine_ls_shell.wR_factor_R_work 
_refine_ls_shell.pdbx_R_complete 
_refine_ls_shell.pdbx_total_number_of_bins_used 
_refine_ls_shell.pdbx_phase_error 
_refine_ls_shell.pdbx_fsc_work 
_refine_ls_shell.pdbx_fsc_free 
'X-RAY DIFFRACTION' 2.00 2.13  . . 130 2447 95.66 . . . 0.2527 . 0.2519 . . . . . . . . . . . 
'X-RAY DIFFRACTION' 2.13 2.29  . . 128 2442 95.75 . . . 0.2817 . 0.2178 . . . . . . . . . . . 
'X-RAY DIFFRACTION' 2.29 2.52  . . 128 2430 94.57 . . . 0.2101 . 0.1931 . . . . . . . . . . . 
'X-RAY DIFFRACTION' 2.52 2.88  . . 131 2477 96.59 . . . 0.2142 . 0.1854 . . . . . . . . . . . 
'X-RAY DIFFRACTION' 2.88 3.63  . . 132 2516 96.75 . . . 0.2060 . 0.2059 . . . . . . . . . . . 
'X-RAY DIFFRACTION' 3.63 49.27 . . 136 2586 95.04 . . . 0.2473 . 0.2317 . . . . . . . . . . . 
# 
_struct.entry_id                     7CFF 
_struct.title                        
'Structure of the thermostabilized transmembrane domain of the bacterial CNNM/CorC family Mg2+ transporter in complex with Mg2+' 
_struct.pdbx_model_details           ? 
_struct.pdbx_formula_weight          ? 
_struct.pdbx_formula_weight_method   ? 
_struct.pdbx_model_type_details      ? 
_struct.pdbx_CASP_flag               N 
# 
_struct_keywords.entry_id        7CFF 
_struct_keywords.text            'transporter, TRANSPORT PROTEIN' 
_struct_keywords.pdbx_keywords   'TRANSPORT PROTEIN' 
# 
loop_
_struct_asym.id 
_struct_asym.pdbx_blank_PDB_chainid_flag 
_struct_asym.pdbx_modified 
_struct_asym.entity_id 
_struct_asym.details 
A N N 1 ? 
B N N 2 ? 
C N N 3 ? 
D N N 4 ? 
E N N 5 ? 
F N N 5 ? 
G N N 5 ? 
H N N 6 ? 
# 
_struct_ref.id                         1 
_struct_ref.db_name                    UNP 
_struct_ref.db_code                    A0A109QFA5_9DEIN 
_struct_ref.pdbx_db_accession          A0A109QFA5 
_struct_ref.pdbx_db_isoform            ? 
_struct_ref.entity_id                  1 
_struct_ref.pdbx_seq_one_letter_code   
;ASPENPWLWAVLVLLLALSAFFSASETAITTLYPWKLKELAESKNGPFRLLAEDITRFLTTILVGNNLVNIAATALVTEL
ATQAFGSAGVGVATGAMTFLILFFGEITPKSLAVHHAEAIARLAAWPIYGLSVLFYPVGRFFSLVSGGLLRLLGLEPR
;
_struct_ref.pdbx_align_begin           25 
# 
_struct_ref_seq.align_id                      1 
_struct_ref_seq.ref_id                        1 
_struct_ref_seq.pdbx_PDB_id_code              7CFF 
_struct_ref_seq.pdbx_strand_id                A 
_struct_ref_seq.seq_align_beg                 2 
_struct_ref_seq.pdbx_seq_align_beg_ins_code   ? 
_struct_ref_seq.seq_align_end                 159 
_struct_ref_seq.pdbx_seq_align_end_ins_code   ? 
_struct_ref_seq.pdbx_db_accession             A0A109QFA5 
_struct_ref_seq.db_align_beg                  25 
_struct_ref_seq.pdbx_db_align_beg_ins_code    ? 
_struct_ref_seq.db_align_end                  182 
_struct_ref_seq.pdbx_db_align_end_ins_code    ? 
_struct_ref_seq.pdbx_auth_seq_align_beg       25 
_struct_ref_seq.pdbx_auth_seq_align_end       182 
# 
loop_
_struct_ref_seq_dif.align_id 
_struct_ref_seq_dif.pdbx_pdb_id_code 
_struct_ref_seq_dif.mon_id 
_struct_ref_seq_dif.pdbx_pdb_strand_id 
_struct_ref_seq_dif.seq_num 
_struct_ref_seq_dif.pdbx_pdb_ins_code 
_struct_ref_seq_dif.pdbx_seq_db_name 
_struct_ref_seq_dif.pdbx_seq_db_accession_code 
_struct_ref_seq_dif.db_mon_id 
_struct_ref_seq_dif.pdbx_seq_db_seq_num 
_struct_ref_seq_dif.details 
_struct_ref_seq_dif.pdbx_auth_seq_num 
_struct_ref_seq_dif.pdbx_ordinal 
1 7CFF MET A 1   ? UNP A0A109QFA5 ?   ?   'initiating methionine' 24  1  
1 7CFF ALA A 78  ? UNP A0A109QFA5 VAL 101 'engineered mutation'   101 2  
1 7CFF LEU A 160 ? UNP A0A109QFA5 ?   ?   'expression tag'        183 3  
1 7CFF GLU A 161 ? UNP A0A109QFA5 ?   ?   'expression tag'        184 4  
1 7CFF SER A 162 ? UNP A0A109QFA5 ?   ?   'expression tag'        185 5  
1 7CFF SER A 163 ? UNP A0A109QFA5 ?   ?   'expression tag'        186 6  
1 7CFF GLY A 164 ? UNP A0A109QFA5 ?   ?   'expression tag'        187 7  
1 7CFF LEU A 165 ? UNP A0A109QFA5 ?   ?   'expression tag'        188 8  
1 7CFF GLU A 166 ? UNP A0A109QFA5 ?   ?   'expression tag'        189 9  
1 7CFF VAL A 167 ? UNP A0A109QFA5 ?   ?   'expression tag'        190 10 
1 7CFF LEU A 168 ? UNP A0A109QFA5 ?   ?   'expression tag'        191 11 
1 7CFF PHE A 169 ? UNP A0A109QFA5 ?   ?   'expression tag'        192 12 
1 7CFF GLN A 170 ? UNP A0A109QFA5 ?   ?   'expression tag'        193 13 
# 
_pdbx_struct_assembly.id                   1 
_pdbx_struct_assembly.details              author_and_software_defined_assembly 
_pdbx_struct_assembly.method_details       PISA 
_pdbx_struct_assembly.oligomeric_details   dimeric 
_pdbx_struct_assembly.oligomeric_count     2 
# 
loop_
_pdbx_struct_assembly_prop.biol_id 
_pdbx_struct_assembly_prop.type 
_pdbx_struct_assembly_prop.value 
_pdbx_struct_assembly_prop.details 
1 'ABSA (A^2)' 4050  ? 
1 MORE         -70   ? 
1 'SSA (A^2)'  15400 ? 
# 
_pdbx_struct_assembly_gen.assembly_id       1 
_pdbx_struct_assembly_gen.oper_expression   1,2 
_pdbx_struct_assembly_gen.asym_id_list      A,B,C,D,E,F,G,H 
# 
loop_
_pdbx_struct_assembly_auth_evidence.id 
_pdbx_struct_assembly_auth_evidence.assembly_id 
_pdbx_struct_assembly_auth_evidence.experimental_support 
_pdbx_struct_assembly_auth_evidence.details 
1 1 cross-linking    ? 
2 1 'gel filtration' ? 
# 
loop_
_pdbx_struct_oper_list.id 
_pdbx_struct_oper_list.type 
_pdbx_struct_oper_list.name 
_pdbx_struct_oper_list.symmetry_operation 
_pdbx_struct_oper_list.matrix[1][1] 
_pdbx_struct_oper_list.matrix[1][2] 
_pdbx_struct_oper_list.matrix[1][3] 
_pdbx_struct_oper_list.vector[1] 
_pdbx_struct_oper_list.matrix[2][1] 
_pdbx_struct_oper_list.matrix[2][2] 
_pdbx_struct_oper_list.matrix[2][3] 
_pdbx_struct_oper_list.vector[2] 
_pdbx_struct_oper_list.matrix[3][1] 
_pdbx_struct_oper_list.matrix[3][2] 
_pdbx_struct_oper_list.matrix[3][3] 
_pdbx_struct_oper_list.vector[3] 
1 'identity operation'         1_555 x,y,z     1.0000000000  0.0000000000  0.0000000000  0.0000000000 0.0000000000  1.0000000000  0.0000000000 0.0000000000   0.0000000000  0.0000000000 1.0000000000 0.0000000000 
2 'crystal symmetry operation' 2_565 -x,-y+1,z -0.6358369830 -0.4136230384 -0.6516343401 3.0927189697 -0.4136230384 -0.5301993615 0.7401382433 -11.6902950598 -0.6516343401 0.7401382433 0.1660363445 9.1487339859 
# 
loop_
_struct_conf.conf_type_id 
_struct_conf.id 
_struct_conf.pdbx_PDB_helix_id 
_struct_conf.beg_label_comp_id 
_struct_conf.beg_label_asym_id 
_struct_conf.beg_label_seq_id 
_struct_conf.pdbx_beg_PDB_ins_code 
_struct_conf.end_label_comp_id 
_struct_conf.end_label_asym_id 
_struct_conf.end_label_seq_id 
_struct_conf.pdbx_end_PDB_ins_code 
_struct_conf.beg_auth_comp_id 
_struct_conf.beg_auth_asym_id 
_struct_conf.beg_auth_seq_id 
_struct_conf.end_auth_comp_id 
_struct_conf.end_auth_asym_id 
_struct_conf.end_auth_seq_id 
_struct_conf.pdbx_PDB_helix_class 
_struct_conf.details 
_struct_conf.pdbx_PDB_helix_length 
HELX_P HELX_P1 AA1 ASN A 6   ? TYR A 34  ? ASN A 29  TYR A 57  1 ? 29 
HELX_P HELX_P2 AA2 PRO A 35  ? SER A 44  ? PRO A 58  SER A 67  1 ? 10 
HELX_P HELX_P3 AA3 GLY A 47  ? ASP A 55  ? GLY A 70  ASP A 78  1 ? 9  
HELX_P HELX_P4 AA4 ASP A 55  ? GLY A 87  ? ASP A 78  GLY A 110 1 ? 33 
HELX_P HELX_P5 AA5 SER A 88  ? GLU A 107 ? SER A 111 GLU A 130 1 ? 20 
HELX_P HELX_P6 AA6 GLU A 107 ? HIS A 116 ? GLU A 130 HIS A 139 1 ? 10 
HELX_P HELX_P7 AA7 HIS A 117 ? LEU A 154 ? HIS A 140 LEU A 177 1 ? 38 
# 
_struct_conf_type.id          HELX_P 
_struct_conf_type.criteria    ? 
_struct_conf_type.reference   ? 
# 
loop_
_struct_conn.id 
_struct_conn.conn_type_id 
_struct_conn.pdbx_leaving_atom_flag 
_struct_conn.pdbx_PDB_id 
_struct_conn.ptnr1_label_asym_id 
_struct_conn.ptnr1_label_comp_id 
_struct_conn.ptnr1_label_seq_id 
_struct_conn.ptnr1_label_atom_id 
_struct_conn.pdbx_ptnr1_label_alt_id 
_struct_conn.pdbx_ptnr1_PDB_ins_code 
_struct_conn.pdbx_ptnr1_standard_comp_id 
_struct_conn.ptnr1_symmetry 
_struct_conn.ptnr2_label_asym_id 
_struct_conn.ptnr2_label_comp_id 
_struct_conn.ptnr2_label_seq_id 
_struct_conn.ptnr2_label_atom_id 
_struct_conn.pdbx_ptnr2_label_alt_id 
_struct_conn.pdbx_ptnr2_PDB_ins_code 
_struct_conn.ptnr1_auth_asym_id 
_struct_conn.ptnr1_auth_comp_id 
_struct_conn.ptnr1_auth_seq_id 
_struct_conn.ptnr2_auth_asym_id 
_struct_conn.ptnr2_auth_comp_id 
_struct_conn.ptnr2_auth_seq_id 
_struct_conn.ptnr2_symmetry 
_struct_conn.pdbx_ptnr3_label_atom_id 
_struct_conn.pdbx_ptnr3_label_seq_id 
_struct_conn.pdbx_ptnr3_label_comp_id 
_struct_conn.pdbx_ptnr3_label_asym_id 
_struct_conn.pdbx_ptnr3_label_alt_id 
_struct_conn.pdbx_ptnr3_PDB_ins_code 
_struct_conn.details 
_struct_conn.pdbx_dist_value 
_struct_conn.pdbx_value_order 
_struct_conn.pdbx_role 
metalc1  metalc ? ? A SER 20  O   ? ? ? 1_555 C MG  . MG ? ? A SER 43  A MG  202 1_555 ? ? ? ? ? ? ? 2.133 ? ? 
metalc2  metalc ? ? A SER 20  OG  ? ? ? 1_555 C MG  . MG ? ? A SER 43  A MG  202 1_555 ? ? ? ? ? ? ? 2.271 ? ? 
metalc3  metalc ? ? A SER 24  OG  ? ? ? 1_555 C MG  . MG ? ? A SER 47  A MG  202 1_555 ? ? ? ? ? ? ? 2.240 ? ? 
metalc4  metalc ? ? A GLU 40  OE1 ? ? ? 1_555 B ZN  . ZN ? ? A GLU 63  A ZN  201 1_555 ? ? ? ? ? ? ? 2.172 ? ? 
metalc5  metalc ? ? A GLU 40  OE2 ? ? ? 1_555 B ZN  . ZN ? ? A GLU 63  A ZN  201 1_555 ? ? ? ? ? ? ? 2.338 ? ? 
metalc6  metalc ? ? A GLU 43  OE1 ? ? ? 1_555 B ZN  . ZN ? ? A GLU 66  A ZN  201 1_555 ? ? ? ? ? ? ? 2.644 ? ? 
metalc7  metalc ? ? A GLU 43  OE2 ? ? ? 1_555 B ZN  . ZN ? ? A GLU 66  A ZN  201 1_555 ? ? ? ? ? ? ? 2.079 ? ? 
metalc8  metalc ? ? A ASN 67  OD1 ? ? ? 1_555 C MG  . MG ? ? A ASN 90  A MG  202 1_555 ? ? ? ? ? ? ? 2.215 ? ? 
metalc9  metalc ? ? A GLY 106 O   ? ? ? 1_555 C MG  . MG ? ? A GLY 129 A MG  202 1_555 ? ? ? ? ? ? ? 2.213 ? ? 
metalc10 metalc ? ? A GLU 107 OE2 ? ? ? 1_555 C MG  . MG ? ? A GLU 130 A MG  202 1_555 ? ? ? ? ? ? ? 2.155 ? ? 
metalc11 metalc ? ? A HIS 116 ND1 ? ? ? 1_555 B ZN  . ZN ? ? A HIS 139 A ZN  201 4_565 ? ? ? ? ? ? ? 2.223 ? ? 
metalc12 metalc ? ? B ZN  .   ZN  ? ? ? 1_555 H HOH . O  ? ? A ZN  201 A HOH 311 1_555 ? ? ? ? ? ? ? 2.017 ? ? 
# 
_struct_conn_type.id          metalc 
_struct_conn_type.criteria    ? 
_struct_conn_type.reference   ? 
# 
loop_
_pdbx_struct_conn_angle.id 
_pdbx_struct_conn_angle.ptnr1_label_atom_id 
_pdbx_struct_conn_angle.ptnr1_label_alt_id 
_pdbx_struct_conn_angle.ptnr1_label_asym_id 
_pdbx_struct_conn_angle.ptnr1_label_comp_id 
_pdbx_struct_conn_angle.ptnr1_label_seq_id 
_pdbx_struct_conn_angle.ptnr1_auth_atom_id 
_pdbx_struct_conn_angle.ptnr1_auth_asym_id 
_pdbx_struct_conn_angle.ptnr1_auth_comp_id 
_pdbx_struct_conn_angle.ptnr1_auth_seq_id 
_pdbx_struct_conn_angle.ptnr1_PDB_ins_code 
_pdbx_struct_conn_angle.ptnr1_symmetry 
_pdbx_struct_conn_angle.ptnr2_label_atom_id 
_pdbx_struct_conn_angle.ptnr2_label_alt_id 
_pdbx_struct_conn_angle.ptnr2_label_asym_id 
_pdbx_struct_conn_angle.ptnr2_label_comp_id 
_pdbx_struct_conn_angle.ptnr2_label_seq_id 
_pdbx_struct_conn_angle.ptnr2_auth_atom_id 
_pdbx_struct_conn_angle.ptnr2_auth_asym_id 
_pdbx_struct_conn_angle.ptnr2_auth_comp_id 
_pdbx_struct_conn_angle.ptnr2_auth_seq_id 
_pdbx_struct_conn_angle.ptnr2_PDB_ins_code 
_pdbx_struct_conn_angle.ptnr2_symmetry 
_pdbx_struct_conn_angle.ptnr3_label_atom_id 
_pdbx_struct_conn_angle.ptnr3_label_alt_id 
_pdbx_struct_conn_angle.ptnr3_label_asym_id 
_pdbx_struct_conn_angle.ptnr3_label_comp_id 
_pdbx_struct_conn_angle.ptnr3_label_seq_id 
_pdbx_struct_conn_angle.ptnr3_auth_atom_id 
_pdbx_struct_conn_angle.ptnr3_auth_asym_id 
_pdbx_struct_conn_angle.ptnr3_auth_comp_id 
_pdbx_struct_conn_angle.ptnr3_auth_seq_id 
_pdbx_struct_conn_angle.ptnr3_PDB_ins_code 
_pdbx_struct_conn_angle.ptnr3_symmetry 
_pdbx_struct_conn_angle.value 
_pdbx_struct_conn_angle.value_esd 
1  O   ? A SER 20  ? A SER 43  ? 1_555 MG ? C MG . ? A MG 202 ? 1_555 OG  ? A SER 20  ? A SER 43  ? 1_555 87.1  ? 
2  O   ? A SER 20  ? A SER 43  ? 1_555 MG ? C MG . ? A MG 202 ? 1_555 OG  ? A SER 24  ? A SER 47  ? 1_555 89.8  ? 
3  OG  ? A SER 20  ? A SER 43  ? 1_555 MG ? C MG . ? A MG 202 ? 1_555 OG  ? A SER 24  ? A SER 47  ? 1_555 176.7 ? 
4  O   ? A SER 20  ? A SER 43  ? 1_555 MG ? C MG . ? A MG 202 ? 1_555 OD1 ? A ASN 67  ? A ASN 90  ? 1_555 91.2  ? 
5  OG  ? A SER 20  ? A SER 43  ? 1_555 MG ? C MG . ? A MG 202 ? 1_555 OD1 ? A ASN 67  ? A ASN 90  ? 1_555 93.0  ? 
6  OG  ? A SER 24  ? A SER 47  ? 1_555 MG ? C MG . ? A MG 202 ? 1_555 OD1 ? A ASN 67  ? A ASN 90  ? 1_555 88.1  ? 
7  O   ? A SER 20  ? A SER 43  ? 1_555 MG ? C MG . ? A MG 202 ? 1_555 O   ? A GLY 106 ? A GLY 129 ? 1_555 89.1  ? 
8  OG  ? A SER 20  ? A SER 43  ? 1_555 MG ? C MG . ? A MG 202 ? 1_555 O   ? A GLY 106 ? A GLY 129 ? 1_555 95.8  ? 
9  OG  ? A SER 24  ? A SER 47  ? 1_555 MG ? C MG . ? A MG 202 ? 1_555 O   ? A GLY 106 ? A GLY 129 ? 1_555 83.1  ? 
10 OD1 ? A ASN 67  ? A ASN 90  ? 1_555 MG ? C MG . ? A MG 202 ? 1_555 O   ? A GLY 106 ? A GLY 129 ? 1_555 171.2 ? 
11 O   ? A SER 20  ? A SER 43  ? 1_555 MG ? C MG . ? A MG 202 ? 1_555 OE2 ? A GLU 107 ? A GLU 130 ? 1_555 173.4 ? 
12 OG  ? A SER 20  ? A SER 43  ? 1_555 MG ? C MG . ? A MG 202 ? 1_555 OE2 ? A GLU 107 ? A GLU 130 ? 1_555 96.6  ? 
13 OG  ? A SER 24  ? A SER 47  ? 1_555 MG ? C MG . ? A MG 202 ? 1_555 OE2 ? A GLU 107 ? A GLU 130 ? 1_555 86.5  ? 
14 OD1 ? A ASN 67  ? A ASN 90  ? 1_555 MG ? C MG . ? A MG 202 ? 1_555 OE2 ? A GLU 107 ? A GLU 130 ? 1_555 94.1  ? 
15 O   ? A GLY 106 ? A GLY 129 ? 1_555 MG ? C MG . ? A MG 202 ? 1_555 OE2 ? A GLU 107 ? A GLU 130 ? 1_555 85.1  ? 
16 OE1 ? A GLU 40  ? A GLU 63  ? 1_555 ZN ? B ZN . ? A ZN 201 ? 1_555 OE2 ? A GLU 40  ? A GLU 63  ? 1_555 58.2  ? 
17 OE1 ? A GLU 40  ? A GLU 63  ? 1_555 ZN ? B ZN . ? A ZN 201 ? 1_555 OE1 ? A GLU 43  ? A GLU 66  ? 1_555 121.9 ? 
18 OE2 ? A GLU 40  ? A GLU 63  ? 1_555 ZN ? B ZN . ? A ZN 201 ? 1_555 OE1 ? A GLU 43  ? A GLU 66  ? 1_555 75.6  ? 
19 OE1 ? A GLU 40  ? A GLU 63  ? 1_555 ZN ? B ZN . ? A ZN 201 ? 1_555 OE2 ? A GLU 43  ? A GLU 66  ? 1_555 102.8 ? 
20 OE2 ? A GLU 40  ? A GLU 63  ? 1_555 ZN ? B ZN . ? A ZN 201 ? 1_555 OE2 ? A GLU 43  ? A GLU 66  ? 1_555 104.0 ? 
21 OE1 ? A GLU 43  ? A GLU 66  ? 1_555 ZN ? B ZN . ? A ZN 201 ? 1_555 OE2 ? A GLU 43  ? A GLU 66  ? 1_555 54.1  ? 
22 OE1 ? A GLU 40  ? A GLU 63  ? 1_555 ZN ? B ZN . ? A ZN 201 ? 1_555 ND1 ? A HIS 116 ? A HIS 139 ? 1_555 8.3   ? 
23 OE2 ? A GLU 40  ? A GLU 63  ? 1_555 ZN ? B ZN . ? A ZN 201 ? 1_555 ND1 ? A HIS 116 ? A HIS 139 ? 1_555 55.0  ? 
24 OE1 ? A GLU 43  ? A GLU 66  ? 1_555 ZN ? B ZN . ? A ZN 201 ? 1_555 ND1 ? A HIS 116 ? A HIS 139 ? 1_555 114.1 ? 
25 OE2 ? A GLU 43  ? A GLU 66  ? 1_555 ZN ? B ZN . ? A ZN 201 ? 1_555 ND1 ? A HIS 116 ? A HIS 139 ? 1_555 95.9  ? 
26 OE1 ? A GLU 40  ? A GLU 63  ? 1_555 ZN ? B ZN . ? A ZN 201 ? 1_555 O   ? H HOH .   ? A HOH 311 ? 1_555 87.2  ? 
27 OE2 ? A GLU 40  ? A GLU 63  ? 1_555 ZN ? B ZN . ? A ZN 201 ? 1_555 O   ? H HOH .   ? A HOH 311 ? 1_555 144.7 ? 
28 OE1 ? A GLU 43  ? A GLU 66  ? 1_555 ZN ? B ZN . ? A ZN 201 ? 1_555 O   ? H HOH .   ? A HOH 311 ? 1_555 124.6 ? 
29 OE2 ? A GLU 43  ? A GLU 66  ? 1_555 ZN ? B ZN . ? A ZN 201 ? 1_555 O   ? H HOH .   ? A HOH 311 ? 1_555 75.4  ? 
30 ND1 ? A HIS 116 ? A HIS 139 ? 1_555 ZN ? B ZN . ? A ZN 201 ? 1_555 O   ? H HOH .   ? A HOH 311 ? 1_555 89.8  ? 
# 
loop_
_struct_mon_prot_cis.pdbx_id 
_struct_mon_prot_cis.label_comp_id 
_struct_mon_prot_cis.label_seq_id 
_struct_mon_prot_cis.label_asym_id 
_struct_mon_prot_cis.label_alt_id 
_struct_mon_prot_cis.pdbx_PDB_ins_code 
_struct_mon_prot_cis.auth_comp_id 
_struct_mon_prot_cis.auth_seq_id 
_struct_mon_prot_cis.auth_asym_id 
_struct_mon_prot_cis.pdbx_label_comp_id_2 
_struct_mon_prot_cis.pdbx_label_seq_id_2 
_struct_mon_prot_cis.pdbx_label_asym_id_2 
_struct_mon_prot_cis.pdbx_PDB_ins_code_2 
_struct_mon_prot_cis.pdbx_auth_comp_id_2 
_struct_mon_prot_cis.pdbx_auth_seq_id_2 
_struct_mon_prot_cis.pdbx_auth_asym_id_2 
_struct_mon_prot_cis.pdbx_PDB_model_num 
_struct_mon_prot_cis.pdbx_omega_angle 
1 TYR 34 A . ? TYR 57 A PRO 35 A ? PRO 58 A 1 1.09   
2 LYS 45 A . ? LYS 68 A ASN 46 A ? ASN 69 A 1 7.63   
3 ASN 46 A . ? ASN 69 A GLY 47 A ? GLY 70 A 1 -23.29 
# 
loop_
_struct_site.id 
_struct_site.pdbx_evidence_code 
_struct_site.pdbx_auth_asym_id 
_struct_site.pdbx_auth_comp_id 
_struct_site.pdbx_auth_seq_id 
_struct_site.pdbx_auth_ins_code 
_struct_site.pdbx_num_residues 
_struct_site.details 
AC1 Software A ZN  201 ? 4 'binding site for residue ZN A 201'                 
AC2 Software A MG  202 ? 5 'binding site for residue MG A 202'                 
AC3 Software A EPE 203 ? 8 'binding site for residue EPE A 203'                
AC4 Software A OLC 206 ? 8 'binding site for residue OLC A 206'                
AC5 Software A OLC 204 ? 6 'binding site for residues OLC A 204 and OLC A 205' 
# 
loop_
_struct_site_gen.id 
_struct_site_gen.site_id 
_struct_site_gen.pdbx_num_res 
_struct_site_gen.label_comp_id 
_struct_site_gen.label_asym_id 
_struct_site_gen.label_seq_id 
_struct_site_gen.pdbx_auth_ins_code 
_struct_site_gen.auth_comp_id 
_struct_site_gen.auth_asym_id 
_struct_site_gen.auth_seq_id 
_struct_site_gen.label_atom_id 
_struct_site_gen.label_alt_id 
_struct_site_gen.symmetry 
_struct_site_gen.details 
1  AC1 4 GLU A 40  ? GLU A 63  . ? 1_555 ? 
2  AC1 4 GLU A 43  ? GLU A 66  . ? 1_555 ? 
3  AC1 4 HIS A 116 ? HIS A 139 . ? 4_565 ? 
4  AC1 4 HOH H .   ? HOH A 311 . ? 1_555 ? 
5  AC2 5 SER A 20  ? SER A 43  . ? 1_555 ? 
6  AC2 5 SER A 24  ? SER A 47  . ? 1_555 ? 
7  AC2 5 ASN A 67  ? ASN A 90  . ? 1_555 ? 
8  AC2 5 GLY A 106 ? GLY A 129 . ? 1_555 ? 
9  AC2 5 GLU A 107 ? GLU A 130 . ? 1_555 ? 
10 AC3 8 THR A 57  ? THR A 80  . ? 1_555 ? 
11 AC3 8 THR A 61  ? THR A 84  . ? 1_555 ? 
12 AC3 8 GLY A 140 ? GLY A 163 . ? 1_555 ? 
13 AC3 8 ARG A 141 ? ARG A 164 . ? 1_555 ? 
14 AC3 8 SER A 144 ? SER A 167 . ? 1_555 ? 
15 AC3 8 HOH H .   ? HOH A 313 . ? 1_555 ? 
16 AC3 8 HOH H .   ? HOH A 372 . ? 1_555 ? 
17 AC3 8 HOH H .   ? HOH A 375 . ? 1_555 ? 
18 AC4 8 LEU A 145 ? LEU A 168 . ? 1_555 ? 
19 AC4 8 GLY A 149 ? GLY A 172 . ? 6_455 ? 
20 AC4 8 LEU A 150 ? LEU A 173 . ? 6_455 ? 
21 AC4 8 ARG A 152 ? ARG A 175 . ? 1_555 ? 
22 AC4 8 ARG A 152 ? ARG A 175 . ? 6_455 ? 
23 AC4 8 LEU A 160 ? LEU A 183 . ? 6_455 ? 
24 AC4 8 HOH H .   ? HOH A 303 . ? 6_455 ? 
25 AC4 8 HOH H .   ? HOH A 303 . ? 1_555 ? 
26 AC5 6 TRP A 10  ? TRP A 33  . ? 1_555 ? 
27 AC5 6 LEU A 13  ? LEU A 36  . ? 1_555 ? 
28 AC5 6 LEU A 17  ? LEU A 40  . ? 1_555 ? 
29 AC5 6 LEU A 81  ? LEU A 104 . ? 1_555 ? 
30 AC5 6 ALA A 82  ? ALA A 105 . ? 1_555 ? 
31 AC5 6 LEU A 101 ? LEU A 124 . ? 1_555 ? 
# 
loop_
_pdbx_validate_close_contact.id 
_pdbx_validate_close_contact.PDB_model_num 
_pdbx_validate_close_contact.auth_atom_id_1 
_pdbx_validate_close_contact.auth_asym_id_1 
_pdbx_validate_close_contact.auth_comp_id_1 
_pdbx_validate_close_contact.auth_seq_id_1 
_pdbx_validate_close_contact.PDB_ins_code_1 
_pdbx_validate_close_contact.label_alt_id_1 
_pdbx_validate_close_contact.auth_atom_id_2 
_pdbx_validate_close_contact.auth_asym_id_2 
_pdbx_validate_close_contact.auth_comp_id_2 
_pdbx_validate_close_contact.auth_seq_id_2 
_pdbx_validate_close_contact.PDB_ins_code_2 
_pdbx_validate_close_contact.label_alt_id_2 
_pdbx_validate_close_contact.dist 
1 1 C18 A OLC 204 ? ? C1 A OLC 205 ? ? 1.49 
2 1 O   A HOH 349 ? ? O  A HOH 352 ? ? 1.97 
3 1 O   A HOH 331 ? ? O  A HOH 338 ? ? 2.05 
4 1 O   A HOH 365 ? ? O  A HOH 373 ? ? 2.09 
5 1 OE1 A GLU 142 ? ? O  A HOH 301 ? ? 2.10 
6 1 O   A HOH 351 ? ? O  A HOH 365 ? ? 2.10 
7 1 O   A HOH 371 ? ? O  A HOH 380 ? ? 2.15 
8 1 O   A HOH 309 ? ? O  A HOH 370 ? ? 2.19 
# 
loop_
_pdbx_validate_torsion.id 
_pdbx_validate_torsion.PDB_model_num 
_pdbx_validate_torsion.auth_comp_id 
_pdbx_validate_torsion.auth_asym_id 
_pdbx_validate_torsion.auth_seq_id 
_pdbx_validate_torsion.PDB_ins_code 
_pdbx_validate_torsion.label_alt_id 
_pdbx_validate_torsion.phi 
_pdbx_validate_torsion.psi 
1 1 ASP A 78  ? ? -146.48 59.63  
2 1 GLU A 130 ? ? -133.28 -63.83 
3 1 HIS A 140 ? ? -144.55 37.69  
# 
loop_
_pdbx_struct_special_symmetry.id 
_pdbx_struct_special_symmetry.PDB_model_num 
_pdbx_struct_special_symmetry.auth_asym_id 
_pdbx_struct_special_symmetry.auth_comp_id 
_pdbx_struct_special_symmetry.auth_seq_id 
_pdbx_struct_special_symmetry.PDB_ins_code 
_pdbx_struct_special_symmetry.label_asym_id 
_pdbx_struct_special_symmetry.label_comp_id 
_pdbx_struct_special_symmetry.label_seq_id 
1 1 A HOH 303 ? H HOH . 
2 1 A HOH 322 ? H HOH . 
3 1 A HOH 336 ? H HOH . 
4 1 A HOH 367 ? H HOH . 
5 1 A HOH 378 ? H HOH . 
6 1 A HOH 379 ? H HOH . 
7 1 A HOH 383 ? H HOH . 
# 
loop_
_space_group_symop.id 
_space_group_symop.operation_xyz 
1 x,y,z           
2 x,-y,-z         
3 -x,y,-z         
4 -x,-y,z         
5 x+1/2,y+1/2,z   
6 x+1/2,-y+1/2,-z 
7 -x+1/2,y+1/2,-z 
8 -x+1/2,-y+1/2,z 
# 
_pdbx_entry_details.entry_id                 7CFF 
_pdbx_entry_details.has_ligand_of_interest   Y 
_pdbx_entry_details.compound_details         ? 
_pdbx_entry_details.source_details           ? 
_pdbx_entry_details.nonpolymer_details       ? 
_pdbx_entry_details.sequence_details         ? 
# 
loop_
_pdbx_unobs_or_zero_occ_residues.id 
_pdbx_unobs_or_zero_occ_residues.PDB_model_num 
_pdbx_unobs_or_zero_occ_residues.polymer_flag 
_pdbx_unobs_or_zero_occ_residues.occupancy_flag 
_pdbx_unobs_or_zero_occ_residues.auth_asym_id 
_pdbx_unobs_or_zero_occ_residues.auth_comp_id 
_pdbx_unobs_or_zero_occ_residues.auth_seq_id 
_pdbx_unobs_or_zero_occ_residues.PDB_ins_code 
_pdbx_unobs_or_zero_occ_residues.label_asym_id 
_pdbx_unobs_or_zero_occ_residues.label_comp_id 
_pdbx_unobs_or_zero_occ_residues.label_seq_id 
1  1 Y 1 A MET 24  ? A MET 1   
2  1 Y 1 A ALA 25  ? A ALA 2   
3  1 Y 1 A SER 26  ? A SER 3   
4  1 Y 1 A PRO 27  ? A PRO 4   
5  1 Y 1 A GLU 184 ? A GLU 161 
6  1 Y 1 A SER 185 ? A SER 162 
7  1 Y 1 A SER 186 ? A SER 163 
8  1 Y 1 A GLY 187 ? A GLY 164 
9  1 Y 1 A LEU 188 ? A LEU 165 
10 1 Y 1 A GLU 189 ? A GLU 166 
11 1 Y 1 A VAL 190 ? A VAL 167 
12 1 Y 1 A LEU 191 ? A LEU 168 
13 1 Y 1 A PHE 192 ? A PHE 169 
14 1 Y 1 A GLN 193 ? A GLN 170 
# 
loop_
_chem_comp_atom.comp_id 
_chem_comp_atom.atom_id 
_chem_comp_atom.type_symbol 
_chem_comp_atom.pdbx_aromatic_flag 
_chem_comp_atom.pdbx_stereo_config 
_chem_comp_atom.pdbx_ordinal 
ALA N    N  N N 1   
ALA CA   C  N S 2   
ALA C    C  N N 3   
ALA O    O  N N 4   
ALA CB   C  N N 5   
ALA OXT  O  N N 6   
ALA H    H  N N 7   
ALA H2   H  N N 8   
ALA HA   H  N N 9   
ALA HB1  H  N N 10  
ALA HB2  H  N N 11  
ALA HB3  H  N N 12  
ALA HXT  H  N N 13  
ARG N    N  N N 14  
ARG CA   C  N S 15  
ARG C    C  N N 16  
ARG O    O  N N 17  
ARG CB   C  N N 18  
ARG CG   C  N N 19  
ARG CD   C  N N 20  
ARG NE   N  N N 21  
ARG CZ   C  N N 22  
ARG NH1  N  N N 23  
ARG NH2  N  N N 24  
ARG OXT  O  N N 25  
ARG H    H  N N 26  
ARG H2   H  N N 27  
ARG HA   H  N N 28  
ARG HB2  H  N N 29  
ARG HB3  H  N N 30  
ARG HG2  H  N N 31  
ARG HG3  H  N N 32  
ARG HD2  H  N N 33  
ARG HD3  H  N N 34  
ARG HE   H  N N 35  
ARG HH11 H  N N 36  
ARG HH12 H  N N 37  
ARG HH21 H  N N 38  
ARG HH22 H  N N 39  
ARG HXT  H  N N 40  
ASN N    N  N N 41  
ASN CA   C  N S 42  
ASN C    C  N N 43  
ASN O    O  N N 44  
ASN CB   C  N N 45  
ASN CG   C  N N 46  
ASN OD1  O  N N 47  
ASN ND2  N  N N 48  
ASN OXT  O  N N 49  
ASN H    H  N N 50  
ASN H2   H  N N 51  
ASN HA   H  N N 52  
ASN HB2  H  N N 53  
ASN HB3  H  N N 54  
ASN HD21 H  N N 55  
ASN HD22 H  N N 56  
ASN HXT  H  N N 57  
ASP N    N  N N 58  
ASP CA   C  N S 59  
ASP C    C  N N 60  
ASP O    O  N N 61  
ASP CB   C  N N 62  
ASP CG   C  N N 63  
ASP OD1  O  N N 64  
ASP OD2  O  N N 65  
ASP OXT  O  N N 66  
ASP H    H  N N 67  
ASP H2   H  N N 68  
ASP HA   H  N N 69  
ASP HB2  H  N N 70  
ASP HB3  H  N N 71  
ASP HD2  H  N N 72  
ASP HXT  H  N N 73  
EPE N1   N  N N 74  
EPE C2   C  N N 75  
EPE C3   C  N N 76  
EPE N4   N  N N 77  
EPE C5   C  N N 78  
EPE C6   C  N N 79  
EPE C7   C  N N 80  
EPE C8   C  N N 81  
EPE O8   O  N N 82  
EPE C9   C  N N 83  
EPE C10  C  N N 84  
EPE S    S  N N 85  
EPE O1S  O  N N 86  
EPE O2S  O  N N 87  
EPE O3S  O  N N 88  
EPE H21  H  N N 89  
EPE H22  H  N N 90  
EPE H31  H  N N 91  
EPE H32  H  N N 92  
EPE H51  H  N N 93  
EPE H52  H  N N 94  
EPE H61  H  N N 95  
EPE H62  H  N N 96  
EPE H71  H  N N 97  
EPE H72  H  N N 98  
EPE H81  H  N N 99  
EPE H82  H  N N 100 
EPE HO8  H  N N 101 
EPE H91  H  N N 102 
EPE H92  H  N N 103 
EPE H101 H  N N 104 
EPE H102 H  N N 105 
EPE HOS3 H  N N 106 
GLN N    N  N N 107 
GLN CA   C  N S 108 
GLN C    C  N N 109 
GLN O    O  N N 110 
GLN CB   C  N N 111 
GLN CG   C  N N 112 
GLN CD   C  N N 113 
GLN OE1  O  N N 114 
GLN NE2  N  N N 115 
GLN OXT  O  N N 116 
GLN H    H  N N 117 
GLN H2   H  N N 118 
GLN HA   H  N N 119 
GLN HB2  H  N N 120 
GLN HB3  H  N N 121 
GLN HG2  H  N N 122 
GLN HG3  H  N N 123 
GLN HE21 H  N N 124 
GLN HE22 H  N N 125 
GLN HXT  H  N N 126 
GLU N    N  N N 127 
GLU CA   C  N S 128 
GLU C    C  N N 129 
GLU O    O  N N 130 
GLU CB   C  N N 131 
GLU CG   C  N N 132 
GLU CD   C  N N 133 
GLU OE1  O  N N 134 
GLU OE2  O  N N 135 
GLU OXT  O  N N 136 
GLU H    H  N N 137 
GLU H2   H  N N 138 
GLU HA   H  N N 139 
GLU HB2  H  N N 140 
GLU HB3  H  N N 141 
GLU HG2  H  N N 142 
GLU HG3  H  N N 143 
GLU HE2  H  N N 144 
GLU HXT  H  N N 145 
GLY N    N  N N 146 
GLY CA   C  N N 147 
GLY C    C  N N 148 
GLY O    O  N N 149 
GLY OXT  O  N N 150 
GLY H    H  N N 151 
GLY H2   H  N N 152 
GLY HA2  H  N N 153 
GLY HA3  H  N N 154 
GLY HXT  H  N N 155 
HIS N    N  N N 156 
HIS CA   C  N S 157 
HIS C    C  N N 158 
HIS O    O  N N 159 
HIS CB   C  N N 160 
HIS CG   C  Y N 161 
HIS ND1  N  Y N 162 
HIS CD2  C  Y N 163 
HIS CE1  C  Y N 164 
HIS NE2  N  Y N 165 
HIS OXT  O  N N 166 
HIS H    H  N N 167 
HIS H2   H  N N 168 
HIS HA   H  N N 169 
HIS HB2  H  N N 170 
HIS HB3  H  N N 171 
HIS HD1  H  N N 172 
HIS HD2  H  N N 173 
HIS HE1  H  N N 174 
HIS HE2  H  N N 175 
HIS HXT  H  N N 176 
HOH O    O  N N 177 
HOH H1   H  N N 178 
HOH H2   H  N N 179 
ILE N    N  N N 180 
ILE CA   C  N S 181 
ILE C    C  N N 182 
ILE O    O  N N 183 
ILE CB   C  N S 184 
ILE CG1  C  N N 185 
ILE CG2  C  N N 186 
ILE CD1  C  N N 187 
ILE OXT  O  N N 188 
ILE H    H  N N 189 
ILE H2   H  N N 190 
ILE HA   H  N N 191 
ILE HB   H  N N 192 
ILE HG12 H  N N 193 
ILE HG13 H  N N 194 
ILE HG21 H  N N 195 
ILE HG22 H  N N 196 
ILE HG23 H  N N 197 
ILE HD11 H  N N 198 
ILE HD12 H  N N 199 
ILE HD13 H  N N 200 
ILE HXT  H  N N 201 
LEU N    N  N N 202 
LEU CA   C  N S 203 
LEU C    C  N N 204 
LEU O    O  N N 205 
LEU CB   C  N N 206 
LEU CG   C  N N 207 
LEU CD1  C  N N 208 
LEU CD2  C  N N 209 
LEU OXT  O  N N 210 
LEU H    H  N N 211 
LEU H2   H  N N 212 
LEU HA   H  N N 213 
LEU HB2  H  N N 214 
LEU HB3  H  N N 215 
LEU HG   H  N N 216 
LEU HD11 H  N N 217 
LEU HD12 H  N N 218 
LEU HD13 H  N N 219 
LEU HD21 H  N N 220 
LEU HD22 H  N N 221 
LEU HD23 H  N N 222 
LEU HXT  H  N N 223 
LYS N    N  N N 224 
LYS CA   C  N S 225 
LYS C    C  N N 226 
LYS O    O  N N 227 
LYS CB   C  N N 228 
LYS CG   C  N N 229 
LYS CD   C  N N 230 
LYS CE   C  N N 231 
LYS NZ   N  N N 232 
LYS OXT  O  N N 233 
LYS H    H  N N 234 
LYS H2   H  N N 235 
LYS HA   H  N N 236 
LYS HB2  H  N N 237 
LYS HB3  H  N N 238 
LYS HG2  H  N N 239 
LYS HG3  H  N N 240 
LYS HD2  H  N N 241 
LYS HD3  H  N N 242 
LYS HE2  H  N N 243 
LYS HE3  H  N N 244 
LYS HZ1  H  N N 245 
LYS HZ2  H  N N 246 
LYS HZ3  H  N N 247 
LYS HXT  H  N N 248 
MET N    N  N N 249 
MET CA   C  N S 250 
MET C    C  N N 251 
MET O    O  N N 252 
MET CB   C  N N 253 
MET CG   C  N N 254 
MET SD   S  N N 255 
MET CE   C  N N 256 
MET OXT  O  N N 257 
MET H    H  N N 258 
MET H2   H  N N 259 
MET HA   H  N N 260 
MET HB2  H  N N 261 
MET HB3  H  N N 262 
MET HG2  H  N N 263 
MET HG3  H  N N 264 
MET HE1  H  N N 265 
MET HE2  H  N N 266 
MET HE3  H  N N 267 
MET HXT  H  N N 268 
MG  MG   MG N N 269 
OLC C18  C  N N 270 
OLC C10  C  N N 271 
OLC C9   C  N N 272 
OLC C17  C  N N 273 
OLC C11  C  N N 274 
OLC C8   C  N N 275 
OLC C24  C  N N 276 
OLC C16  C  N N 277 
OLC C12  C  N N 278 
OLC C7   C  N N 279 
OLC C15  C  N N 280 
OLC C13  C  N N 281 
OLC C6   C  N N 282 
OLC C14  C  N N 283 
OLC C5   C  N N 284 
OLC C4   C  N N 285 
OLC C3   C  N N 286 
OLC C2   C  N N 287 
OLC C21  C  N N 288 
OLC C1   C  N N 289 
OLC C22  C  N R 290 
OLC O19  O  N N 291 
OLC O25  O  N N 292 
OLC O23  O  N N 293 
OLC O20  O  N N 294 
OLC H18  H  N N 295 
OLC H18A H  N N 296 
OLC H18B H  N N 297 
OLC H10  H  N N 298 
OLC H9   H  N N 299 
OLC H17  H  N N 300 
OLC H17A H  N N 301 
OLC H11  H  N N 302 
OLC H11A H  N N 303 
OLC H8   H  N N 304 
OLC H8A  H  N N 305 
OLC H24  H  N N 306 
OLC H24A H  N N 307 
OLC H16  H  N N 308 
OLC H16A H  N N 309 
OLC H12  H  N N 310 
OLC H12A H  N N 311 
OLC H7   H  N N 312 
OLC H7A  H  N N 313 
OLC H15  H  N N 314 
OLC H15A H  N N 315 
OLC H13  H  N N 316 
OLC H13A H  N N 317 
OLC H6   H  N N 318 
OLC H6A  H  N N 319 
OLC H14  H  N N 320 
OLC H14A H  N N 321 
OLC H5   H  N N 322 
OLC H5A  H  N N 323 
OLC H4   H  N N 324 
OLC H4A  H  N N 325 
OLC H3   H  N N 326 
OLC H3A  H  N N 327 
OLC H2   H  N N 328 
OLC H2A  H  N N 329 
OLC H21  H  N N 330 
OLC H21A H  N N 331 
OLC H22  H  N N 332 
OLC HO25 H  N N 333 
OLC HO23 H  N N 334 
PHE N    N  N N 335 
PHE CA   C  N S 336 
PHE C    C  N N 337 
PHE O    O  N N 338 
PHE CB   C  N N 339 
PHE CG   C  Y N 340 
PHE CD1  C  Y N 341 
PHE CD2  C  Y N 342 
PHE CE1  C  Y N 343 
PHE CE2  C  Y N 344 
PHE CZ   C  Y N 345 
PHE OXT  O  N N 346 
PHE H    H  N N 347 
PHE H2   H  N N 348 
PHE HA   H  N N 349 
PHE HB2  H  N N 350 
PHE HB3  H  N N 351 
PHE HD1  H  N N 352 
PHE HD2  H  N N 353 
PHE HE1  H  N N 354 
PHE HE2  H  N N 355 
PHE HZ   H  N N 356 
PHE HXT  H  N N 357 
PRO N    N  N N 358 
PRO CA   C  N S 359 
PRO C    C  N N 360 
PRO O    O  N N 361 
PRO CB   C  N N 362 
PRO CG   C  N N 363 
PRO CD   C  N N 364 
PRO OXT  O  N N 365 
PRO H    H  N N 366 
PRO HA   H  N N 367 
PRO HB2  H  N N 368 
PRO HB3  H  N N 369 
PRO HG2  H  N N 370 
PRO HG3  H  N N 371 
PRO HD2  H  N N 372 
PRO HD3  H  N N 373 
PRO HXT  H  N N 374 
SER N    N  N N 375 
SER CA   C  N S 376 
SER C    C  N N 377 
SER O    O  N N 378 
SER CB   C  N N 379 
SER OG   O  N N 380 
SER OXT  O  N N 381 
SER H    H  N N 382 
SER H2   H  N N 383 
SER HA   H  N N 384 
SER HB2  H  N N 385 
SER HB3  H  N N 386 
SER HG   H  N N 387 
SER HXT  H  N N 388 
THR N    N  N N 389 
THR CA   C  N S 390 
THR C    C  N N 391 
THR O    O  N N 392 
THR CB   C  N R 393 
THR OG1  O  N N 394 
THR CG2  C  N N 395 
THR OXT  O  N N 396 
THR H    H  N N 397 
THR H2   H  N N 398 
THR HA   H  N N 399 
THR HB   H  N N 400 
THR HG1  H  N N 401 
THR HG21 H  N N 402 
THR HG22 H  N N 403 
THR HG23 H  N N 404 
THR HXT  H  N N 405 
TRP N    N  N N 406 
TRP CA   C  N S 407 
TRP C    C  N N 408 
TRP O    O  N N 409 
TRP CB   C  N N 410 
TRP CG   C  Y N 411 
TRP CD1  C  Y N 412 
TRP CD2  C  Y N 413 
TRP NE1  N  Y N 414 
TRP CE2  C  Y N 415 
TRP CE3  C  Y N 416 
TRP CZ2  C  Y N 417 
TRP CZ3  C  Y N 418 
TRP CH2  C  Y N 419 
TRP OXT  O  N N 420 
TRP H    H  N N 421 
TRP H2   H  N N 422 
TRP HA   H  N N 423 
TRP HB2  H  N N 424 
TRP HB3  H  N N 425 
TRP HD1  H  N N 426 
TRP HE1  H  N N 427 
TRP HE3  H  N N 428 
TRP HZ2  H  N N 429 
TRP HZ3  H  N N 430 
TRP HH2  H  N N 431 
TRP HXT  H  N N 432 
TYR N    N  N N 433 
TYR CA   C  N S 434 
TYR C    C  N N 435 
TYR O    O  N N 436 
TYR CB   C  N N 437 
TYR CG   C  Y N 438 
TYR CD1  C  Y N 439 
TYR CD2  C  Y N 440 
TYR CE1  C  Y N 441 
TYR CE2  C  Y N 442 
TYR CZ   C  Y N 443 
TYR OH   O  N N 444 
TYR OXT  O  N N 445 
TYR H    H  N N 446 
TYR H2   H  N N 447 
TYR HA   H  N N 448 
TYR HB2  H  N N 449 
TYR HB3  H  N N 450 
TYR HD1  H  N N 451 
TYR HD2  H  N N 452 
TYR HE1  H  N N 453 
TYR HE2  H  N N 454 
TYR HH   H  N N 455 
TYR HXT  H  N N 456 
VAL N    N  N N 457 
VAL CA   C  N S 458 
VAL C    C  N N 459 
VAL O    O  N N 460 
VAL CB   C  N N 461 
VAL CG1  C  N N 462 
VAL CG2  C  N N 463 
VAL OXT  O  N N 464 
VAL H    H  N N 465 
VAL H2   H  N N 466 
VAL HA   H  N N 467 
VAL HB   H  N N 468 
VAL HG11 H  N N 469 
VAL HG12 H  N N 470 
VAL HG13 H  N N 471 
VAL HG21 H  N N 472 
VAL HG22 H  N N 473 
VAL HG23 H  N N 474 
VAL HXT  H  N N 475 
ZN  ZN   ZN N N 476 
# 
loop_
_chem_comp_bond.comp_id 
_chem_comp_bond.atom_id_1 
_chem_comp_bond.atom_id_2 
_chem_comp_bond.value_order 
_chem_comp_bond.pdbx_aromatic_flag 
_chem_comp_bond.pdbx_stereo_config 
_chem_comp_bond.pdbx_ordinal 
ALA N   CA   sing N N 1   
ALA N   H    sing N N 2   
ALA N   H2   sing N N 3   
ALA CA  C    sing N N 4   
ALA CA  CB   sing N N 5   
ALA CA  HA   sing N N 6   
ALA C   O    doub N N 7   
ALA C   OXT  sing N N 8   
ALA CB  HB1  sing N N 9   
ALA CB  HB2  sing N N 10  
ALA CB  HB3  sing N N 11  
ALA OXT HXT  sing N N 12  
ARG N   CA   sing N N 13  
ARG N   H    sing N N 14  
ARG N   H2   sing N N 15  
ARG CA  C    sing N N 16  
ARG CA  CB   sing N N 17  
ARG CA  HA   sing N N 18  
ARG C   O    doub N N 19  
ARG C   OXT  sing N N 20  
ARG CB  CG   sing N N 21  
ARG CB  HB2  sing N N 22  
ARG CB  HB3  sing N N 23  
ARG CG  CD   sing N N 24  
ARG CG  HG2  sing N N 25  
ARG CG  HG3  sing N N 26  
ARG CD  NE   sing N N 27  
ARG CD  HD2  sing N N 28  
ARG CD  HD3  sing N N 29  
ARG NE  CZ   sing N N 30  
ARG NE  HE   sing N N 31  
ARG CZ  NH1  sing N N 32  
ARG CZ  NH2  doub N N 33  
ARG NH1 HH11 sing N N 34  
ARG NH1 HH12 sing N N 35  
ARG NH2 HH21 sing N N 36  
ARG NH2 HH22 sing N N 37  
ARG OXT HXT  sing N N 38  
ASN N   CA   sing N N 39  
ASN N   H    sing N N 40  
ASN N   H2   sing N N 41  
ASN CA  C    sing N N 42  
ASN CA  CB   sing N N 43  
ASN CA  HA   sing N N 44  
ASN C   O    doub N N 45  
ASN C   OXT  sing N N 46  
ASN CB  CG   sing N N 47  
ASN CB  HB2  sing N N 48  
ASN CB  HB3  sing N N 49  
ASN CG  OD1  doub N N 50  
ASN CG  ND2  sing N N 51  
ASN ND2 HD21 sing N N 52  
ASN ND2 HD22 sing N N 53  
ASN OXT HXT  sing N N 54  
ASP N   CA   sing N N 55  
ASP N   H    sing N N 56  
ASP N   H2   sing N N 57  
ASP CA  C    sing N N 58  
ASP CA  CB   sing N N 59  
ASP CA  HA   sing N N 60  
ASP C   O    doub N N 61  
ASP C   OXT  sing N N 62  
ASP CB  CG   sing N N 63  
ASP CB  HB2  sing N N 64  
ASP CB  HB3  sing N N 65  
ASP CG  OD1  doub N N 66  
ASP CG  OD2  sing N N 67  
ASP OD2 HD2  sing N N 68  
ASP OXT HXT  sing N N 69  
EPE N1  C2   sing N N 70  
EPE N1  C6   sing N N 71  
EPE N1  C9   sing N N 72  
EPE C2  C3   sing N N 73  
EPE C2  H21  sing N N 74  
EPE C2  H22  sing N N 75  
EPE C3  N4   sing N N 76  
EPE C3  H31  sing N N 77  
EPE C3  H32  sing N N 78  
EPE N4  C5   sing N N 79  
EPE N4  C7   sing N N 80  
EPE C5  C6   sing N N 81  
EPE C5  H51  sing N N 82  
EPE C5  H52  sing N N 83  
EPE C6  H61  sing N N 84  
EPE C6  H62  sing N N 85  
EPE C7  C8   sing N N 86  
EPE C7  H71  sing N N 87  
EPE C7  H72  sing N N 88  
EPE C8  O8   sing N N 89  
EPE C8  H81  sing N N 90  
EPE C8  H82  sing N N 91  
EPE O8  HO8  sing N N 92  
EPE C9  C10  sing N N 93  
EPE C9  H91  sing N N 94  
EPE C9  H92  sing N N 95  
EPE C10 S    sing N N 96  
EPE C10 H101 sing N N 97  
EPE C10 H102 sing N N 98  
EPE S   O1S  doub N N 99  
EPE S   O2S  doub N N 100 
EPE S   O3S  sing N N 101 
EPE O3S HOS3 sing N N 102 
GLN N   CA   sing N N 103 
GLN N   H    sing N N 104 
GLN N   H2   sing N N 105 
GLN CA  C    sing N N 106 
GLN CA  CB   sing N N 107 
GLN CA  HA   sing N N 108 
GLN C   O    doub N N 109 
GLN C   OXT  sing N N 110 
GLN CB  CG   sing N N 111 
GLN CB  HB2  sing N N 112 
GLN CB  HB3  sing N N 113 
GLN CG  CD   sing N N 114 
GLN CG  HG2  sing N N 115 
GLN CG  HG3  sing N N 116 
GLN CD  OE1  doub N N 117 
GLN CD  NE2  sing N N 118 
GLN NE2 HE21 sing N N 119 
GLN NE2 HE22 sing N N 120 
GLN OXT HXT  sing N N 121 
GLU N   CA   sing N N 122 
GLU N   H    sing N N 123 
GLU N   H2   sing N N 124 
GLU CA  C    sing N N 125 
GLU CA  CB   sing N N 126 
GLU CA  HA   sing N N 127 
GLU C   O    doub N N 128 
GLU C   OXT  sing N N 129 
GLU CB  CG   sing N N 130 
GLU CB  HB2  sing N N 131 
GLU CB  HB3  sing N N 132 
GLU CG  CD   sing N N 133 
GLU CG  HG2  sing N N 134 
GLU CG  HG3  sing N N 135 
GLU CD  OE1  doub N N 136 
GLU CD  OE2  sing N N 137 
GLU OE2 HE2  sing N N 138 
GLU OXT HXT  sing N N 139 
GLY N   CA   sing N N 140 
GLY N   H    sing N N 141 
GLY N   H2   sing N N 142 
GLY CA  C    sing N N 143 
GLY CA  HA2  sing N N 144 
GLY CA  HA3  sing N N 145 
GLY C   O    doub N N 146 
GLY C   OXT  sing N N 147 
GLY OXT HXT  sing N N 148 
HIS N   CA   sing N N 149 
HIS N   H    sing N N 150 
HIS N   H2   sing N N 151 
HIS CA  C    sing N N 152 
HIS CA  CB   sing N N 153 
HIS CA  HA   sing N N 154 
HIS C   O    doub N N 155 
HIS C   OXT  sing N N 156 
HIS CB  CG   sing N N 157 
HIS CB  HB2  sing N N 158 
HIS CB  HB3  sing N N 159 
HIS CG  ND1  sing Y N 160 
HIS CG  CD2  doub Y N 161 
HIS ND1 CE1  doub Y N 162 
HIS ND1 HD1  sing N N 163 
HIS CD2 NE2  sing Y N 164 
HIS CD2 HD2  sing N N 165 
HIS CE1 NE2  sing Y N 166 
HIS CE1 HE1  sing N N 167 
HIS NE2 HE2  sing N N 168 
HIS OXT HXT  sing N N 169 
HOH O   H1   sing N N 170 
HOH O   H2   sing N N 171 
ILE N   CA   sing N N 172 
ILE N   H    sing N N 173 
ILE N   H2   sing N N 174 
ILE CA  C    sing N N 175 
ILE CA  CB   sing N N 176 
ILE CA  HA   sing N N 177 
ILE C   O    doub N N 178 
ILE C   OXT  sing N N 179 
ILE CB  CG1  sing N N 180 
ILE CB  CG2  sing N N 181 
ILE CB  HB   sing N N 182 
ILE CG1 CD1  sing N N 183 
ILE CG1 HG12 sing N N 184 
ILE CG1 HG13 sing N N 185 
ILE CG2 HG21 sing N N 186 
ILE CG2 HG22 sing N N 187 
ILE CG2 HG23 sing N N 188 
ILE CD1 HD11 sing N N 189 
ILE CD1 HD12 sing N N 190 
ILE CD1 HD13 sing N N 191 
ILE OXT HXT  sing N N 192 
LEU N   CA   sing N N 193 
LEU N   H    sing N N 194 
LEU N   H2   sing N N 195 
LEU CA  C    sing N N 196 
LEU CA  CB   sing N N 197 
LEU CA  HA   sing N N 198 
LEU C   O    doub N N 199 
LEU C   OXT  sing N N 200 
LEU CB  CG   sing N N 201 
LEU CB  HB2  sing N N 202 
LEU CB  HB3  sing N N 203 
LEU CG  CD1  sing N N 204 
LEU CG  CD2  sing N N 205 
LEU CG  HG   sing N N 206 
LEU CD1 HD11 sing N N 207 
LEU CD1 HD12 sing N N 208 
LEU CD1 HD13 sing N N 209 
LEU CD2 HD21 sing N N 210 
LEU CD2 HD22 sing N N 211 
LEU CD2 HD23 sing N N 212 
LEU OXT HXT  sing N N 213 
LYS N   CA   sing N N 214 
LYS N   H    sing N N 215 
LYS N   H2   sing N N 216 
LYS CA  C    sing N N 217 
LYS CA  CB   sing N N 218 
LYS CA  HA   sing N N 219 
LYS C   O    doub N N 220 
LYS C   OXT  sing N N 221 
LYS CB  CG   sing N N 222 
LYS CB  HB2  sing N N 223 
LYS CB  HB3  sing N N 224 
LYS CG  CD   sing N N 225 
LYS CG  HG2  sing N N 226 
LYS CG  HG3  sing N N 227 
LYS CD  CE   sing N N 228 
LYS CD  HD2  sing N N 229 
LYS CD  HD3  sing N N 230 
LYS CE  NZ   sing N N 231 
LYS CE  HE2  sing N N 232 
LYS CE  HE3  sing N N 233 
LYS NZ  HZ1  sing N N 234 
LYS NZ  HZ2  sing N N 235 
LYS NZ  HZ3  sing N N 236 
LYS OXT HXT  sing N N 237 
MET N   CA   sing N N 238 
MET N   H    sing N N 239 
MET N   H2   sing N N 240 
MET CA  C    sing N N 241 
MET CA  CB   sing N N 242 
MET CA  HA   sing N N 243 
MET C   O    doub N N 244 
MET C   OXT  sing N N 245 
MET CB  CG   sing N N 246 
MET CB  HB2  sing N N 247 
MET CB  HB3  sing N N 248 
MET CG  SD   sing N N 249 
MET CG  HG2  sing N N 250 
MET CG  HG3  sing N N 251 
MET SD  CE   sing N N 252 
MET CE  HE1  sing N N 253 
MET CE  HE2  sing N N 254 
MET CE  HE3  sing N N 255 
MET OXT HXT  sing N N 256 
OLC C18 C17  sing N N 257 
OLC C10 C9   doub N N 258 
OLC C10 C11  sing N N 259 
OLC C9  C8   sing N N 260 
OLC C17 C16  sing N Z 261 
OLC C11 C12  sing N N 262 
OLC C8  C7   sing N N 263 
OLC C24 C22  sing N N 264 
OLC C24 O25  sing N N 265 
OLC C16 C15  sing N N 266 
OLC C12 C13  sing N N 267 
OLC C7  C6   sing N N 268 
OLC C15 C14  sing N N 269 
OLC C13 C14  sing N N 270 
OLC C6  C5   sing N N 271 
OLC C5  C4   sing N N 272 
OLC C4  C3   sing N N 273 
OLC C3  C2   sing N N 274 
OLC C2  C1   sing N N 275 
OLC C21 C22  sing N N 276 
OLC C21 O20  sing N N 277 
OLC C1  O19  doub N N 278 
OLC C1  O20  sing N N 279 
OLC C22 O23  sing N N 280 
OLC C18 H18  sing N N 281 
OLC C18 H18A sing N N 282 
OLC C18 H18B sing N N 283 
OLC C10 H10  sing N N 284 
OLC C9  H9   sing N N 285 
OLC C17 H17  sing N N 286 
OLC C17 H17A sing N N 287 
OLC C11 H11  sing N N 288 
OLC C11 H11A sing N N 289 
OLC C8  H8   sing N N 290 
OLC C8  H8A  sing N N 291 
OLC C24 H24  sing N N 292 
OLC C24 H24A sing N N 293 
OLC C16 H16  sing N N 294 
OLC C16 H16A sing N N 295 
OLC C12 H12  sing N N 296 
OLC C12 H12A sing N N 297 
OLC C7  H7   sing N N 298 
OLC C7  H7A  sing N N 299 
OLC C15 H15  sing N N 300 
OLC C15 H15A sing N N 301 
OLC C13 H13  sing N N 302 
OLC C13 H13A sing N N 303 
OLC C6  H6   sing N N 304 
OLC C6  H6A  sing N N 305 
OLC C14 H14  sing N N 306 
OLC C14 H14A sing N N 307 
OLC C5  H5   sing N N 308 
OLC C5  H5A  sing N N 309 
OLC C4  H4   sing N N 310 
OLC C4  H4A  sing N N 311 
OLC C3  H3   sing N N 312 
OLC C3  H3A  sing N N 313 
OLC C2  H2   sing N N 314 
OLC C2  H2A  sing N N 315 
OLC C21 H21  sing N N 316 
OLC C21 H21A sing N N 317 
OLC C22 H22  sing N N 318 
OLC O25 HO25 sing N N 319 
OLC O23 HO23 sing N N 320 
PHE N   CA   sing N N 321 
PHE N   H    sing N N 322 
PHE N   H2   sing N N 323 
PHE CA  C    sing N N 324 
PHE CA  CB   sing N N 325 
PHE CA  HA   sing N N 326 
PHE C   O    doub N N 327 
PHE C   OXT  sing N N 328 
PHE CB  CG   sing N N 329 
PHE CB  HB2  sing N N 330 
PHE CB  HB3  sing N N 331 
PHE CG  CD1  doub Y N 332 
PHE CG  CD2  sing Y N 333 
PHE CD1 CE1  sing Y N 334 
PHE CD1 HD1  sing N N 335 
PHE CD2 CE2  doub Y N 336 
PHE CD2 HD2  sing N N 337 
PHE CE1 CZ   doub Y N 338 
PHE CE1 HE1  sing N N 339 
PHE CE2 CZ   sing Y N 340 
PHE CE2 HE2  sing N N 341 
PHE CZ  HZ   sing N N 342 
PHE OXT HXT  sing N N 343 
PRO N   CA   sing N N 344 
PRO N   CD   sing N N 345 
PRO N   H    sing N N 346 
PRO CA  C    sing N N 347 
PRO CA  CB   sing N N 348 
PRO CA  HA   sing N N 349 
PRO C   O    doub N N 350 
PRO C   OXT  sing N N 351 
PRO CB  CG   sing N N 352 
PRO CB  HB2  sing N N 353 
PRO CB  HB3  sing N N 354 
PRO CG  CD   sing N N 355 
PRO CG  HG2  sing N N 356 
PRO CG  HG3  sing N N 357 
PRO CD  HD2  sing N N 358 
PRO CD  HD3  sing N N 359 
PRO OXT HXT  sing N N 360 
SER N   CA   sing N N 361 
SER N   H    sing N N 362 
SER N   H2   sing N N 363 
SER CA  C    sing N N 364 
SER CA  CB   sing N N 365 
SER CA  HA   sing N N 366 
SER C   O    doub N N 367 
SER C   OXT  sing N N 368 
SER CB  OG   sing N N 369 
SER CB  HB2  sing N N 370 
SER CB  HB3  sing N N 371 
SER OG  HG   sing N N 372 
SER OXT HXT  sing N N 373 
THR N   CA   sing N N 374 
THR N   H    sing N N 375 
THR N   H2   sing N N 376 
THR CA  C    sing N N 377 
THR CA  CB   sing N N 378 
THR CA  HA   sing N N 379 
THR C   O    doub N N 380 
THR C   OXT  sing N N 381 
THR CB  OG1  sing N N 382 
THR CB  CG2  sing N N 383 
THR CB  HB   sing N N 384 
THR OG1 HG1  sing N N 385 
THR CG2 HG21 sing N N 386 
THR CG2 HG22 sing N N 387 
THR CG2 HG23 sing N N 388 
THR OXT HXT  sing N N 389 
TRP N   CA   sing N N 390 
TRP N   H    sing N N 391 
TRP N   H2   sing N N 392 
TRP CA  C    sing N N 393 
TRP CA  CB   sing N N 394 
TRP CA  HA   sing N N 395 
TRP C   O    doub N N 396 
TRP C   OXT  sing N N 397 
TRP CB  CG   sing N N 398 
TRP CB  HB2  sing N N 399 
TRP CB  HB3  sing N N 400 
TRP CG  CD1  doub Y N 401 
TRP CG  CD2  sing Y N 402 
TRP CD1 NE1  sing Y N 403 
TRP CD1 HD1  sing N N 404 
TRP CD2 CE2  doub Y N 405 
TRP CD2 CE3  sing Y N 406 
TRP NE1 CE2  sing Y N 407 
TRP NE1 HE1  sing N N 408 
TRP CE2 CZ2  sing Y N 409 
TRP CE3 CZ3  doub Y N 410 
TRP CE3 HE3  sing N N 411 
TRP CZ2 CH2  doub Y N 412 
TRP CZ2 HZ2  sing N N 413 
TRP CZ3 CH2  sing Y N 414 
TRP CZ3 HZ3  sing N N 415 
TRP CH2 HH2  sing N N 416 
TRP OXT HXT  sing N N 417 
TYR N   CA   sing N N 418 
TYR N   H    sing N N 419 
TYR N   H2   sing N N 420 
TYR CA  C    sing N N 421 
TYR CA  CB   sing N N 422 
TYR CA  HA   sing N N 423 
TYR C   O    doub N N 424 
TYR C   OXT  sing N N 425 
TYR CB  CG   sing N N 426 
TYR CB  HB2  sing N N 427 
TYR CB  HB3  sing N N 428 
TYR CG  CD1  doub Y N 429 
TYR CG  CD2  sing Y N 430 
TYR CD1 CE1  sing Y N 431 
TYR CD1 HD1  sing N N 432 
TYR CD2 CE2  doub Y N 433 
TYR CD2 HD2  sing N N 434 
TYR CE1 CZ   doub Y N 435 
TYR CE1 HE1  sing N N 436 
TYR CE2 CZ   sing Y N 437 
TYR CE2 HE2  sing N N 438 
TYR CZ  OH   sing N N 439 
TYR OH  HH   sing N N 440 
TYR OXT HXT  sing N N 441 
VAL N   CA   sing N N 442 
VAL N   H    sing N N 443 
VAL N   H2   sing N N 444 
VAL CA  C    sing N N 445 
VAL CA  CB   sing N N 446 
VAL CA  HA   sing N N 447 
VAL C   O    doub N N 448 
VAL C   OXT  sing N N 449 
VAL CB  CG1  sing N N 450 
VAL CB  CG2  sing N N 451 
VAL CB  HB   sing N N 452 
VAL CG1 HG11 sing N N 453 
VAL CG1 HG12 sing N N 454 
VAL CG1 HG13 sing N N 455 
VAL CG2 HG21 sing N N 456 
VAL CG2 HG22 sing N N 457 
VAL CG2 HG23 sing N N 458 
VAL OXT HXT  sing N N 459 
# 
_pdbx_audit_support.funding_organization   'Ministry of Science and Technology (MoST, China)' 
_pdbx_audit_support.country                China 
_pdbx_audit_support.grant_number           ? 
_pdbx_audit_support.ordinal                1 
# 
_pdbx_entity_instance_feature.ordinal        1 
_pdbx_entity_instance_feature.comp_id        MG 
_pdbx_entity_instance_feature.asym_id        ? 
_pdbx_entity_instance_feature.seq_num        ? 
_pdbx_entity_instance_feature.auth_comp_id   MG 
_pdbx_entity_instance_feature.auth_asym_id   ? 
_pdbx_entity_instance_feature.auth_seq_num   ? 
_pdbx_entity_instance_feature.feature_type   'SUBJECT OF INVESTIGATION' 
_pdbx_entity_instance_feature.details        ? 
# 
_space_group.name_H-M_alt     'C 2 2 2' 
_space_group.name_Hall        'C 2 2' 
_space_group.IT_number        21 
_space_group.crystal_system   orthorhombic 
_space_group.id               1 
# 
_atom_sites.entry_id                    7CFF 
_atom_sites.Cartn_transf_matrix[1][1]   ? 
_atom_sites.Cartn_transf_matrix[1][2]   ? 
_atom_sites.Cartn_transf_matrix[1][3]   ? 
_atom_sites.Cartn_transf_matrix[2][1]   ? 
_atom_sites.Cartn_transf_matrix[2][2]   ? 
_atom_sites.Cartn_transf_matrix[2][3]   ? 
_atom_sites.Cartn_transf_matrix[3][1]   ? 
_atom_sites.Cartn_transf_matrix[3][2]   ? 
_atom_sites.Cartn_transf_matrix[3][3]   ? 
_atom_sites.Cartn_transf_vector[1]      ? 
_atom_sites.Cartn_transf_vector[2]      ? 
_atom_sites.Cartn_transf_vector[3]      ? 
_atom_sites.fract_transf_matrix[1][1]   0.00642880 
_atom_sites.fract_transf_matrix[1][2]   0.01502861 
_atom_sites.fract_transf_matrix[1][3]   -0.00594666 
_atom_sites.fract_transf_matrix[2][1]   0.00990667 
_atom_sites.fract_transf_matrix[2][2]   -0.00163619 
_atom_sites.fract_transf_matrix[2][3]   0.00657486 
_atom_sites.fract_transf_matrix[3][1]   0.00433068 
_atom_sites.fract_transf_matrix[3][2]   -0.00491887 
_atom_sites.fract_transf_matrix[3][3]   -0.00774933 
_atom_sites.fract_transf_vector[1]      0.105105 
_atom_sites.fract_transf_vector[2]      0.445044 
_atom_sites.fract_transf_vector[3]      0.211511 
_atom_sites.solution_primary            ? 
_atom_sites.solution_secondary          ? 
_atom_sites.solution_hydrogens          ? 
_atom_sites.special_details             ? 
# 
loop_
_atom_type.symbol 
_atom_type.scat_dispersion_real 
_atom_type.scat_dispersion_imag 
_atom_type.scat_Cromer_Mann_a1 
_atom_type.scat_Cromer_Mann_a2 
_atom_type.scat_Cromer_Mann_a3 
_atom_type.scat_Cromer_Mann_a4 
_atom_type.scat_Cromer_Mann_b1 
_atom_type.scat_Cromer_Mann_b2 
_atom_type.scat_Cromer_Mann_b3 
_atom_type.scat_Cromer_Mann_b4 
_atom_type.scat_Cromer_Mann_c 
_atom_type.scat_source 
_atom_type.scat_dispersion_source 
C  ? ? 3.54356  2.42580 ? ? 25.62398 1.50364  ? ? 0.0 
;2-Gaussian fit: Grosse-Kunstleve RW, Sauter NK, Adams PD: Newsletter of the IUCr Commission on Crystallographic Computing 2004, 3, 22-31.
;
? 
MG ? ? 9.41153  2.53737 ? ? 2.59044  63.03566 ? ? 0.0 
;2-Gaussian fit: Grosse-Kunstleve RW, Sauter NK, Adams PD: Newsletter of the IUCr Commission on Crystallographic Computing 2004, 3, 22-31.
;
? 
N  ? ? 4.01032  2.96436 ? ? 19.97189 1.75589  ? ? 0.0 
;2-Gaussian fit: Grosse-Kunstleve RW, Sauter NK, Adams PD: Newsletter of the IUCr Commission on Crystallographic Computing 2004, 3, 22-31.
;
? 
O  ? ? 4.49882  3.47563 ? ? 15.80542 1.70748  ? ? 0.0 
;2-Gaussian fit: Grosse-Kunstleve RW, Sauter NK, Adams PD: Newsletter of the IUCr Commission on Crystallographic Computing 2004, 3, 22-31.
;
? 
S  ? ? 9.55732  6.39887 ? ? 1.23737  29.19336 ? ? 0.0 
;2-Gaussian fit: Grosse-Kunstleve RW, Sauter NK, Adams PD: Newsletter of the IUCr Commission on Crystallographic Computing 2004, 3, 22-31.
;
? 
ZN ? ? 24.64596 5.25405 ? ? 2.14387  29.76375 ? ? 0.0 
;2-Gaussian fit: Grosse-Kunstleve RW, Sauter NK, Adams PD: Newsletter of the IUCr Commission on Crystallographic Computing 2004, 3, 22-31.
;
? 
# 
loop_
_atom_site.group_PDB 
_atom_site.id 
_atom_site.type_symbol 
_atom_site.label_atom_id 
_atom_site.label_alt_id 
_atom_site.label_comp_id 
_atom_site.label_asym_id 
_atom_site.label_entity_id 
_atom_site.label_seq_id 
_atom_site.pdbx_PDB_ins_code 
_atom_site.Cartn_x 
_atom_site.Cartn_y 
_atom_site.Cartn_z 
_atom_site.occupancy 
_atom_site.B_iso_or_equiv 
_atom_site.pdbx_formal_charge 
_atom_site.auth_seq_id 
_atom_site.auth_comp_id 
_atom_site.auth_asym_id 
_atom_site.auth_atom_id 
_atom_site.pdbx_PDB_model_num 
ATOM   1    N  N   . GLU A 1 5   ? 18.82756  -8.45607  -17.68712 1.000 76.85000  ? 28  GLU A N   1 
ATOM   2    C  CA  . GLU A 1 5   ? 19.02682  -7.30400  -16.81533 1.000 73.22000  ? 28  GLU A CA  1 
ATOM   3    C  C   . GLU A 1 5   ? 19.09360  -6.00438  -17.62389 1.000 81.44000  ? 28  GLU A C   1 
ATOM   4    O  O   . GLU A 1 5   ? 20.12781  -5.33156  -17.66028 1.000 82.48000  ? 28  GLU A O   1 
ATOM   5    C  CB  . GLU A 1 5   ? 20.29804  -7.47887  -15.97951 1.000 65.12000  ? 28  GLU A CB  1 
ATOM   6    N  N   . ASN A 1 6   ? 17.98400  -5.66734  -18.27588 1.000 76.70000  ? 29  ASN A N   1 
ATOM   7    C  CA  . ASN A 1 6   ? 17.88731  -4.40550  -18.98811 1.000 72.56000  ? 29  ASN A CA  1 
ATOM   8    C  C   . ASN A 1 6   ? 17.86241  -3.24614  -17.99215 1.000 77.67000  ? 29  ASN A C   1 
ATOM   9    O  O   . ASN A 1 6   ? 17.37229  -3.39197  -16.86645 1.000 67.81000  ? 29  ASN A O   1 
ATOM   10   C  CB  . ASN A 1 6   ? 16.62909  -4.37235  -19.85506 1.000 72.00000  ? 29  ASN A CB  1 
ATOM   11   N  N   . PRO A 1 7   ? 18.38455  -2.08013  -18.38285 1.000 81.92000  ? 30  PRO A N   1 
ATOM   12   C  CA  . PRO A 1 7   ? 18.36043  -0.93557  -17.45563 1.000 76.85000  ? 30  PRO A CA  1 
ATOM   13   C  C   . PRO A 1 7   ? 16.95412  -0.52122  -17.07178 1.000 71.26000  ? 30  PRO A C   1 
ATOM   14   O  O   . PRO A 1 7   ? 16.71693  -0.12099  -15.92477 1.000 66.71000  ? 30  PRO A O   1 
ATOM   15   C  CB  . PRO A 1 7   ? 19.08282  0.16545   -18.24454 1.000 84.11000  ? 30  PRO A CB  1 
ATOM   16   C  CG  . PRO A 1 7   ? 18.86050  -0.20023  -19.67814 1.000 82.58000  ? 30  PRO A CG  1 
ATOM   17   C  CD  . PRO A 1 7   ? 18.89780  -1.70559  -19.71283 1.000 83.88000  ? 30  PRO A CD  1 
ATOM   18   N  N   . TRP A 1 8   ? 16.00950  -0.61072  -18.00911 1.000 66.34000  ? 31  TRP A N   1 
ATOM   19   C  CA  . TRP A 1 8   ? 14.63001  -0.25651  -17.70437 1.000 69.13000  ? 31  TRP A CA  1 
ATOM   20   C  C   . TRP A 1 8   ? 14.06090  -1.15241  -16.61163 1.000 63.11000  ? 31  TRP A C   1 
ATOM   21   O  O   . TRP A 1 8   ? 13.28374  -0.69178  -15.76412 1.000 53.06000  ? 31  TRP A O   1 
ATOM   22   C  CB  . TRP A 1 8   ? 13.77599  -0.34561  -18.96981 1.000 70.82000  ? 31  TRP A CB  1 
ATOM   23   C  CG  . TRP A 1 8   ? 13.99619  0.78561   -19.93281 1.000 86.77000  ? 31  TRP A CG  1 
ATOM   24   C  CD1 . TRP A 1 8   ? 14.52079  0.70037   -21.18987 1.000 97.71000  ? 31  TRP A CD1 1 
ATOM   25   C  CD2 . TRP A 1 8   ? 13.68692  2.17203   -19.72054 1.000 94.35000  ? 31  TRP A CD2 1 
ATOM   26   N  NE1 . TRP A 1 8   ? 14.56022  1.94506   -21.77193 1.000 107.82000 ? 31  TRP A NE1 1 
ATOM   27   C  CE2 . TRP A 1 8   ? 14.05612  2.86577   -20.89096 1.000 98.32000  ? 31  TRP A CE2 1 
ATOM   28   C  CE3 . TRP A 1 8   ? 13.13749  2.89361   -18.65470 1.000 92.09000  ? 31  TRP A CE3 1 
ATOM   29   C  CZ2 . TRP A 1 8   ? 13.89368  4.24532   -21.02577 1.000 94.78000  ? 31  TRP A CZ2 1 
ATOM   30   C  CZ3 . TRP A 1 8   ? 12.97787  4.26466   -18.79040 1.000 90.37000  ? 31  TRP A CZ3 1 
ATOM   31   C  CH2 . TRP A 1 8   ? 13.35428  4.92373   -19.96753 1.000 90.24000  ? 31  TRP A CH2 1 
ATOM   32   N  N   . LEU A 1 9   ? 14.43555  -2.43498  -16.61362 1.000 54.57000  ? 32  LEU A N   1 
ATOM   33   C  CA  . LEU A 1 9   ? 13.88237  -3.35984  -15.63242 1.000 54.09000  ? 32  LEU A CA  1 
ATOM   34   C  C   . LEU A 1 9   ? 14.30976  -2.98527  -14.22083 1.000 48.76000  ? 32  LEU A C   1 
ATOM   35   O  O   . LEU A 1 9   ? 13.49926  -3.04582  -13.29031 1.000 47.17000  ? 32  LEU A O   1 
ATOM   36   C  CB  . LEU A 1 9   ? 14.29142  -4.79590  -15.96173 1.000 50.48000  ? 32  LEU A CB  1 
ATOM   37   C  CG  . LEU A 1 9   ? 13.75669  -5.36162  -17.27924 1.000 56.75000  ? 32  LEU A CG  1 
ATOM   38   C  CD1 . LEU A 1 9   ? 14.34528  -6.74104  -17.56380 1.000 56.09000  ? 32  LEU A CD1 1 
ATOM   39   C  CD2 . LEU A 1 9   ? 12.23826  -5.41808  -17.26164 1.000 47.43000  ? 32  LEU A CD2 1 
ATOM   40   N  N   . TRP A 1 10  ? 15.56446  -2.57003  -14.04384 1.000 49.56000  ? 33  TRP A N   1 
ATOM   41   C  CA  . TRP A 1 10  ? 16.00304  -2.12354  -12.72796 1.000 51.69000  ? 33  TRP A CA  1 
ATOM   42   C  C   . TRP A 1 10  ? 15.28811  -0.84340  -12.31608 1.000 48.41000  ? 33  TRP A C   1 
ATOM   43   O  O   . TRP A 1 10  ? 15.00619  -0.64160  -11.13098 1.000 43.74000  ? 33  TRP A O   1 
ATOM   44   C  CB  . TRP A 1 10  ? 17.51854  -1.92189  -12.71231 1.000 51.53000  ? 33  TRP A CB  1 
ATOM   45   C  CG  . TRP A 1 10  ? 18.27772  -3.18587  -12.91851 1.000 60.20000  ? 33  TRP A CG  1 
ATOM   46   C  CD1 . TRP A 1 10  ? 19.02490  -3.52493  -14.01187 1.000 68.06000  ? 33  TRP A CD1 1 
ATOM   47   C  CD2 . TRP A 1 10  ? 18.36362  -4.29496  -12.01328 1.000 62.00000  ? 33  TRP A CD2 1 
ATOM   48   N  NE1 . TRP A 1 10  ? 19.57244  -4.77353  -13.84057 1.000 71.82000  ? 33  TRP A NE1 1 
ATOM   49   C  CE2 . TRP A 1 10  ? 19.18367  -5.26739  -12.62198 1.000 62.12000  ? 33  TRP A CE2 1 
ATOM   50   C  CE3 . TRP A 1 10  ? 17.82975  -4.55854  -10.74692 1.000 56.06000  ? 33  TRP A CE3 1 
ATOM   51   C  CZ2 . TRP A 1 10  ? 19.47863  -6.48398  -12.01102 1.000 53.78000  ? 33  TRP A CZ2 1 
ATOM   52   C  CZ3 . TRP A 1 10  ? 18.12812  -5.76953  -10.14154 1.000 56.95000  ? 33  TRP A CZ3 1 
ATOM   53   C  CH2 . TRP A 1 10  ? 18.94329  -6.71682  -10.77678 1.000 54.09000  ? 33  TRP A CH2 1 
ATOM   54   N  N   . ALA A 1 11  ? 14.98983  0.03292   -13.27868 1.000 45.41000  ? 34  ALA A N   1 
ATOM   55   C  CA  . ALA A 1 11  ? 14.26450  1.25303   -12.95369 1.000 42.00000  ? 34  ALA A CA  1 
ATOM   56   C  C   . ALA A 1 11  ? 12.79960  0.97021   -12.64594 1.000 44.21000  ? 34  ALA A C   1 
ATOM   57   O  O   . ALA A 1 11  ? 12.18076  1.71040   -11.87430 1.000 42.45000  ? 34  ALA A O   1 
ATOM   58   C  CB  . ALA A 1 11  ? 14.37466  2.25765   -14.09820 1.000 43.99000  ? 34  ALA A CB  1 
ATOM   59   N  N   . VAL A 1 12  ? 12.21946  -0.07224  -13.24879 1.000 39.52000  ? 35  VAL A N   1 
ATOM   60   C  CA  . VAL A 1 12  ? 10.85315  -0.43684  -12.88904 1.000 38.02000  ? 35  VAL A CA  1 
ATOM   61   C  C   . VAL A 1 12  ? 10.82010  -0.99212  -11.47327 1.000 39.58000  ? 35  VAL A C   1 
ATOM   62   O  O   . VAL A 1 12  ? 9.91886   -0.68120  -10.68781 1.000 35.76000  ? 35  VAL A O   1 
ATOM   63   C  CB  . VAL A 1 12  ? 10.26401  -1.43284  -13.90490 1.000 39.34000  ? 35  VAL A CB  1 
ATOM   64   C  CG1 . VAL A 1 12  ? 9.00395   -2.10650  -13.33675 1.000 29.88000  ? 35  VAL A CG1 1 
ATOM   65   C  CG2 . VAL A 1 12  ? 9.94008   -0.72166  -15.21313 1.000 41.53000  ? 35  VAL A CG2 1 
ATOM   66   N  N   . LEU A 1 13  ? 11.81886  -1.79423  -11.11319 1.000 36.97000  ? 36  LEU A N   1 
ATOM   67   C  CA  . LEU A 1 13  ? 11.83232  -2.37392  -9.77905  1.000 37.62000  ? 36  LEU A CA  1 
ATOM   68   C  C   . LEU A 1 13  ? 12.07805  -1.30450  -8.71489  1.000 39.68000  ? 36  LEU A C   1 
ATOM   69   O  O   . LEU A 1 13  ? 11.45152  -1.32633  -7.64852  1.000 34.58000  ? 36  LEU A O   1 
ATOM   70   C  CB  . LEU A 1 13  ? 12.86429  -3.49896  -9.74287  1.000 37.77000  ? 36  LEU A CB  1 
ATOM   71   C  CG  . LEU A 1 13  ? 13.16500  -4.13320  -8.39692  1.000 45.96000  ? 36  LEU A CG  1 
ATOM   72   C  CD1 . LEU A 1 13  ? 12.08372  -5.13674  -8.10357  1.000 40.11000  ? 36  LEU A CD1 1 
ATOM   73   C  CD2 . LEU A 1 13  ? 14.48733  -4.85542  -8.51180  1.000 50.46000  ? 36  LEU A CD2 1 
ATOM   74   N  N   . VAL A 1 14  ? 12.94034  -0.33012  -9.00864  1.000 38.59000  ? 37  VAL A N   1 
ATOM   75   C  CA  . VAL A 1 14  ? 13.08768  0.82352   -8.12758  1.000 38.36000  ? 37  VAL A CA  1 
ATOM   76   C  C   . VAL A 1 14  ? 11.76739  1.58212   -8.02680  1.000 38.90000  ? 37  VAL A C   1 
ATOM   77   O  O   . VAL A 1 14  ? 11.32812  1.95405   -6.93284  1.000 34.77000  ? 37  VAL A O   1 
ATOM   78   C  CB  . VAL A 1 14  ? 14.23198  1.73210   -8.61618  1.000 40.37000  ? 37  VAL A CB  1 
ATOM   79   C  CG1 . VAL A 1 14  ? 14.04826  3.14442   -8.09742  1.000 35.84000  ? 37  VAL A CG1 1 
ATOM   80   C  CG2 . VAL A 1 14  ? 15.57883  1.16143   -8.20456  1.000 45.05000  ? 37  VAL A CG2 1 
ATOM   81   N  N   . LEU A 1 15  ? 11.11465  1.81797   -9.16599  1.000 36.37000  ? 38  LEU A N   1 
ATOM   82   C  CA  . LEU A 1 15  ? 9.82462   2.50098   -9.16795  1.000 35.68000  ? 38  LEU A CA  1 
ATOM   83   C  C   . LEU A 1 15  ? 8.80970   1.78193   -8.28862  1.000 35.89000  ? 38  LEU A C   1 
ATOM   84   O  O   . LEU A 1 15  ? 8.07407   2.42556   -7.52751  1.000 29.86000  ? 38  LEU A O   1 
ATOM   85   C  CB  . LEU A 1 15  ? 9.30636   2.62458   -10.60341 1.000 36.95000  ? 38  LEU A CB  1 
ATOM   86   C  CG  . LEU A 1 15  ? 7.98603   3.33503   -10.93440 1.000 43.46000  ? 38  LEU A CG  1 
ATOM   87   C  CD1 . LEU A 1 15  ? 6.75807   2.43897   -10.79125 1.000 44.19000  ? 38  LEU A CD1 1 
ATOM   88   C  CD2 . LEU A 1 15  ? 7.83700   4.57365   -10.07122 1.000 41.90000  ? 38  LEU A CD2 1 
ATOM   89   N  N   . LEU A 1 16  ? 8.75249   0.45164   -8.38379  1.000 30.18000  ? 39  LEU A N   1 
ATOM   90   C  CA  . LEU A 1 16  ? 7.78610   -0.31144  -7.60131  1.000 33.27000  ? 39  LEU A CA  1 
ATOM   91   C  C   . LEU A 1 16  ? 8.07363   -0.19891  -6.10809  1.000 29.81000  ? 39  LEU A C   1 
ATOM   92   O  O   . LEU A 1 16  ? 7.14849   -0.07799  -5.29921  1.000 30.02000  ? 39  LEU A O   1 
ATOM   93   C  CB  . LEU A 1 16  ? 7.79653   -1.77346  -8.05570  1.000 27.59000  ? 39  LEU A CB  1 
ATOM   94   C  CG  . LEU A 1 16  ? 7.12080   -2.04195  -9.40624  1.000 31.17000  ? 39  LEU A CG  1 
ATOM   95   C  CD1 . LEU A 1 16  ? 7.50555   -3.44065  -9.88679  1.000 32.11000  ? 39  LEU A CD1 1 
ATOM   96   C  CD2 . LEU A 1 16  ? 5.60268   -1.88738  -9.36396  1.000 27.07000  ? 39  LEU A CD2 1 
ATOM   97   N  N   . LEU A 1 17  ? 9.34715   -0.23389  -5.72649  1.000 30.33000  ? 40  LEU A N   1 
ATOM   98   C  CA  . LEU A 1 17  ? 9.69961   -0.08165  -4.32304  1.000 31.09000  ? 40  LEU A CA  1 
ATOM   99   C  C   . LEU A 1 17  ? 9.40149   1.32786   -3.82976  1.000 32.99000  ? 40  LEU A C   1 
ATOM   100  O  O   . LEU A 1 17  ? 9.05571   1.50260   -2.65923  1.000 25.64000  ? 40  LEU A O   1 
ATOM   101  C  CB  . LEU A 1 17  ? 11.17419  -0.43228  -4.10936  1.000 33.60000  ? 40  LEU A CB  1 
ATOM   102  C  CG  . LEU A 1 17  ? 11.52206  -1.92468  -4.10314  1.000 34.91000  ? 40  LEU A CG  1 
ATOM   103  C  CD1 . LEU A 1 17  ? 13.00527  -2.15437  -4.29405  1.000 38.10000  ? 40  LEU A CD1 1 
ATOM   104  C  CD2 . LEU A 1 17  ? 11.03504  -2.58678  -2.82218  1.000 31.12000  ? 40  LEU A CD2 1 
ATOM   105  N  N   . ALA A 1 18  ? 9.52278   2.33650   -4.70343  1.000 29.94000  ? 41  ALA A N   1 
ATOM   106  C  CA  . ALA A 1 18  ? 9.11897   3.69355   -4.33413  1.000 31.83000  ? 41  ALA A CA  1 
ATOM   107  C  C   . ALA A 1 18  ? 7.61055   3.78900   -4.14412  1.000 32.93000  ? 41  ALA A C   1 
ATOM   108  O  O   . ALA A 1 18  ? 7.13491   4.45535   -3.21416  1.000 25.43000  ? 41  ALA A O   1 
ATOM   109  C  CB  . ALA A 1 18  ? 9.57814   4.68586   -5.40152  1.000 34.69000  ? 41  ALA A CB  1 
ATOM   110  N  N   . LEU A 1 19  ? 6.83779   3.12896   -5.00961  1.000 26.04000  ? 42  LEU A N   1 
ATOM   111  C  CA  . LEU A 1 19  ? 5.39156   3.09366   -4.79616  1.000 31.31000  ? 42  LEU A CA  1 
ATOM   112  C  C   . LEU A 1 19  ? 5.04593   2.39757   -3.47748  1.000 29.24000  ? 42  LEU A C   1 
ATOM   113  O  O   . LEU A 1 19  ? 4.14393   2.84229   -2.75249  1.000 25.46000  ? 42  LEU A O   1 
ATOM   114  C  CB  . LEU A 1 19  ? 4.69703   2.41838   -5.98412  1.000 20.19000  ? 42  LEU A CB  1 
ATOM   115  C  CG  . LEU A 1 19  ? 4.57833   3.32199   -7.21599  1.000 30.25000  ? 42  LEU A CG  1 
ATOM   116  C  CD1 . LEU A 1 19  ? 4.10491   2.50558   -8.40166  1.000 25.72000  ? 42  LEU A CD1 1 
ATOM   117  C  CD2 . LEU A 1 19  ? 3.60927   4.47608   -6.93815  1.000 32.08000  ? 42  LEU A CD2 1 
ATOM   118  N  N   . SER A 1 20  ? 5.77261   1.32107   -3.12803  1.000 26.08000  ? 43  SER A N   1 
ATOM   119  C  CA  . SER A 1 20  ? 5.53228   0.62390   -1.85328  1.000 29.24000  ? 43  SER A CA  1 
ATOM   120  C  C   . SER A 1 20  ? 5.79232   1.52769   -0.65110  1.000 29.71000  ? 43  SER A C   1 
ATOM   121  O  O   . SER A 1 20  ? 5.11840   1.40889   0.38223   1.000 24.72000  ? 43  SER A O   1 
ATOM   122  C  CB  . SER A 1 20  ? 6.42704   -0.60840  -1.73926  1.000 19.21000  ? 43  SER A CB  1 
ATOM   123  O  OG  . SER A 1 20  ? 6.24476   -1.26369  -0.51235  1.000 23.12000  ? 43  SER A OG  1 
ATOM   124  N  N   . ALA A 1 21  ? 6.84349   2.35010   -0.74153  1.000 26.47000  ? 44  ALA A N   1 
ATOM   125  C  CA  . ALA A 1 21  ? 7.13915   3.33084   0.29287   1.000 30.97000  ? 44  ALA A CA  1 
ATOM   126  C  C   . ALA A 1 21  ? 6.07815   4.41454   0.31387   1.000 28.53000  ? 44  ALA A C   1 
ATOM   127  O  O   . ALA A 1 21  ? 5.64199   4.84426   1.38467   1.000 30.13000  ? 44  ALA A O   1 
ATOM   128  C  CB  . ALA A 1 21  ? 8.53049   3.92997   0.06148   1.000 29.45000  ? 44  ALA A CB  1 
ATOM   129  N  N   . PHE A 1 22  ? 5.62804   4.84504   -0.86314  1.000 30.60000  ? 45  PHE A N   1 
ATOM   130  C  CA  . PHE A 1 22  ? 4.55208   5.82398   -0.92415  1.000 29.31000  ? 45  PHE A CA  1 
ATOM   131  C  C   . PHE A 1 22  ? 3.29896   5.30317   -0.22256  1.000 29.60000  ? 45  PHE A C   1 
ATOM   132  O  O   . PHE A 1 22  ? 2.67256   6.01308   0.57848   1.000 25.47000  ? 45  PHE A O   1 
ATOM   133  C  CB  . PHE A 1 22  ? 4.25670   6.17585   -2.38126  1.000 26.55000  ? 45  PHE A CB  1 
ATOM   134  C  CG  . PHE A 1 22  ? 2.96975   6.93027   -2.57089  1.000 28.08000  ? 45  PHE A CG  1 
ATOM   135  C  CD1 . PHE A 1 22  ? 2.90840   8.28596   -2.31450  1.000 28.23000  ? 45  PHE A CD1 1 
ATOM   136  C  CD2 . PHE A 1 22  ? 1.82845   6.28017   -3.00822  1.000 32.30000  ? 45  PHE A CD2 1 
ATOM   137  C  CE1 . PHE A 1 22  ? 1.73418   8.99630   -2.48780  1.000 33.10000  ? 45  PHE A CE1 1 
ATOM   138  C  CE2 . PHE A 1 22  ? 0.64268   6.97443   -3.17908  1.000 28.88000  ? 45  PHE A CE2 1 
ATOM   139  C  CZ  . PHE A 1 22  ? 0.59397   8.34110   -2.91343  1.000 32.57000  ? 45  PHE A CZ  1 
ATOM   140  N  N   . PHE A 1 23  ? 2.92759   4.04851   -0.49547  1.000 25.68000  ? 46  PHE A N   1 
ATOM   141  C  CA  . PHE A 1 23  ? 1.71813   3.50219   0.11574   1.000 26.09000  ? 46  PHE A CA  1 
ATOM   142  C  C   . PHE A 1 23  ? 1.87086   3.31504   1.62431   1.000 26.91000  ? 46  PHE A C   1 
ATOM   143  O  O   . PHE A 1 23  ? 0.94887   3.62227   2.39266   1.000 26.25000  ? 46  PHE A O   1 
ATOM   144  C  CB  . PHE A 1 23  ? 1.35774   2.18425   -0.55090  1.000 26.21000  ? 46  PHE A CB  1 
ATOM   145  C  CG  . PHE A 1 23  ? 0.77956   2.34816   -1.91709  1.000 25.03000  ? 46  PHE A CG  1 
ATOM   146  C  CD1 . PHE A 1 23  ? -0.22954  3.25906   -2.14507  1.000 26.31000  ? 46  PHE A CD1 1 
ATOM   147  C  CD2 . PHE A 1 23  ? 1.27695   1.61064   -2.98879  1.000 25.09000  ? 46  PHE A CD2 1 
ATOM   148  C  CE1 . PHE A 1 23  ? -0.77445  3.41847   -3.41646  1.000 27.39000  ? 46  PHE A CE1 1 
ATOM   149  C  CE2 . PHE A 1 23  ? 0.75842   1.76462   -4.26295  1.000 26.79000  ? 46  PHE A CE2 1 
ATOM   150  C  CZ  . PHE A 1 23  ? -0.27206  2.66899   -4.48956  1.000 27.87000  ? 46  PHE A CZ  1 
ATOM   151  N  N   . SER A 1 24  ? 3.01254   2.79544   2.07484   1.000 25.07000  ? 47  SER A N   1 
ATOM   152  C  CA  . SER A 1 24  ? 3.15978   2.53964   3.50342   1.000 26.11000  ? 47  SER A CA  1 
ATOM   153  C  C   . SER A 1 24  ? 3.31854   3.84390   4.28609   1.000 25.66000  ? 47  SER A C   1 
ATOM   154  O  O   . SER A 1 24  ? 2.74436   4.00104   5.37289   1.000 20.77000  ? 47  SER A O   1 
ATOM   155  C  CB  . SER A 1 24  ? 4.32124   1.57221   3.71229   1.000 26.26000  ? 47  SER A CB  1 
ATOM   156  O  OG  . SER A 1 24  ? 4.02472   0.34712   3.06562   1.000 23.63000  ? 47  SER A OG  1 
ATOM   157  N  N   . ALA A 1 25  ? 4.01639   4.82455   3.71048   1.000 28.11000  ? 48  ALA A N   1 
ATOM   158  C  CA  . ALA A 1 25  ? 4.08857   6.14166   4.33839   1.000 26.98000  ? 48  ALA A CA  1 
ATOM   159  C  C   . ALA A 1 25  ? 2.70985   6.78581   4.42023   1.000 29.64000  ? 48  ALA A C   1 
ATOM   160  O  O   . ALA A 1 25  ? 2.34416   7.34906   5.46006   1.000 23.13000  ? 48  ALA A O   1 
ATOM   161  C  CB  . ALA A 1 25  ? 5.04699   7.05102   3.56600   1.000 24.59000  ? 48  ALA A CB  1 
ATOM   162  N  N   . SER A 1 26  ? 1.92026   6.67950   3.34185   1.000 29.69000  ? 49  SER A N   1 
ATOM   163  C  CA  . SER A 1 26  ? 0.58396   7.26152   3.33885   1.000 27.70000  ? 49  SER A CA  1 
ATOM   164  C  C   . SER A 1 26  ? -0.29312  6.62141   4.39703   1.000 31.34000  ? 49  SER A C   1 
ATOM   165  O  O   . SER A 1 26  ? -1.03587  7.32003   5.10224   1.000 27.15000  ? 49  SER A O   1 
ATOM   166  C  CB  . SER A 1 26  ? -0.06204  7.10578   1.96609   1.000 25.59000  ? 49  SER A CB  1 
ATOM   167  O  OG  . SER A 1 26  ? 0.68461   7.76253   0.96983   1.000 29.75000  ? 49  SER A OG  1 
ATOM   168  N  N   . GLU A 1 27  ? -0.23091  5.29003   4.51597   1.000 26.55000  ? 50  GLU A N   1 
ATOM   169  C  CA  . GLU A 1 27  ? -1.01571  4.60120   5.53616   1.000 30.90000  ? 50  GLU A CA  1 
ATOM   170  C  C   . GLU A 1 27  ? -0.69072  5.14759   6.92028   1.000 31.08000  ? 50  GLU A C   1 
ATOM   171  O  O   . GLU A 1 27  ? -1.59192  5.48462   7.69574   1.000 27.49000  ? 50  GLU A O   1 
ATOM   172  C  CB  . GLU A 1 27  ? -0.75353  3.09167   5.48834   1.000 28.76000  ? 50  GLU A CB  1 
ATOM   173  C  CG  . GLU A 1 27  ? -1.77280  2.25742   6.27073   1.000 33.83000  ? 50  GLU A CG  1 
ATOM   174  C  CD  . GLU A 1 27  ? -1.48303  2.17833   7.76765   1.000 51.99000  ? 50  GLU A CD  1 
ATOM   175  O  OE1 . GLU A 1 27  ? -2.43590  1.93900   8.54873   1.000 57.25000  ? 50  GLU A OE1 1 
ATOM   176  O  OE2 . GLU A 1 27  ? -0.31095  2.36299   8.17055   1.000 52.28000  ? 50  GLU A OE2 1 
ATOM   177  N  N   . THR A 1 28  ? 0.60220   5.24305   7.24304   1.000 28.67000  ? 51  THR A N   1 
ATOM   178  C  CA  . THR A 1 28  ? 0.98617   5.71471   8.56349   1.000 32.70000  ? 51  THR A CA  1 
ATOM   179  C  C   . THR A 1 28  ? 0.59250   7.16981   8.75573   1.000 28.29000  ? 51  THR A C   1 
ATOM   180  O  O   . THR A 1 28  ? 0.03803   7.53602   9.79549   1.000 28.09000  ? 51  THR A O   1 
ATOM   181  C  CB  . THR A 1 28  ? 2.48595   5.52675   8.77968   1.000 28.65000  ? 51  THR A CB  1 
ATOM   182  O  OG1 . THR A 1 28  ? 2.78316   4.13339   8.74450   1.000 28.92000  ? 51  THR A OG1 1 
ATOM   183  C  CG2 . THR A 1 28  ? 2.89484   6.07711   10.13876  1.000 28.47000  ? 51  THR A CG2 1 
ATOM   184  N  N   . ALA A 1 29  ? 0.85803   8.01711   7.75600   1.000 25.67000  ? 52  ALA A N   1 
ATOM   185  C  CA  . ALA A 1 29  ? 0.47446   9.42146   7.87476   1.000 31.11000  ? 52  ALA A CA  1 
ATOM   186  C  C   . ALA A 1 29  ? -1.01972  9.56215   8.13307   1.000 33.20000  ? 52  ALA A C   1 
ATOM   187  O  O   . ALA A 1 29  ? -1.44166  10.33150  9.00409   1.000 31.54000  ? 52  ALA A O   1 
ATOM   188  C  CB  . ALA A 1 29  ? 0.87111   10.17988  6.60790   1.000 34.04000  ? 52  ALA A CB  1 
ATOM   189  N  N   . ILE A 1 30  ? -1.83852  8.81682   7.39422   1.000 31.83000  ? 53  ILE A N   1 
ATOM   190  C  CA  . ILE A 1 30  ? -3.28437  8.95255   7.52552   1.000 34.71000  ? 53  ILE A CA  1 
ATOM   191  C  C   . ILE A 1 30  ? -3.74039  8.49766   8.90444   1.000 33.43000  ? 53  ILE A C   1 
ATOM   192  O  O   . ILE A 1 30  ? -4.47208  9.21356   9.60093   1.000 35.26000  ? 53  ILE A O   1 
ATOM   193  C  CB  . ILE A 1 30  ? -3.99435  8.16977   6.40894   1.000 28.27000  ? 53  ILE A CB  1 
ATOM   194  C  CG1 . ILE A 1 30  ? -3.86592  8.91635   5.07959   1.000 31.11000  ? 53  ILE A CG1 1 
ATOM   195  C  CG2 . ILE A 1 30  ? -5.44657  7.92144   6.78832   1.000 40.44000  ? 53  ILE A CG2 1 
ATOM   196  C  CD1 . ILE A 1 30  ? -4.14054  8.04520   3.85640   1.000 33.15000  ? 53  ILE A CD1 1 
ATOM   197  N  N   . THR A 1 31  ? -3.31193  7.30355   9.32166   1.000 30.75000  ? 54  THR A N   1 
ATOM   198  C  CA  . THR A 1 31  ? -3.80686  6.75512   10.57712  1.000 33.12000  ? 54  THR A CA  1 
ATOM   199  C  C   . THR A 1 31  ? -3.31377  7.54400   11.78471  1.000 34.11000  ? 54  THR A C   1 
ATOM   200  O  O   . THR A 1 31  ? -4.03719  7.64810   12.78380  1.000 32.93000  ? 54  THR A O   1 
ATOM   201  C  CB  . THR A 1 31  ? -3.41468  5.27951   10.70877  1.000 35.85000  ? 54  THR A CB  1 
ATOM   202  O  OG1 . THR A 1 31  ? -1.99075  5.13624   10.63417  1.000 34.16000  ? 54  THR A OG1 1 
ATOM   203  C  CG2 . THR A 1 31  ? -4.05932  4.46063   9.59793   1.000 35.06000  ? 54  THR A CG2 1 
ATOM   204  N  N   . THR A 1 32  ? -2.10491  8.11713   11.72323  1.000 32.04000  ? 55  THR A N   1 
ATOM   205  C  CA  . THR A 1 32  ? -1.61475  8.85657   12.88461  1.000 37.11000  ? 55  THR A CA  1 
ATOM   206  C  C   . THR A 1 32  ? -2.27786  10.22499  13.01402  1.000 40.94000  ? 55  THR A C   1 
ATOM   207  O  O   . THR A 1 32  ? -2.26867  10.80801  14.10543  1.000 40.54000  ? 55  THR A O   1 
ATOM   208  C  CB  . THR A 1 32  ? -0.08534  9.01563   12.84862  1.000 37.15000  ? 55  THR A CB  1 
ATOM   209  O  OG1 . THR A 1 32  ? 0.30679   9.84664   11.75448  1.000 40.11000  ? 55  THR A OG1 1 
ATOM   210  C  CG2 . THR A 1 32  ? 0.62321   7.66392   12.71696  1.000 38.01000  ? 55  THR A CG2 1 
ATOM   211  N  N   . LEU A 1 33  ? -2.84731  10.74859  11.92863  1.000 35.21000  ? 56  LEU A N   1 
ATOM   212  C  CA  . LEU A 1 33  ? -3.62999  11.96874  12.01330  1.000 38.18000  ? 56  LEU A CA  1 
ATOM   213  C  C   . LEU A 1 33  ? -5.04956  11.71244  12.49850  1.000 41.51000  ? 56  LEU A C   1 
ATOM   214  O  O   . LEU A 1 33  ? -5.66347  12.61246  13.07977  1.000 39.18000  ? 56  LEU A O   1 
ATOM   215  C  CB  . LEU A 1 33  ? -3.66329  12.66346  10.65006  1.000 35.98000  ? 56  LEU A CB  1 
ATOM   216  C  CG  . LEU A 1 33  ? -2.29622  13.22175  10.24244  1.000 32.80000  ? 56  LEU A CG  1 
ATOM   217  C  CD1 . LEU A 1 33  ? -2.30181  13.75308  8.81504   1.000 33.76000  ? 56  LEU A CD1 1 
ATOM   218  C  CD2 . LEU A 1 33  ? -1.83408  14.28817  11.23168  1.000 38.70000  ? 56  LEU A CD2 1 
ATOM   219  N  N   . TYR A 1 34  ? -5.56756  10.50116  12.31127  1.000 37.75000  ? 57  TYR A N   1 
ATOM   220  C  CA  . TYR A 1 34  ? -6.95858  10.10968  12.53544  1.000 45.81000  ? 57  TYR A CA  1 
ATOM   221  C  C   . TYR A 1 34  ? -7.20115  9.77269   14.00726  1.000 48.99000  ? 57  TYR A C   1 
ATOM   222  O  O   . TYR A 1 34  ? -6.38454  9.08586   14.62849  1.000 46.43000  ? 57  TYR A O   1 
ATOM   223  C  CB  . TYR A 1 34  ? -7.31334  8.90602   11.66058  1.000 46.26000  ? 57  TYR A CB  1 
ATOM   224  C  CG  . TYR A 1 34  ? -8.73729  8.41802   11.79535  1.000 46.29000  ? 57  TYR A CG  1 
ATOM   225  C  CD1 . TYR A 1 34  ? -9.76363  9.01434   11.08425  1.000 49.55000  ? 57  TYR A CD1 1 
ATOM   226  C  CD2 . TYR A 1 34  ? -9.04152  7.34536   12.61659  1.000 48.34000  ? 57  TYR A CD2 1 
ATOM   227  C  CE1 . TYR A 1 34  ? -11.06788 8.56327   11.20484  1.000 60.94000  ? 57  TYR A CE1 1 
ATOM   228  C  CE2 . TYR A 1 34  ? -10.33018 6.88378   12.74209  1.000 56.10000  ? 57  TYR A CE2 1 
ATOM   229  C  CZ  . TYR A 1 34  ? -11.34118 7.49475   12.04074  1.000 60.58000  ? 57  TYR A CZ  1 
ATOM   230  O  OH  . TYR A 1 34  ? -12.63040 7.02804   12.17312  1.000 77.82000  ? 57  TYR A OH  1 
ATOM   231  N  N   . PRO A 1 35  ? -8.31519  10.23291  14.60654  1.000 48.01000  ? 58  PRO A N   1 
ATOM   232  C  CA  . PRO A 1 35  ? -9.36392  11.03087  13.96841  1.000 48.06000  ? 58  PRO A CA  1 
ATOM   233  C  C   . PRO A 1 35  ? -9.28749  12.52730  14.24389  1.000 42.06000  ? 58  PRO A C   1 
ATOM   234  O  O   . PRO A 1 35  ? -9.74833  13.31132  13.41928  1.000 38.89000  ? 58  PRO A O   1 
ATOM   235  C  CB  . PRO A 1 35  ? -10.63643 10.46008  14.59003  1.000 52.29000  ? 58  PRO A CB  1 
ATOM   236  C  CG  . PRO A 1 35  ? -10.21934 10.14289  16.00016  1.000 47.33000  ? 58  PRO A CG  1 
ATOM   237  C  CD  . PRO A 1 35  ? -8.72595  9.79623   15.95465  1.000 47.22000  ? 58  PRO A CD  1 
ATOM   238  N  N   . TRP A 1 36  ? -8.69859  12.91166  15.37806  1.000 45.49000  ? 59  TRP A N   1 
ATOM   239  C  CA  . TRP A 1 36  ? -8.87798  14.27011  15.88236  1.000 47.14000  ? 59  TRP A CA  1 
ATOM   240  C  C   . TRP A 1 36  ? -8.14720  15.29358  15.01770  1.000 43.05000  ? 59  TRP A C   1 
ATOM   241  O  O   . TRP A 1 36  ? -8.72434  16.32110  14.63885  1.000 41.89000  ? 59  TRP A O   1 
ATOM   242  C  CB  . TRP A 1 36  ? -8.41758  14.35095  17.33906  1.000 46.94000  ? 59  TRP A CB  1 
ATOM   243  C  CG  . TRP A 1 36  ? -9.32079  13.62761  18.31367  1.000 56.42000  ? 59  TRP A CG  1 
ATOM   244  C  CD1 . TRP A 1 36  ? -9.05725  12.45073  18.96176  1.000 54.38000  ? 59  TRP A CD1 1 
ATOM   245  C  CD2 . TRP A 1 36  ? -10.62797 14.04173  18.75438  1.000 60.48000  ? 59  TRP A CD2 1 
ATOM   246  N  NE1 . TRP A 1 36  ? -10.11505 12.10904  19.77143  1.000 65.77000  ? 59  TRP A NE1 1 
ATOM   247  C  CE2 . TRP A 1 36  ? -11.09137 13.06653  19.66447  1.000 70.02000  ? 59  TRP A CE2 1 
ATOM   248  C  CE3 . TRP A 1 36  ? -11.44816 15.14138  18.46763  1.000 56.12000  ? 59  TRP A CE3 1 
ATOM   249  C  CZ2 . TRP A 1 36  ? -12.33721 13.15927  20.29238  1.000 67.14000  ? 59  TRP A CZ2 1 
ATOM   250  C  CZ3 . TRP A 1 36  ? -12.68939 15.23128  19.09337  1.000 52.41000  ? 59  TRP A CZ3 1 
ATOM   251  C  CH2 . TRP A 1 36  ? -13.12044 14.24387  19.99000  1.000 60.47000  ? 59  TRP A CH2 1 
ATOM   252  N  N   . LYS A 1 37  ? -6.87398  15.04030  14.68643  1.000 38.31000  ? 60  LYS A N   1 
ATOM   253  C  CA  . LYS A 1 37  ? -6.14425  16.03956  13.90860  1.000 40.62000  ? 60  LYS A CA  1 
ATOM   254  C  C   . LYS A 1 37  ? -6.63478  16.09809  12.46445  1.000 38.94000  ? 60  LYS A C   1 
ATOM   255  O  O   . LYS A 1 37  ? -6.63632  17.17352  11.84906  1.000 37.33000  ? 60  LYS A O   1 
ATOM   256  C  CB  . LYS A 1 37  ? -4.64552  15.76687  13.95926  1.000 42.44000  ? 60  LYS A CB  1 
ATOM   257  C  CG  . LYS A 1 37  ? -3.80980  16.78266  13.19742  1.000 40.27000  ? 60  LYS A CG  1 
ATOM   258  C  CD  . LYS A 1 37  ? -3.96632  18.17669  13.77835  1.000 46.34000  ? 60  LYS A CD  1 
ATOM   259  C  CE  . LYS A 1 37  ? -2.78766  19.04600  13.37972  1.000 52.21000  ? 60  LYS A CE  1 
ATOM   260  N  NZ  . LYS A 1 37  ? -2.86182  20.40801  13.97461  1.000 65.23000  ? 60  LYS A NZ  1 
ATOM   261  N  N   . LEU A 1 38  ? -7.07670  14.96459  11.91544  1.000 44.25000  ? 61  LEU A N   1 
ATOM   262  C  CA  . LEU A 1 38  ? -7.64075  14.96540  10.56769  1.000 43.63000  ? 61  LEU A CA  1 
ATOM   263  C  C   . LEU A 1 38  ? -8.88922  15.84163  10.49643  1.000 43.15000  ? 61  LEU A C   1 
ATOM   264  O  O   . LEU A 1 38  ? -9.06380  16.60892  9.54119   1.000 36.46000  ? 61  LEU A O   1 
ATOM   265  C  CB  . LEU A 1 38  ? -7.95212  13.52898  10.13723  1.000 40.10000  ? 61  LEU A CB  1 
ATOM   266  C  CG  . LEU A 1 38  ? -7.88901  13.15420  8.65282   1.000 48.64000  ? 61  LEU A CG  1 
ATOM   267  C  CD1 . LEU A 1 38  ? -6.52724  13.49780  8.05372   1.000 38.03000  ? 61  LEU A CD1 1 
ATOM   268  C  CD2 . LEU A 1 38  ? -8.21208  11.67057  8.46189   1.000 38.76000  ? 61  LEU A CD2 1 
ATOM   269  N  N   . LYS A 1 39  ? -9.76534  15.75596  11.50313  1.000 44.65000  ? 62  LYS A N   1 
ATOM   270  C  CA  . LYS A 1 39  ? -10.96526 16.59253  11.48941  1.000 43.75000  ? 62  LYS A CA  1 
ATOM   271  C  C   . LYS A 1 39  ? -10.60668 18.07310  11.53844  1.000 42.01000  ? 62  LYS A C   1 
ATOM   272  O  O   . LYS A 1 39  ? -11.15628 18.87423  10.77517  1.000 40.61000  ? 62  LYS A O   1 
ATOM   273  C  CB  . LYS A 1 39  ? -11.89572 16.22043  12.64363  1.000 43.31000  ? 62  LYS A CB  1 
ATOM   274  C  CG  . LYS A 1 39  ? -12.33324 14.76297  12.62619  1.000 51.36000  ? 62  LYS A CG  1 
ATOM   275  C  CD  . LYS A 1 39  ? -12.69893 14.32210  11.20735  1.000 56.71000  ? 62  LYS A CD  1 
ATOM   276  C  CE  . LYS A 1 39  ? -13.07280 12.84415  11.14550  1.000 68.94000  ? 62  LYS A CE  1 
ATOM   277  N  NZ  . LYS A 1 39  ? -11.87565 11.94730  11.23784  1.000 61.53000  ? 62  LYS A NZ  1 
ATOM   278  N  N   . GLU A 1 40  ? -9.66023  18.45157  12.40075  1.000 41.00000  ? 63  GLU A N   1 
ATOM   279  C  CA  . GLU A 1 40  ? -9.24598  19.85051  12.50257  1.000 39.69000  ? 63  GLU A CA  1 
ATOM   280  C  C   . GLU A 1 40  ? -8.69848  20.37790  11.18639  1.000 43.67000  ? 63  GLU A C   1 
ATOM   281  O  O   . GLU A 1 40  ? -9.02168  21.50177  10.77566  1.000 42.96000  ? 63  GLU A O   1 
ATOM   282  C  CB  . GLU A 1 40  ? -8.20130  20.01296  13.60668  1.000 40.60000  ? 63  GLU A CB  1 
ATOM   283  C  CG  . GLU A 1 40  ? -8.83400  20.04803  14.97399  1.000 45.61000  ? 63  GLU A CG  1 
ATOM   284  C  CD  . GLU A 1 40  ? -9.82049  21.18385  15.08735  1.000 39.44000  ? 63  GLU A CD  1 
ATOM   285  O  OE1 . GLU A 1 40  ? -9.37105  22.34411  15.15342  1.000 47.21000  ? 63  GLU A OE1 1 
ATOM   286  O  OE2 . GLU A 1 40  ? -11.04014 20.91757  15.07900  1.000 44.94000  ? 63  GLU A OE2 1 
ATOM   287  N  N   . LEU A 1 41  ? -7.83435  19.59967  10.53406  1.000 39.11000  ? 64  LEU A N   1 
ATOM   288  C  CA  . LEU A 1 41  ? -7.38186  19.97106  9.20356   1.000 42.75000  ? 64  LEU A CA  1 
ATOM   289  C  C   . LEU A 1 41  ? -8.54097  19.99770  8.21670   1.000 42.06000  ? 64  LEU A C   1 
ATOM   290  O  O   . LEU A 1 41  ? -8.56323  20.83814  7.31849   1.000 44.79000  ? 64  LEU A O   1 
ATOM   291  C  CB  . LEU A 1 41  ? -6.29895  19.00013  8.73950   1.000 43.42000  ? 64  LEU A CB  1 
ATOM   292  C  CG  . LEU A 1 41  ? -5.04766  19.04321  9.62490   1.000 44.56000  ? 64  LEU A CG  1 
ATOM   293  C  CD1 . LEU A 1 41  ? -4.18112  17.80918  9.40861   1.000 43.99000  ? 64  LEU A CD1 1 
ATOM   294  C  CD2 . LEU A 1 41  ? -4.25995  20.32785  9.39113   1.000 44.75000  ? 64  LEU A CD2 1 
ATOM   295  N  N   . ALA A 1 42  ? -9.51661  19.09916  8.38065   1.000 38.44000  ? 65  ALA A N   1 
ATOM   296  C  CA  . ALA A 1 42  ? -10.63678 19.02483  7.44690   1.000 44.81000  ? 65  ALA A CA  1 
ATOM   297  C  C   . ALA A 1 42  ? -11.57840 20.21959  7.56758   1.000 57.92000  ? 65  ALA A C   1 
ATOM   298  O  O   . ALA A 1 42  ? -12.14624 20.65704  6.55872   1.000 70.56000  ? 65  ALA A O   1 
ATOM   299  C  CB  . ALA A 1 42  ? -11.41801 17.73043  7.66299   1.000 41.71000  ? 65  ALA A CB  1 
ATOM   300  N  N   . GLU A 1 43  ? -11.77808 20.74918  8.77786   1.000 45.13000  ? 66  GLU A N   1 
ATOM   301  C  CA  . GLU A 1 43  ? -12.67057 21.89783  8.93169   1.000 59.08000  ? 66  GLU A CA  1 
ATOM   302  C  C   . GLU A 1 43  ? -12.02126 23.18384  8.43766   1.000 67.37000  ? 66  GLU A C   1 
ATOM   303  O  O   . GLU A 1 43  ? -12.71684 24.07662  7.93540   1.000 65.01000  ? 66  GLU A O   1 
ATOM   304  C  CB  . GLU A 1 43  ? -13.09822 22.03708  10.39199  1.000 56.39000  ? 66  GLU A CB  1 
ATOM   305  C  CG  . GLU A 1 43  ? -11.95114 21.95481  11.33933  1.000 53.05000  ? 66  GLU A CG  1 
ATOM   306  C  CD  . GLU A 1 43  ? -12.21626 22.66163  12.62843  1.000 49.41000  ? 66  GLU A CD  1 
ATOM   307  O  OE1 . GLU A 1 43  ? -13.16740 22.25299  13.32280  1.000 47.71000  ? 66  GLU A OE1 1 
ATOM   308  O  OE2 . GLU A 1 43  ? -11.48424 23.62340  12.93126  1.000 52.75000  ? 66  GLU A OE2 1 
ATOM   309  N  N   . SER A 1 44  ? -10.70680 23.30403  8.59173   1.000 72.62000  ? 67  SER A N   1 
ATOM   310  C  CA  . SER A 1 44  ? -9.95510  24.19474  7.73006   1.000 79.94000  ? 67  SER A CA  1 
ATOM   311  C  C   . SER A 1 44  ? -9.87256  23.57872  6.32974   1.000 94.16000  ? 67  SER A C   1 
ATOM   312  O  O   . SER A 1 44  ? -10.17017 22.40034  6.12167   1.000 95.81000  ? 67  SER A O   1 
ATOM   313  C  CB  . SER A 1 44  ? -8.56393  24.45055  8.30977   1.000 75.99000  ? 67  SER A CB  1 
ATOM   314  O  OG  . SER A 1 44  ? -7.78799  25.26331  7.44695   1.000 88.77000  ? 67  SER A OG  1 
ATOM   315  N  N   . LYS A 1 45  ? -9.49902  24.39726  5.35362   1.000 98.75000  ? 68  LYS A N   1 
ATOM   316  C  CA  . LYS A 1 45  ? -9.42264  23.96110  3.96536   1.000 94.13000  ? 68  LYS A CA  1 
ATOM   317  C  C   . LYS A 1 45  ? -8.16012  24.57644  3.37535   1.000 104.09000 ? 68  LYS A C   1 
ATOM   318  O  O   . LYS A 1 45  ? -7.62061  25.53446  3.93444   1.000 120.25000 ? 68  LYS A O   1 
ATOM   319  C  CB  . LYS A 1 45  ? -10.69523 24.37117  3.20474   1.000 91.97000  ? 68  LYS A CB  1 
ATOM   320  N  N   . ASN A 1 46  ? -7.66001  24.04371  2.25376   1.000 102.42000 ? 69  ASN A N   1 
ATOM   321  C  CA  . ASN A 1 46  ? -8.24456  23.01334  1.39586   1.000 92.93000  ? 69  ASN A CA  1 
ATOM   322  C  C   . ASN A 1 46  ? -7.08490  22.15147  0.87797   1.000 89.42000  ? 69  ASN A C   1 
ATOM   323  O  O   . ASN A 1 46  ? -5.92222  22.45651  1.16254   1.000 86.98000  ? 69  ASN A O   1 
ATOM   324  C  CB  . ASN A 1 46  ? -9.00708  23.67497  0.23414   1.000 93.75000  ? 69  ASN A CB  1 
ATOM   325  C  CG  . ASN A 1 46  ? -10.25940 22.91242  -0.17159  1.000 101.83000 ? 69  ASN A CG  1 
ATOM   326  O  OD1 . ASN A 1 46  ? -11.05254 22.49272  0.67441   1.000 98.84000  ? 69  ASN A OD1 1 
ATOM   327  N  ND2 . ASN A 1 46  ? -10.43341 22.71562  -1.47715  1.000 102.19000 ? 69  ASN A ND2 1 
ATOM   328  N  N   . GLY A 1 47  ? -7.36339  21.04362  0.19315   1.000 80.39000  ? 70  GLY A N   1 
ATOM   329  C  CA  . GLY A 1 47  ? -8.61036  20.30643  0.27853   1.000 71.80000  ? 70  GLY A CA  1 
ATOM   330  C  C   . GLY A 1 47  ? -8.55881  18.81483  0.58358   1.000 55.41000  ? 70  GLY A C   1 
ATOM   331  O  O   . GLY A 1 47  ? -9.61439  18.20458  0.76083   1.000 51.56000  ? 70  GLY A O   1 
ATOM   332  N  N   . PRO A 1 48  ? -7.36476  18.21297  0.66637   1.000 38.69000  ? 71  PRO A N   1 
ATOM   333  C  CA  . PRO A 1 48  ? -7.32720  16.75248  0.77753   1.000 49.33000  ? 71  PRO A CA  1 
ATOM   334  C  C   . PRO A 1 48  ? -7.85396  16.23761  2.10391   1.000 46.37000  ? 71  PRO A C   1 
ATOM   335  O  O   . PRO A 1 48  ? -8.31699  15.09177  2.16778   1.000 41.60000  ? 71  PRO A O   1 
ATOM   336  C  CB  . PRO A 1 48  ? -5.83126  16.43109  0.62312   1.000 44.07000  ? 71  PRO A CB  1 
ATOM   337  C  CG  . PRO A 1 48  ? -5.14166  17.72664  0.39570   1.000 48.93000  ? 71  PRO A CG  1 
ATOM   338  C  CD  . PRO A 1 48  ? -6.02636  18.75319  0.96011   1.000 49.81000  ? 71  PRO A CD  1 
ATOM   339  N  N   . PHE A 1 49  ? -7.78624  17.04108  3.16930   1.000 43.70000  ? 72  PHE A N   1 
ATOM   340  C  CA  . PHE A 1 49  ? -8.01861  16.49486  4.50067   1.000 36.27000  ? 72  PHE A CA  1 
ATOM   341  C  C   . PHE A 1 49  ? -9.49295  16.19634  4.72930   1.000 35.90000  ? 72  PHE A C   1 
ATOM   342  O  O   . PHE A 1 49  ? -9.83367  15.20524  5.38669   1.000 35.41000  ? 72  PHE A O   1 
ATOM   343  C  CB  . PHE A 1 49  ? -7.46745  17.45600  5.55410   1.000 39.24000  ? 72  PHE A CB  1 
ATOM   344  C  CG  . PHE A 1 49  ? -5.96788  17.57836  5.52474   1.000 39.09000  ? 72  PHE A CG  1 
ATOM   345  C  CD1 . PHE A 1 49  ? -5.16642  16.48477  5.79193   1.000 41.84000  ? 72  PHE A CD1 1 
ATOM   346  C  CD2 . PHE A 1 49  ? -5.36493  18.78309  5.22272   1.000 48.50000  ? 72  PHE A CD2 1 
ATOM   347  C  CE1 . PHE A 1 49  ? -3.78428  16.59203  5.76415   1.000 43.32000  ? 72  PHE A CE1 1 
ATOM   348  C  CE2 . PHE A 1 49  ? -3.98938  18.90039  5.19275   1.000 43.95000  ? 72  PHE A CE2 1 
ATOM   349  C  CZ  . PHE A 1 49  ? -3.19457  17.80040  5.46290   1.000 43.76000  ? 72  PHE A CZ  1 
ATOM   350  N  N   . ARG A 1 50  ? -10.38222 17.03971  4.19991   1.000 33.81000  ? 73  ARG A N   1 
ATOM   351  C  CA  . ARG A 1 50  ? -11.80946 16.72116  4.23576   1.000 46.13000  ? 73  ARG A CA  1 
ATOM   352  C  C   . ARG A 1 50  ? -12.10641 15.44673  3.45515   1.000 34.59000  ? 73  ARG A C   1 
ATOM   353  O  O   . ARG A 1 50  ? -12.87145 14.59055  3.91290   1.000 40.17000  ? 73  ARG A O   1 
ATOM   354  C  CB  . ARG A 1 50  ? -12.63146 17.88388  3.67354   1.000 44.45000  ? 73  ARG A CB  1 
ATOM   355  C  CG  . ARG A 1 50  ? -14.11741 17.78134  3.95201   1.000 56.76000  ? 73  ARG A CG  1 
ATOM   356  C  CD  . ARG A 1 50  ? -14.92725 17.98100  2.67727   1.000 67.34000  ? 73  ARG A CD  1 
ATOM   357  N  NE  . ARG A 1 50  ? -15.22129 16.70719  2.01838   1.000 77.94000  ? 73  ARG A NE  1 
ATOM   358  C  CZ  . ARG A 1 50  ? -14.68902 16.30530  0.86445   1.000 75.29000  ? 73  ARG A CZ  1 
ATOM   359  N  NH1 . ARG A 1 50  ? -13.82451 17.08446  0.22306   1.000 66.64000  ? 73  ARG A NH1 1 
ATOM   360  N  NH2 . ARG A 1 50  ? -15.02321 15.12232  0.35073   1.000 56.71000  ? 73  ARG A NH2 1 
ATOM   361  N  N   . LEU A 1 51  ? -11.52214 15.32040  2.26407   1.000 41.45000  ? 74  LEU A N   1 
ATOM   362  C  CA  . LEU A 1 51  ? -11.61615 14.07940  1.50363   1.000 40.55000  ? 74  LEU A CA  1 
ATOM   363  C  C   . LEU A 1 51  ? -11.18374 12.89079  2.35436   1.000 36.68000  ? 74  LEU A C   1 
ATOM   364  O  O   . LEU A 1 51  ? -11.94119 11.92810  2.52773   1.000 35.86000  ? 74  LEU A O   1 
ATOM   365  C  CB  . LEU A 1 51  ? -10.75949 14.19458  0.24336   1.000 40.02000  ? 74  LEU A CB  1 
ATOM   366  C  CG  . LEU A 1 51  ? -10.81292 13.05768  -0.78051  1.000 38.53000  ? 74  LEU A CG  1 
ATOM   367  C  CD1 . LEU A 1 51  ? -12.20927 12.91113  -1.36175  1.000 43.98000  ? 74  LEU A CD1 1 
ATOM   368  C  CD2 . LEU A 1 51  ? -9.79705  13.33231  -1.87227  1.000 41.83000  ? 74  LEU A CD2 1 
ATOM   369  N  N   . LEU A 1 52  ? -9.98315  12.97230  2.93690   1.000 33.66000  ? 75  LEU A N   1 
ATOM   370  C  CA  . LEU A 1 52  ? -9.47383  11.89398  3.78681   1.000 36.37000  ? 75  LEU A CA  1 
ATOM   371  C  C   . LEU A 1 52  ? -10.40041 11.63237  4.96998   1.000 37.49000  ? 75  LEU A C   1 
ATOM   372  O  O   . LEU A 1 52  ? -10.77267 10.48493  5.23620   1.000 36.01000  ? 75  LEU A O   1 
ATOM   373  C  CB  . LEU A 1 52  ? -8.06987  12.23416  4.29524   1.000 35.18000  ? 75  LEU A CB  1 
ATOM   374  C  CG  . LEU A 1 52  ? -6.86651  12.25171  3.34440   1.000 36.92000  ? 75  LEU A CG  1 
ATOM   375  C  CD1 . LEU A 1 52  ? -5.66270  12.78063  4.09002   1.000 33.58000  ? 75  LEU A CD1 1 
ATOM   376  C  CD2 . LEU A 1 52  ? -6.56928  10.87281  2.75785   1.000 31.09000  ? 75  LEU A CD2 1 
ATOM   377  N  N   . ALA A 1 53  ? -10.77420 12.69055  5.70160   1.000 35.23000  ? 76  ALA A N   1 
ATOM   378  C  CA  . ALA A 1 53  ? -11.56683 12.50838  6.91444   1.000 37.00000  ? 76  ALA A CA  1 
ATOM   379  C  C   . ALA A 1 53  ? -12.90081 11.83843  6.61646   1.000 38.21000  ? 76  ALA A C   1 
ATOM   380  O  O   . ALA A 1 53  ? -13.35527 10.98204  7.38018   1.000 42.93000  ? 76  ALA A O   1 
ATOM   381  C  CB  . ALA A 1 53  ? -11.79310 13.85420  7.61403   1.000 32.87000  ? 76  ALA A CB  1 
ATOM   382  N  N   . GLU A 1 54  ? -13.52958 12.19180  5.49596   1.000 33.63000  ? 77  GLU A N   1 
ATOM   383  C  CA  . GLU A 1 54  ? -14.87720 11.71535  5.22469   1.000 41.99000  ? 77  GLU A CA  1 
ATOM   384  C  C   . GLU A 1 54  ? -14.92312 10.26958  4.75337   1.000 43.32000  ? 77  GLU A C   1 
ATOM   385  O  O   . GLU A 1 54  ? -15.97057 9.62749   4.87942   1.000 50.65000  ? 77  GLU A O   1 
ATOM   386  C  CB  . GLU A 1 54  ? -15.55280 12.62621  4.19301   1.000 50.50000  ? 77  GLU A CB  1 
ATOM   387  C  CG  . GLU A 1 54  ? -15.94542 13.98918  4.76780   1.000 61.63000  ? 77  GLU A CG  1 
ATOM   388  C  CD  . GLU A 1 54  ? -16.69721 14.87042  3.77782   1.000 75.95000  ? 77  GLU A CD  1 
ATOM   389  O  OE1 . GLU A 1 54  ? -16.83817 14.48045  2.59894   1.000 79.16000  ? 77  GLU A OE1 1 
ATOM   390  O  OE2 . GLU A 1 54  ? -17.13187 15.97235  4.17394   1.000 86.98000  ? 77  GLU A OE2 1 
ATOM   391  N  N   . ASP A 1 55  ? -13.83006 9.72596   4.23068   1.000 44.52000  ? 78  ASP A N   1 
ATOM   392  C  CA  . ASP A 1 55  ? -13.90651 8.35986   3.73757   1.000 37.25000  ? 78  ASP A CA  1 
ATOM   393  C  C   . ASP A 1 55  ? -12.57645 7.65062   3.95928   1.000 36.65000  ? 78  ASP A C   1 
ATOM   394  O  O   . ASP A 1 55  ? -11.93850 7.15219   3.03831   1.000 31.43000  ? 78  ASP A O   1 
ATOM   395  C  CB  . ASP A 1 55  ? -14.31986 8.35153   2.26637   1.000 40.17000  ? 78  ASP A CB  1 
ATOM   396  C  CG  . ASP A 1 55  ? -14.85352 7.00846   1.83446   1.000 43.11000  ? 78  ASP A CG  1 
ATOM   397  O  OD1 . ASP A 1 55  ? -14.83399 6.06539   2.66925   1.000 43.01000  ? 78  ASP A OD1 1 
ATOM   398  O  OD2 . ASP A 1 55  ? -15.27862 6.89452   0.66865   1.000 41.74000  ? 78  ASP A OD2 1 
ATOM   399  N  N   . ILE A 1 56  ? -12.16513 7.56462   5.22205   1.000 33.65000  ? 79  ILE A N   1 
ATOM   400  C  CA  . ILE A 1 56  ? -10.85757 6.99247   5.50265   1.000 34.65000  ? 79  ILE A CA  1 
ATOM   401  C  C   . ILE A 1 56  ? -10.80809 5.52696   5.06705   1.000 33.22000  ? 79  ILE A C   1 
ATOM   402  O  O   . ILE A 1 56  ? -9.75353  5.03474   4.67357   1.000 33.27000  ? 79  ILE A O   1 
ATOM   403  C  CB  . ILE A 1 56  ? -10.49840 7.18599   6.98842   1.000 38.85000  ? 79  ILE A CB  1 
ATOM   404  C  CG1 . ILE A 1 56  ? -9.01660  6.86806   7.21943   1.000 37.55000  ? 79  ILE A CG1 1 
ATOM   405  C  CG2 . ILE A 1 56  ? -11.36489 6.31424   7.86166   1.000 43.94000  ? 79  ILE A CG2 1 
ATOM   406  C  CD1 . ILE A 1 56  ? -8.56269  6.99981   8.63102   1.000 49.28000  ? 79  ILE A CD1 1 
ATOM   407  N  N   . THR A 1 57  ? -11.94970 4.82848   5.04530   1.000 30.64000  ? 80  THR A N   1 
ATOM   408  C  CA  . THR A 1 57  ? -11.93691 3.41413   4.67590   1.000 33.25000  ? 80  THR A CA  1 
ATOM   409  C  C   . THR A 1 57  ? -11.57490 3.22352   3.20496   1.000 31.49000  ? 80  THR A C   1 
ATOM   410  O  O   . THR A 1 57  ? -10.87110 2.26931   2.84715   1.000 29.03000  ? 80  THR A O   1 
ATOM   411  C  CB  . THR A 1 57  ? -13.29616 2.77798   4.96837   1.000 41.05000  ? 80  THR A CB  1 
ATOM   412  O  OG1 . THR A 1 57  ? -13.55355 2.82255   6.38223   1.000 44.05000  ? 80  THR A OG1 1 
ATOM   413  C  CG2 . THR A 1 57  ? -13.30861 1.33269   4.49056   1.000 32.22000  ? 80  THR A CG2 1 
ATOM   414  N  N   . ARG A 1 58  ? -12.04963 4.11663   2.34264   1.000 28.00000  ? 81  ARG A N   1 
ATOM   415  C  CA  . ARG A 1 58  ? -11.65380 4.07515   0.94000   1.000 34.07000  ? 81  ARG A CA  1 
ATOM   416  C  C   . ARG A 1 58  ? -10.14417 4.20958   0.79990   1.000 28.57000  ? 81  ARG A C   1 
ATOM   417  O  O   . ARG A 1 58  ? -9.51374  3.51852   -0.01348  1.000 26.26000  ? 81  ARG A O   1 
ATOM   418  C  CB  . ARG A 1 58  ? -12.36906 5.18839   0.16631   1.000 31.98000  ? 81  ARG A CB  1 
ATOM   419  C  CG  . ARG A 1 58  ? -11.75645 5.52076   -1.19794  1.000 26.90000  ? 81  ARG A CG  1 
ATOM   420  C  CD  . ARG A 1 58  ? -12.49318 6.67600   -1.87408  1.000 36.49000  ? 81  ARG A CD  1 
ATOM   421  N  NE  . ARG A 1 58  ? -13.89293 6.32601   -2.05175  1.000 37.04000  ? 81  ARG A NE  1 
ATOM   422  C  CZ  . ARG A 1 58  ? -14.40491 5.82818   -3.17307  1.000 40.51000  ? 81  ARG A CZ  1 
ATOM   423  N  NH1 . ARG A 1 58  ? -13.64024 5.65218   -4.24490  1.000 37.54000  ? 81  ARG A NH1 1 
ATOM   424  N  NH2 . ARG A 1 58  ? -15.69013 5.51560   -3.22011  1.000 46.78000  ? 81  ARG A NH2 1 
ATOM   425  N  N   . PHE A 1 59  ? -9.54432  5.08922   1.59176   1.000 28.39000  ? 82  PHE A N   1 
ATOM   426  C  CA  . PHE A 1 59  ? -8.11889  5.33512   1.43468   1.000 30.99000  ? 82  PHE A CA  1 
ATOM   427  C  C   . PHE A 1 59  ? -7.29147  4.17573   1.95853   1.000 29.33000  ? 82  PHE A C   1 
ATOM   428  O  O   . PHE A 1 59  ? -6.34702  3.74724   1.29411   1.000 25.88000  ? 82  PHE A O   1 
ATOM   429  C  CB  . PHE A 1 59  ? -7.74029  6.64808   2.10550   1.000 24.92000  ? 82  PHE A CB  1 
ATOM   430  C  CG  . PHE A 1 59  ? -8.18323  7.83160   1.32413   1.000 29.33000  ? 82  PHE A CG  1 
ATOM   431  C  CD1 . PHE A 1 59  ? -9.44801  8.37455   1.51031   1.000 31.05000  ? 82  PHE A CD1 1 
ATOM   432  C  CD2 . PHE A 1 59  ? -7.36467  8.36885   0.35224   1.000 30.55000  ? 82  PHE A CD2 1 
ATOM   433  C  CE1 . PHE A 1 59  ? -9.86508  9.45575   0.77037   1.000 33.92000  ? 82  PHE A CE1 1 
ATOM   434  C  CE2 . PHE A 1 59  ? -7.78282  9.45547   -0.39567  1.000 34.04000  ? 82  PHE A CE2 1 
ATOM   435  C  CZ  . PHE A 1 59  ? -9.03077  9.99949   -0.17982  1.000 34.45000  ? 82  PHE A CZ  1 
ATOM   436  N  N   . LEU A 1 60  ? -7.65010  3.63288   3.12684   1.000 27.43000  ? 83  LEU A N   1 
ATOM   437  C  CA  . LEU A 1 60  ? -6.87136  2.53492   3.69188   1.000 29.87000  ? 83  LEU A CA  1 
ATOM   438  C  C   . LEU A 1 60  ? -7.04254  1.25089   2.88549   1.000 29.75000  ? 83  LEU A C   1 
ATOM   439  O  O   . LEU A 1 60  ? -6.10396  0.44767   2.79747   1.000 26.59000  ? 83  LEU A O   1 
ATOM   440  C  CB  . LEU A 1 60  ? -7.26555  2.31881   5.15023   1.000 29.19000  ? 83  LEU A CB  1 
ATOM   441  C  CG  . LEU A 1 60  ? -7.08070  3.51740   6.09183   1.000 31.78000  ? 83  LEU A CG  1 
ATOM   442  C  CD1 . LEU A 1 60  ? -7.45380  3.12404   7.51994   1.000 32.72000  ? 83  LEU A CD1 1 
ATOM   443  C  CD2 . LEU A 1 60  ? -5.64239  4.04005   6.04263   1.000 33.13000  ? 83  LEU A CD2 1 
ATOM   444  N  N   . THR A 1 61  ? -8.22509  1.04488   2.28860   1.000 25.09000  ? 84  THR A N   1 
ATOM   445  C  CA  . THR A 1 61  ? -8.43253  -0.09885  1.40564   1.000 26.30000  ? 84  THR A CA  1 
ATOM   446  C  C   . THR A 1 61  ? -7.59236  0.01950   0.14725   1.000 22.32000  ? 84  THR A C   1 
ATOM   447  O  O   . THR A 1 61  ? -7.00815  -0.96607  -0.31380  1.000 24.23000  ? 84  THR A O   1 
ATOM   448  C  CB  . THR A 1 61  ? -9.91314  -0.20671  1.02123   1.000 30.73000  ? 84  THR A CB  1 
ATOM   449  O  OG1 . THR A 1 61  ? -10.71146 -0.40212  2.19738   1.000 29.42000  ? 84  THR A OG1 1 
ATOM   450  C  CG2 . THR A 1 61  ? -10.13876 -1.34463  0.04847   1.000 27.13000  ? 84  THR A CG2 1 
ATOM   451  N  N   . THR A 1 62  ? -7.57631  1.20814   -0.45551  1.000 23.87000  ? 85  THR A N   1 
ATOM   452  C  CA  . THR A 1 62  ? -6.79337  1.42539   -1.66329  1.000 25.94000  ? 85  THR A CA  1 
ATOM   453  C  C   . THR A 1 62  ? -5.31112  1.20435   -1.38876  1.000 25.83000  ? 85  THR A C   1 
ATOM   454  O  O   . THR A 1 62  ? -4.59933  0.59701   -2.19802  1.000 25.90000  ? 85  THR A O   1 
ATOM   455  C  CB  . THR A 1 62  ? -7.05329  2.83963   -2.19022  1.000 25.89000  ? 85  THR A CB  1 
ATOM   456  O  OG1 . THR A 1 62  ? -8.45373  2.98594   -2.44232  1.000 25.90000  ? 85  THR A OG1 1 
ATOM   457  C  CG2 . THR A 1 62  ? -6.28532  3.10158   -3.48844  1.000 24.88000  ? 85  THR A CG2 1 
ATOM   458  N  N   . ILE A 1 63  ? -4.83719  1.65971   -0.23163  1.000 24.71000  ? 86  ILE A N   1 
ATOM   459  C  CA  . ILE A 1 63  ? -3.43204  1.47107   0.12332   1.000 27.63000  ? 86  ILE A CA  1 
ATOM   460  C  C   . ILE A 1 63  ? -3.11681  -0.00473  0.32341   1.000 22.12000  ? 86  ILE A C   1 
ATOM   461  O  O   . ILE A 1 63  ? -2.08319  -0.50103  -0.13812  1.000 25.22000  ? 86  ILE A O   1 
ATOM   462  C  CB  . ILE A 1 63  ? -3.10031  2.30054   1.37605   1.000 25.09000  ? 86  ILE A CB  1 
ATOM   463  C  CG1 . ILE A 1 63  ? -3.05910  3.78958   1.04196   1.000 28.37000  ? 86  ILE A CG1 1 
ATOM   464  C  CG2 . ILE A 1 63  ? -1.78867  1.83843   2.03567   1.000 24.58000  ? 86  ILE A CG2 1 
ATOM   465  C  CD1 . ILE A 1 63  ? -3.03165  4.69439   2.33745   1.000 28.77000  ? 86  ILE A CD1 1 
ATOM   466  N  N   . LEU A 1 64  ? -3.99736  -0.73004  1.01333   1.000 26.08000  ? 87  LEU A N   1 
ATOM   467  C  CA  . LEU A 1 64  ? -3.81757  -2.16643  1.18999   1.000 27.36000  ? 87  LEU A CA  1 
ATOM   468  C  C   . LEU A 1 64  ? -3.64905  -2.86499  -0.15049  1.000 26.17000  ? 87  LEU A C   1 
ATOM   469  O  O   . LEU A 1 64  ? -2.66523  -3.58298  -0.36031  1.000 25.86000  ? 87  LEU A O   1 
ATOM   470  C  CB  . LEU A 1 64  ? -5.01440  -2.76603  1.92589   1.000 29.98000  ? 87  LEU A CB  1 
ATOM   471  C  CG  . LEU A 1 64  ? -4.96914  -4.29957  1.93973   1.000 32.99000  ? 87  LEU A CG  1 
ATOM   472  C  CD1 . LEU A 1 64  ? -3.97585  -4.75404  2.98236   1.000 32.73000  ? 87  LEU A CD1 1 
ATOM   473  C  CD2 . LEU A 1 64  ? -6.35096  -4.89910  2.19503   1.000 37.20000  ? 87  LEU A CD2 1 
ATOM   474  N  N   . VAL A 1 65  ? -4.61423  -2.66823  -1.06229  1.000 19.76000  ? 88  VAL A N   1 
ATOM   475  C  CA  . VAL A 1 65  ? -4.54906  -3.27337  -2.39539  1.000 26.17000  ? 88  VAL A CA  1 
ATOM   476  C  C   . VAL A 1 65  ? -3.29007  -2.82358  -3.11803  1.000 25.56000  ? 88  VAL A C   1 
ATOM   477  O  O   . VAL A 1 65  ? -2.54952  -3.64500  -3.66794  1.000 22.80000  ? 88  VAL A O   1 
ATOM   478  C  CB  . VAL A 1 65  ? -5.80484  -2.92667  -3.21902  1.000 26.91000  ? 88  VAL A CB  1 
ATOM   479  C  CG1 . VAL A 1 65  ? -5.70037  -3.46053  -4.67756  1.000 22.81000  ? 88  VAL A CG1 1 
ATOM   480  C  CG2 . VAL A 1 65  ? -7.04863  -3.44892  -2.55191  1.000 27.02000  ? 88  VAL A CG2 1 
ATOM   481  N  N   . GLY A 1 66  ? -3.04446  -1.50406  -3.13600  1.000 22.67000  ? 89  GLY A N   1 
ATOM   482  C  CA  . GLY A 1 66  ? -1.90530  -0.96875  -3.86857  1.000 22.87000  ? 89  GLY A CA  1 
ATOM   483  C  C   . GLY A 1 66  ? -0.56695  -1.42505  -3.31164  1.000 26.71000  ? 89  GLY A C   1 
ATOM   484  O  O   . GLY A 1 66  ? 0.35368   -1.74727  -4.07254  1.000 25.95000  ? 89  GLY A O   1 
ATOM   485  N  N   . ASN A 1 67  ? -0.42291  -1.41971  -1.98119  1.000 21.97000  ? 90  ASN A N   1 
ATOM   486  C  CA  . ASN A 1 67  ? 0.83919   -1.83734  -1.37094  1.000 21.27000  ? 90  ASN A CA  1 
ATOM   487  C  C   . ASN A 1 67  ? 1.14856   -3.29249  -1.69538  1.000 25.04000  ? 90  ASN A C   1 
ATOM   488  O  O   . ASN A 1 67  ? 2.27212   -3.62337  -2.08331  1.000 22.18000  ? 90  ASN A O   1 
ATOM   489  C  CB  . ASN A 1 67  ? 0.80292   -1.62454  0.15139   1.000 23.14000  ? 90  ASN A CB  1 
ATOM   490  C  CG  . ASN A 1 67  ? 2.19436   -1.70678  0.79260   1.000 26.30000  ? 90  ASN A CG  1 
ATOM   491  O  OD1 . ASN A 1 67  ? 3.13765   -0.98575  0.41417   1.000 26.93000  ? 90  ASN A OD1 1 
ATOM   492  N  ND2 . ASN A 1 67  ? 2.32445   -2.58497  1.77634   1.000 31.00000  ? 90  ASN A ND2 1 
ATOM   493  N  N   . ASN A 1 68  ? 0.14644   -4.16987  -1.58849  1.000 22.96000  ? 91  ASN A N   1 
ATOM   494  C  CA  . ASN A 1 68  ? 0.37416   -5.57054  -1.91325  1.000 24.69000  ? 91  ASN A CA  1 
ATOM   495  C  C   . ASN A 1 68  ? 0.69132   -5.74514  -3.38929  1.000 26.53000  ? 91  ASN A C   1 
ATOM   496  O  O   . ASN A 1 68  ? 1.61822   -6.48290  -3.74279  1.000 25.89000  ? 91  ASN A O   1 
ATOM   497  C  CB  . ASN A 1 68  ? -0.83780  -6.40744  -1.51844  1.000 25.83000  ? 91  ASN A CB  1 
ATOM   498  C  CG  . ASN A 1 68  ? -0.81601  -6.80087  -0.05557  1.000 33.12000  ? 91  ASN A CG  1 
ATOM   499  O  OD1 . ASN A 1 68  ? -0.20835  -7.80756  0.31533   1.000 32.22000  ? 91  ASN A OD1 1 
ATOM   500  N  ND2 . ASN A 1 68  ? -1.46638  -5.99616  0.79239   1.000 25.45000  ? 91  ASN A ND2 1 
ATOM   501  N  N   . LEU A 1 69  ? -0.04527  -5.05186  -4.26457  1.000 24.26000  ? 92  LEU A N   1 
ATOM   502  C  CA  . LEU A 1 69  ? 0.20403   -5.18415  -5.69537  1.000 23.04000  ? 92  LEU A CA  1 
ATOM   503  C  C   . LEU A 1 69  ? 1.64493   -4.81415  -6.04568  1.000 19.51000  ? 92  LEU A C   1 
ATOM   504  O  O   . LEU A 1 69  ? 2.31978   -5.53440  -6.79999  1.000 22.96000  ? 92  LEU A O   1 
ATOM   505  C  CB  . LEU A 1 69  ? -0.79337  -4.32119  -6.48228  1.000 25.61000  ? 92  LEU A CB  1 
ATOM   506  C  CG  . LEU A 1 69  ? -0.49602  -4.14551  -7.96909  1.000 23.64000  ? 92  LEU A CG  1 
ATOM   507  C  CD1 . LEU A 1 69  ? -0.69650  -5.46161  -8.68637  1.000 26.11000  ? 92  LEU A CD1 1 
ATOM   508  C  CD2 . LEU A 1 69  ? -1.38531  -3.06515  -8.57820  1.000 22.79000  ? 92  LEU A CD2 1 
ATOM   509  N  N   . VAL A 1 70  ? 2.13196   -3.67091  -5.55491  1.000 20.06000  ? 93  VAL A N   1 
ATOM   510  C  CA  . VAL A 1 70  ? 3.48519   -3.28210  -5.95829  1.000 19.61000  ? 93  VAL A CA  1 
ATOM   511  C  C   . VAL A 1 70  ? 4.54172   -4.17303  -5.30394  1.000 23.72000  ? 93  VAL A C   1 
ATOM   512  O  O   . VAL A 1 70  ? 5.57732   -4.46684  -5.92433  1.000 25.16000  ? 93  VAL A O   1 
ATOM   513  C  CB  . VAL A 1 70  ? 3.76490   -1.78339  -5.71472  1.000 23.15000  ? 93  VAL A CB  1 
ATOM   514  C  CG1 . VAL A 1 70  ? 2.86183   -0.91879  -6.60318  1.000 26.90000  ? 93  VAL A CG1 1 
ATOM   515  C  CG2 . VAL A 1 70  ? 3.64665   -1.37962  -4.21666  1.000 21.79000  ? 93  VAL A CG2 1 
ATOM   516  N  N   . ASN A 1 71  ? 4.30645   -4.65314  -4.07771  1.000 23.42000  ? 94  ASN A N   1 
ATOM   517  C  CA  . ASN A 1 71  ? 5.28156   -5.55373  -3.45094  1.000 25.77000  ? 94  ASN A CA  1 
ATOM   518  C  C   . ASN A 1 71  ? 5.33194   -6.88894  -4.18222  1.000 26.38000  ? 94  ASN A C   1 
ATOM   519  O  O   . ASN A 1 71  ? 6.39674   -7.50774  -4.31414  1.000 22.23000  ? 94  ASN A O   1 
ATOM   520  C  CB  . ASN A 1 71  ? 4.93638   -5.78673  -1.97935  1.000 20.15000  ? 94  ASN A CB  1 
ATOM   521  C  CG  . ASN A 1 71  ? 5.27851   -4.59311  -1.10256  1.000 27.37000  ? 94  ASN A CG  1 
ATOM   522  O  OD1 . ASN A 1 71  ? 6.04467   -3.73968  -1.51339  1.000 25.29000  ? 94  ASN A OD1 1 
ATOM   523  N  ND2 . ASN A 1 71  ? 4.73049   -4.54573  0.11830   1.000 23.13000  ? 94  ASN A ND2 1 
ATOM   524  N  N   . ILE A 1 72  ? 4.18091   -7.35590  -4.64694  1.000 25.69000  ? 95  ILE A N   1 
ATOM   525  C  CA  . ILE A 1 72  ? 4.13823   -8.62592  -5.35504  1.000 26.01000  ? 95  ILE A CA  1 
ATOM   526  C  C   . ILE A 1 72  ? 4.72199   -8.46022  -6.75927  1.000 26.93000  ? 95  ILE A C   1 
ATOM   527  O  O   . ILE A 1 72  ? 5.49117   -9.30268  -7.22612  1.000 25.88000  ? 95  ILE A O   1 
ATOM   528  C  CB  . ILE A 1 72  ? 2.68662   -9.15654  -5.34619  1.000 25.99000  ? 95  ILE A CB  1 
ATOM   529  C  CG1 . ILE A 1 72  ? 2.28120   -9.55777  -3.91150  1.000 23.52000  ? 95  ILE A CG1 1 
ATOM   530  C  CG2 . ILE A 1 72  ? 2.46887   -10.30113 -6.36533  1.000 23.81000  ? 95  ILE A CG2 1 
ATOM   531  C  CD1 . ILE A 1 72  ? 0.74982   -9.68324  -3.69625  1.000 22.47000  ? 95  ILE A CD1 1 
ATOM   532  N  N   . ALA A 1 73  ? 4.42670   -7.33407  -7.41778  1.000 24.54000  ? 96  ALA A N   1 
ATOM   533  C  CA  . ALA A 1 73  ? 4.96018   -7.08653  -8.75145  1.000 23.19000  ? 96  ALA A CA  1 
ATOM   534  C  C   . ALA A 1 73  ? 6.47168   -6.91373  -8.72235  1.000 29.96000  ? 96  ALA A C   1 
ATOM   535  O  O   . ALA A 1 73  ? 7.16649   -7.34857  -9.64928  1.000 25.97000  ? 96  ALA A O   1 
ATOM   536  C  CB  . ALA A 1 73  ? 4.29237   -5.85754  -9.37434  1.000 21.25000  ? 96  ALA A CB  1 
ATOM   537  N  N   . ALA A 1 74  ? 7.00782   -6.30098  -7.66178  1.000 26.53000  ? 97  ALA A N   1 
ATOM   538  C  CA  . ALA A 1 74  ? 8.45498   -6.15475  -7.55879  1.000 26.22000  ? 97  ALA A CA  1 
ATOM   539  C  C   . ALA A 1 74  ? 9.12593   -7.49623  -7.27528  1.000 28.26000  ? 97  ALA A C   1 
ATOM   540  O  O   . ALA A 1 74  ? 10.20006  -7.78558  -7.81935  1.000 25.18000  ? 97  ALA A O   1 
ATOM   541  C  CB  . ALA A 1 74  ? 8.81319   -5.14212  -6.47561  1.000 26.24000  ? 97  ALA A CB  1 
ATOM   542  N  N   . THR A 1 75  ? 8.51297   -8.31661  -6.41346  1.000 21.18000  ? 98  THR A N   1 
ATOM   543  C  CA  . THR A 1 75  ? 9.06070   -9.63277  -6.11143  1.000 24.06000  ? 98  THR A CA  1 
ATOM   544  C  C   . THR A 1 75  ? 9.05714   -10.52690 -7.34534  1.000 27.44000  ? 98  THR A C   1 
ATOM   545  O  O   . THR A 1 75  ? 10.03696  -11.23260 -7.60449  1.000 25.99000  ? 98  THR A O   1 
ATOM   546  C  CB  . THR A 1 75  ? 8.26689   -10.28237 -4.97843  1.000 27.07000  ? 98  THR A CB  1 
ATOM   547  O  OG1 . THR A 1 75  ? 8.40305   -9.48264  -3.80169  1.000 26.45000  ? 98  THR A OG1 1 
ATOM   548  C  CG2 . THR A 1 75  ? 8.80082   -11.69422 -4.67575  1.000 24.83000  ? 98  THR A CG2 1 
ATOM   549  N  N   . ALA A 1 76  ? 7.96141   -10.49991 -8.11364  1.000 26.05000  ? 99  ALA A N   1 
ATOM   550  C  CA  . ALA A 1 76  ? 7.86990   -11.27911 -9.34524  1.000 30.89000  ? 99  ALA A CA  1 
ATOM   551  C  C   . ALA A 1 76  ? 8.94265   -10.86697 -10.34975 1.000 26.56000  ? 99  ALA A C   1 
ATOM   552  O  O   . ALA A 1 76  ? 9.60258   -11.71914 -10.95924 1.000 24.76000  ? 99  ALA A O   1 
ATOM   553  C  CB  . ALA A 1 76  ? 6.47301   -11.11591 -9.95445  1.000 21.76000  ? 99  ALA A CB  1 
ATOM   554  N  N   . LEU A 1 77  ? 9.09728   -9.56025  -10.57153 1.000 24.99000  ? 100 LEU A N   1 
ATOM   555  C  CA  . LEU A 1 77  ? 10.12836  -9.08361  -11.48441 1.000 30.85000  ? 100 LEU A CA  1 
ATOM   556  C  C   . LEU A 1 77  ? 11.51502  -9.47234  -10.98529 1.000 34.98000  ? 100 LEU A C   1 
ATOM   557  O  O   . LEU A 1 77  ? 12.34586  -9.97591  -11.75460 1.000 30.63000  ? 100 LEU A O   1 
ATOM   558  C  CB  . LEU A 1 77  ? 10.01427  -7.57058  -11.66252 1.000 29.48000  ? 100 LEU A CB  1 
ATOM   559  C  CG  . LEU A 1 77  ? 11.11416  -6.87180  -12.46317 1.000 37.25000  ? 100 LEU A CG  1 
ATOM   560  C  CD1 . LEU A 1 77  ? 11.22062  -7.43906  -13.89285 1.000 35.63000  ? 100 LEU A CD1 1 
ATOM   561  C  CD2 . LEU A 1 77  ? 10.85871  -5.38398  -12.50390 1.000 35.13000  ? 100 LEU A CD2 1 
ATOM   562  N  N   . ALA A 1 78  ? 11.77845  -9.25652  -9.69291  1.000 30.66000  ? 101 ALA A N   1 
ATOM   563  C  CA  . ALA A 1 78  ? 13.06555  -9.64123  -9.11578  1.000 28.09000  ? 101 ALA A CA  1 
ATOM   564  C  C   . ALA A 1 78  ? 13.31460  -11.13900 -9.25042  1.000 28.74000  ? 101 ALA A C   1 
ATOM   565  O  O   . ALA A 1 78  ? 14.45118  -11.56744 -9.49057  1.000 25.65000  ? 101 ALA A O   1 
ATOM   566  C  CB  . ALA A 1 78  ? 13.12311  -9.22340  -7.64365  1.000 30.19000  ? 101 ALA A CB  1 
ATOM   567  N  N   . THR A 1 79  ? 12.26823  -11.95406 -9.10697  1.000 21.07000  ? 102 THR A N   1 
ATOM   568  C  CA  . THR A 1 79  ? 12.44582  -13.39625 -9.23694  1.000 25.70000  ? 102 THR A CA  1 
ATOM   569  C  C   . THR A 1 79  ? 12.72475  -13.77873 -10.68884 1.000 25.93000  ? 102 THR A C   1 
ATOM   570  O  O   . THR A 1 79  ? 13.52648  -14.68400 -10.95750 1.000 25.29000  ? 102 THR A O   1 
ATOM   571  C  CB  . THR A 1 79  ? 11.21086  -14.12473 -8.71295  1.000 27.22000  ? 102 THR A CB  1 
ATOM   572  O  OG1 . THR A 1 79  ? 10.98310  -13.75222 -7.34793  1.000 24.13000  ? 102 THR A OG1 1 
ATOM   573  C  CG2 . THR A 1 79  ? 11.38671  -15.62677 -8.80590  1.000 25.76000  ? 102 THR A CG2 1 
ATOM   574  N  N   . GLU A 1 80  ? 12.10277  -13.07817 -11.63826 1.000 27.73000  ? 103 GLU A N   1 
ATOM   575  C  CA  . GLU A 1 80  ? 12.43711  -13.30218 -13.03929 1.000 29.24000  ? 103 GLU A CA  1 
ATOM   576  C  C   . GLU A 1 80  ? 13.92024  -13.06694 -13.28963 1.000 30.40000  ? 103 GLU A C   1 
ATOM   577  O  O   . GLU A 1 80  ? 14.58800  -13.87759 -13.94075 1.000 31.28000  ? 103 GLU A O   1 
ATOM   578  C  CB  . GLU A 1 80  ? 11.60071  -12.40376 -13.94863 1.000 28.84000  ? 103 GLU A CB  1 
ATOM   579  C  CG  . GLU A 1 80  ? 12.21345  -12.28449 -15.35697 1.000 41.45000  ? 103 GLU A CG  1 
ATOM   580  C  CD  . GLU A 1 80  ? 11.18293  -12.00853 -16.41712 1.000 51.67000  ? 103 GLU A CD  1 
ATOM   581  O  OE1 . GLU A 1 80  ? 10.67983  -10.86465 -16.42770 1.000 66.93000  ? 103 GLU A OE1 1 
ATOM   582  O  OE2 . GLU A 1 80  ? 10.87882  -12.92507 -17.23114 1.000 48.63000  ? 103 GLU A OE2 1 
ATOM   583  N  N   . LEU A 1 81  ? 14.45501  -11.95776 -12.78069 1.000 27.23000  ? 104 LEU A N   1 
ATOM   584  C  CA  . LEU A 1 81  ? 15.87039  -11.66397 -12.98556 1.000 32.22000  ? 104 LEU A CA  1 
ATOM   585  C  C   . LEU A 1 81  ? 16.75492  -12.69227 -12.28512 1.000 33.64000  ? 104 LEU A C   1 
ATOM   586  O  O   . LEU A 1 81  ? 17.73441  -13.18537 -12.86144 1.000 30.33000  ? 104 LEU A O   1 
ATOM   587  C  CB  . LEU A 1 81  ? 16.18779  -10.25628 -12.48372 1.000 31.68000  ? 104 LEU A CB  1 
ATOM   588  C  CG  . LEU A 1 81  ? 15.41639  -9.08687  -13.09132 1.000 36.65000  ? 104 LEU A CG  1 
ATOM   589  C  CD1 . LEU A 1 81  ? 15.78751  -7.81120  -12.34731 1.000 44.52000  ? 104 LEU A CD1 1 
ATOM   590  C  CD2 . LEU A 1 81  ? 15.72767  -8.95944  -14.58555 1.000 41.67000  ? 104 LEU A CD2 1 
ATOM   591  N  N   . ALA A 1 82  ? 16.40722  -13.04809 -11.04476 1.000 25.63000  ? 105 ALA A N   1 
ATOM   592  C  CA  . ALA A 1 82  ? 17.26762  -13.93681 -10.26044 1.000 27.53000  ? 105 ALA A CA  1 
ATOM   593  C  C   . ALA A 1 82  ? 17.29087  -15.35572 -10.82017 1.000 29.27000  ? 105 ALA A C   1 
ATOM   594  O  O   . ALA A 1 82  ? 18.34360  -16.00453 -10.82454 1.000 25.90000  ? 105 ALA A O   1 
ATOM   595  C  CB  . ALA A 1 82  ? 16.81792  -13.94777 -8.79700  1.000 27.32000  ? 105 ALA A CB  1 
ATOM   596  N  N   . THR A 1 83  ? 16.14455  -15.87251 -11.26241 1.000 24.96000  ? 106 THR A N   1 
ATOM   597  C  CA  . THR A 1 83  ? 16.12208  -17.24075 -11.76984 1.000 27.12000  ? 106 THR A CA  1 
ATOM   598  C  C   . THR A 1 83  ? 16.68784  -17.33754 -13.18123 1.000 30.56000  ? 106 THR A C   1 
ATOM   599  O  O   . THR A 1 83  ? 17.21338  -18.38583 -13.56585 1.000 28.25000  ? 106 THR A O   1 
ATOM   600  C  CB  . THR A 1 83  ? 14.70563  -17.80766 -11.74450 1.000 26.97000  ? 106 THR A CB  1 
ATOM   601  O  OG1 . THR A 1 83  ? 13.82630  -16.94945 -12.48598 1.000 30.46000  ? 106 THR A OG1 1 
ATOM   602  C  CG2 . THR A 1 83  ? 14.20763  -17.92147 -10.29777 1.000 30.78000  ? 106 THR A CG2 1 
ATOM   603  N  N   . GLN A 1 84  ? 16.58673  -16.27143 -13.96290 1.000 26.02000  ? 107 GLN A N   1 
ATOM   604  C  CA  . GLN A 1 84  ? 17.28334  -16.25466 -15.23834 1.000 34.67000  ? 107 GLN A CA  1 
ATOM   605  C  C   . GLN A 1 84  ? 18.78352  -16.21758 -15.02334 1.000 35.06000  ? 107 GLN A C   1 
ATOM   606  O  O   . GLN A 1 84  ? 19.53583  -16.84967 -15.78115 1.000 28.56000  ? 107 GLN A O   1 
ATOM   607  C  CB  . GLN A 1 84  ? 16.80880  -15.06342 -16.07240 1.000 35.47000  ? 107 GLN A CB  1 
ATOM   608  C  CG  . GLN A 1 84  ? 15.39660  -15.26405 -16.60852 1.000 37.90000  ? 107 GLN A CG  1 
ATOM   609  C  CD  . GLN A 1 84  ? 14.90029  -14.09862 -17.44359 1.000 43.39000  ? 107 GLN A CD  1 
ATOM   610  O  OE1 . GLN A 1 84  ? 15.50701  -13.02869 -17.45625 1.000 49.37000  ? 107 GLN A OE1 1 
ATOM   611  N  NE2 . GLN A 1 84  ? 13.78623  -14.30106 -18.14461 1.000 40.83000  ? 107 GLN A NE2 1 
ATOM   612  N  N   . ALA A 1 85  ? 19.22622  -15.52378 -13.96428 1.000 25.25000  ? 108 ALA A N   1 
ATOM   613  C  CA  . ALA A 1 85  ? 20.64408  -15.45336 -13.63702 1.000 28.11000  ? 108 ALA A CA  1 
ATOM   614  C  C   . ALA A 1 85  ? 21.13270  -16.75180 -13.00602 1.000 33.60000  ? 108 ALA A C   1 
ATOM   615  O  O   . ALA A 1 85  ? 22.18938  -17.27213 -13.38048 1.000 32.46000  ? 108 ALA A O   1 
ATOM   616  C  CB  . ALA A 1 85  ? 20.91228  -14.27362 -12.69975 1.000 31.18000  ? 108 ALA A CB  1 
ATOM   617  N  N   . PHE A 1 86  ? 20.35496  -17.31025 -12.06989 1.000 28.17000  ? 109 PHE A N   1 
ATOM   618  C  CA  . PHE A 1 86  ? 20.85259  -18.33037 -11.15867 1.000 31.32000  ? 109 PHE A CA  1 
ATOM   619  C  C   . PHE A 1 86  ? 20.08919  -19.64408 -11.19147 1.000 31.82000  ? 109 PHE A C   1 
ATOM   620  O  O   . PHE A 1 86  ? 20.47724  -20.57721 -10.47136 1.000 31.68000  ? 109 PHE A O   1 
ATOM   621  C  CB  . PHE A 1 86  ? 20.82856  -17.80595 -9.71598  1.000 31.18000  ? 109 PHE A CB  1 
ATOM   622  C  CG  . PHE A 1 86  ? 21.55824  -16.51065 -9.52925  1.000 34.51000  ? 109 PHE A CG  1 
ATOM   623  C  CD1 . PHE A 1 86  ? 22.86414  -16.36203 -9.97950  1.000 41.92000  ? 109 PHE A CD1 1 
ATOM   624  C  CD2 . PHE A 1 86  ? 20.93904  -15.43868 -8.90817  1.000 36.12000  ? 109 PHE A CD2 1 
ATOM   625  C  CE1 . PHE A 1 86  ? 23.53963  -15.16593 -9.81248  1.000 41.83000  ? 109 PHE A CE1 1 
ATOM   626  C  CE2 . PHE A 1 86  ? 21.60773  -14.24545 -8.73526  1.000 41.15000  ? 109 PHE A CE2 1 
ATOM   627  C  CZ  . PHE A 1 86  ? 22.91207  -14.10790 -9.18591  1.000 40.87000  ? 109 PHE A CZ  1 
ATOM   628  N  N   . GLY A 1 87  ? 19.01222  -19.74724 -11.95835 1.000 24.22000  ? 110 GLY A N   1 
ATOM   629  C  CA  . GLY A 1 87  ? 18.22565  -20.96419 -11.92669 1.000 28.36000  ? 110 GLY A CA  1 
ATOM   630  C  C   . GLY A 1 87  ? 17.32353  -21.03328 -10.70144 1.000 34.54000  ? 110 GLY A C   1 
ATOM   631  O  O   . GLY A 1 87  ? 16.85376  -20.01383 -10.17437 1.000 30.13000  ? 110 GLY A O   1 
ATOM   632  N  N   . SER A 1 88  ? 17.09990  -22.26204 -10.22851 1.000 27.21000  ? 111 SER A N   1 
ATOM   633  C  CA  . SER A 1 88  ? 16.14143  -22.46742 -9.15125  1.000 39.25000  ? 111 SER A CA  1 
ATOM   634  C  C   . SER A 1 88  ? 16.62125  -21.84296 -7.84409  1.000 38.27000  ? 111 SER A C   1 
ATOM   635  O  O   . SER A 1 88  ? 15.79588  -21.43200 -7.02211  1.000 35.58000  ? 111 SER A O   1 
ATOM   636  C  CB  . SER A 1 88  ? 15.85573  -23.96006 -8.98817  1.000 36.83000  ? 111 SER A CB  1 
ATOM   637  O  OG  . SER A 1 88  ? 17.05051  -24.66750 -8.75021  1.000 37.39000  ? 111 SER A OG  1 
ATOM   638  N  N   . ALA A 1 89  ? 17.93885  -21.71609 -7.64928  1.000 30.56000  ? 112 ALA A N   1 
ATOM   639  C  CA  . ALA A 1 89  ? 18.42541  -21.00482 -6.46941  1.000 34.60000  ? 112 ALA A CA  1 
ATOM   640  C  C   . ALA A 1 89  ? 18.02786  -19.53650 -6.49074  1.000 32.75000  ? 112 ALA A C   1 
ATOM   641  O  O   . ALA A 1 89  ? 18.06149  -18.87162 -5.44681  1.000 30.16000  ? 112 ALA A O   1 
ATOM   642  C  CB  . ALA A 1 89  ? 19.94757  -21.12523 -6.35957  1.000 38.03000  ? 112 ALA A CB  1 
ATOM   643  N  N   . GLY A 1 90  ? 17.65132  -19.02096 -7.65704  1.000 31.82000  ? 113 GLY A N   1 
ATOM   644  C  CA  . GLY A 1 90  ? 17.23556  -17.63830 -7.75073  1.000 30.66000  ? 113 GLY A CA  1 
ATOM   645  C  C   . GLY A 1 90  ? 15.98324  -17.33430 -6.95278  1.000 32.37000  ? 113 GLY A C   1 
ATOM   646  O  O   . GLY A 1 90  ? 15.75093  -16.18106 -6.59140  1.000 28.05000  ? 113 GLY A O   1 
ATOM   647  N  N   . VAL A 1 91  ? 15.15711  -18.35347 -6.68634  1.000 29.90000  ? 114 VAL A N   1 
ATOM   648  C  CA  . VAL A 1 91  ? 13.96376  -18.15312 -5.86429  1.000 33.19000  ? 114 VAL A CA  1 
ATOM   649  C  C   . VAL A 1 91  ? 14.35574  -17.75307 -4.44413  1.000 30.74000  ? 114 VAL A C   1 
ATOM   650  O  O   . VAL A 1 91  ? 13.74864  -16.85775 -3.84690  1.000 29.91000  ? 114 VAL A O   1 
ATOM   651  C  CB  . VAL A 1 91  ? 13.08514  -19.41707 -5.86079  1.000 32.74000  ? 114 VAL A CB  1 
ATOM   652  C  CG1 . VAL A 1 91  ? 11.89989  -19.23935 -4.89412  1.000 32.34000  ? 114 VAL A CG1 1 
ATOM   653  C  CG2 . VAL A 1 91  ? 12.58540  -19.73395 -7.26037  1.000 30.93000  ? 114 VAL A CG2 1 
ATOM   654  N  N   . GLY A 1 92  ? 15.36959  -18.41405 -3.88363  1.000 30.51000  ? 115 GLY A N   1 
ATOM   655  C  CA  . GLY A 1 92  ? 15.83397  -18.05180 -2.55094  1.000 33.75000  ? 115 GLY A CA  1 
ATOM   656  C  C   . GLY A 1 92  ? 16.58072  -16.73342 -2.54482  1.000 34.76000  ? 115 GLY A C   1 
ATOM   657  O  O   . GLY A 1 92  ? 16.41602  -15.91791 -1.63006  1.000 33.78000  ? 115 GLY A O   1 
ATOM   658  N  N   . VAL A 1 93  ? 17.40105  -16.50406 -3.57044  1.000 25.41000  ? 116 VAL A N   1 
ATOM   659  C  CA  . VAL A 1 93  ? 18.08409  -15.22148 -3.73828  1.000 31.28000  ? 116 VAL A CA  1 
ATOM   660  C  C   . VAL A 1 93  ? 17.08171  -14.07246 -3.77839  1.000 30.86000  ? 116 VAL A C   1 
ATOM   661  O  O   . VAL A 1 93  ? 17.26085  -13.04937 -3.11100  1.000 28.64000  ? 116 VAL A O   1 
ATOM   662  C  CB  . VAL A 1 93  ? 18.94780  -15.24143 -5.01361  1.000 33.37000  ? 116 VAL A CB  1 
ATOM   663  C  CG1 . VAL A 1 93  ? 19.43414  -13.83830 -5.33516  1.000 32.44000  ? 116 VAL A CG1 1 
ATOM   664  C  CG2 . VAL A 1 93  ? 20.12339  -16.22937 -4.86764  1.000 31.06000  ? 116 VAL A CG2 1 
ATOM   665  N  N   . ALA A 1 94  ? 16.04509  -14.18952 -4.61867  1.000 30.08000  ? 117 ALA A N   1 
ATOM   666  C  CA  . ALA A 1 94  ? 15.07358  -13.10702 -4.71454  1.000 28.59000  ? 117 ALA A CA  1 
ATOM   667  C  C   . ALA A 1 94  ? 14.25045  -12.97752 -3.44024  1.000 28.21000  ? 117 ALA A C   1 
ATOM   668  O  O   . ALA A 1 94  ? 13.88495  -11.86081 -3.06069  1.000 25.12000  ? 117 ALA A O   1 
ATOM   669  C  CB  . ALA A 1 94  ? 14.13897  -13.30933 -5.90863  1.000 28.98000  ? 117 ALA A CB  1 
ATOM   670  N  N   . THR A 1 95  ? 13.93724  -14.09300 -2.77495  1.000 24.01000  ? 118 THR A N   1 
ATOM   671  C  CA  . THR A 1 95  ? 13.21311  -13.98602 -1.51485  1.000 29.57000  ? 118 THR A CA  1 
ATOM   672  C  C   . THR A 1 95  ? 14.03243  -13.23473 -0.47958  1.000 29.37000  ? 118 THR A C   1 
ATOM   673  O  O   . THR A 1 95  ? 13.50947  -12.34943 0.20377   1.000 26.83000  ? 118 THR A O   1 
ATOM   674  C  CB  . THR A 1 95  ? 12.84544  -15.35312 -0.96519  1.000 27.76000  ? 118 THR A CB  1 
ATOM   675  O  OG1 . THR A 1 95  ? 12.04263  -16.04395 -1.91174  1.000 25.00000  ? 118 THR A OG1 1 
ATOM   676  C  CG2 . THR A 1 95  ? 12.02602  -15.16750 0.31747   1.000 24.98000  ? 118 THR A CG2 1 
ATOM   677  N  N   . GLY A 1 96  ? 15.31551  -13.59487 -0.33021  1.000 27.02000  ? 119 GLY A N   1 
ATOM   678  C  CA  . GLY A 1 96  ? 16.15537  -12.89946 0.63283   1.000 27.27000  ? 119 GLY A CA  1 
ATOM   679  C  C   . GLY A 1 96  ? 16.33064  -11.43010 0.29447   1.000 29.54000  ? 119 GLY A C   1 
ATOM   680  O  O   . GLY A 1 96  ? 16.12137  -10.55504 1.13605   1.000 29.52000  ? 119 GLY A O   1 
ATOM   681  N  N   . ALA A 1 97  ? 16.72439  -11.13724 -0.94699  1.000 25.21000  ? 120 ALA A N   1 
ATOM   682  C  CA  . ALA A 1 97  ? 16.92690  -9.74439  -1.33812  1.000 29.29000  ? 120 ALA A CA  1 
ATOM   683  C  C   . ALA A 1 97  ? 15.64378  -8.91973  -1.23493  1.000 30.65000  ? 120 ALA A C   1 
ATOM   684  O  O   . ALA A 1 97  ? 15.67893  -7.77952  -0.75772  1.000 28.22000  ? 120 ALA A O   1 
ATOM   685  C  CB  . ALA A 1 97  ? 17.48436  -9.67028  -2.75655  1.000 33.24000  ? 120 ALA A CB  1 
ATOM   686  N  N   . MET A 1 98  ? 14.50458  -9.46049  -1.69202  1.000 23.97000  ? 121 MET A N   1 
ATOM   687  C  CA  . MET A 1 98  ? 13.28761  -8.65622  -1.72096  1.000 26.95000  ? 121 MET A CA  1 
ATOM   688  C  C   . MET A 1 98  ? 12.69150  -8.47466  -0.33582  1.000 27.12000  ? 121 MET A C   1 
ATOM   689  O  O   . MET A 1 98  ? 12.10227  -7.42804  -0.05645  1.000 27.34000  ? 121 MET A O   1 
ATOM   690  C  CB  . MET A 1 98  ? 12.23834  -9.27003  -2.66031  1.000 29.96000  ? 121 MET A CB  1 
ATOM   691  C  CG  . MET A 1 98  ? 12.59361  -9.11880  -4.13459  1.000 27.36000  ? 121 MET A CG  1 
ATOM   692  S  SD  . MET A 1 98  ? 13.12512  -7.43007  -4.55718  1.000 30.33000  ? 121 MET A SD  1 
ATOM   693  C  CE  . MET A 1 98  ? 11.57655  -6.52460  -4.45193  1.000 32.31000  ? 121 MET A CE  1 
ATOM   694  N  N   . THR A 1 99  ? 12.84033  -9.46461  0.54074   1.000 25.11000  ? 122 THR A N   1 
ATOM   695  C  CA  . THR A 1 99  ? 12.40774  -9.28583  1.91427   1.000 23.99000  ? 122 THR A CA  1 
ATOM   696  C  C   . THR A 1 99  ? 13.17284  -8.14941  2.58310   1.000 27.85000  ? 122 THR A C   1 
ATOM   697  O  O   . THR A 1 99  ? 12.58182  -7.33040  3.30323   1.000 27.30000  ? 122 THR A O   1 
ATOM   698  C  CB  . THR A 1 99  ? 12.59726  -10.59081 2.68218   1.000 27.30000  ? 122 THR A CB  1 
ATOM   699  O  OG1 . THR A 1 99  ? 11.75322  -11.59516 2.10673   1.000 26.82000  ? 122 THR A OG1 1 
ATOM   700  C  CG2 . THR A 1 99  ? 12.25761  -10.39627 4.16967   1.000 28.89000  ? 122 THR A CG2 1 
ATOM   701  N  N   . PHE A 1 100 ? 14.48922  -8.07930  2.36404   1.000 26.35000  ? 123 PHE A N   1 
ATOM   702  C  CA  . PHE A 1 100 ? 15.24202  -6.95369  2.90451   1.000 28.45000  ? 123 PHE A CA  1 
ATOM   703  C  C   . PHE A 1 100 ? 14.75412  -5.64004  2.31271   1.000 29.89000  ? 123 PHE A C   1 
ATOM   704  O  O   . PHE A 1 100 ? 14.48052  -4.68679  3.04251   1.000 29.77000  ? 123 PHE A O   1 
ATOM   705  C  CB  . PHE A 1 100 ? 16.73950  -7.07661  2.64201   1.000 25.87000  ? 123 PHE A CB  1 
ATOM   706  C  CG  . PHE A 1 100 ? 17.44987  -5.78364  2.88098   1.000 31.94000  ? 123 PHE A CG  1 
ATOM   707  C  CD1 . PHE A 1 100 ? 17.56404  -5.28415  4.17313   1.000 36.79000  ? 123 PHE A CD1 1 
ATOM   708  C  CD2 . PHE A 1 100 ? 17.90236  -5.01148  1.82911   1.000 35.69000  ? 123 PHE A CD2 1 
ATOM   709  C  CE1 . PHE A 1 100 ? 18.16909  -4.05842  4.42080   1.000 37.03000  ? 123 PHE A CE1 1 
ATOM   710  C  CE2 . PHE A 1 100 ? 18.51959  -3.78450  2.06970   1.000 43.02000  ? 123 PHE A CE2 1 
ATOM   711  C  CZ  . PHE A 1 100 ? 18.64787  -3.30846  3.36760   1.000 37.02000  ? 123 PHE A CZ  1 
ATOM   712  N  N   . LEU A 1 101 ? 14.67910  -5.56014  0.97982   1.000 24.02000  ? 124 LEU A N   1 
ATOM   713  C  CA  . LEU A 1 101 ? 14.31984  -4.29626  0.33696   1.000 30.43000  ? 124 LEU A CA  1 
ATOM   714  C  C   . LEU A 1 101 ? 12.89712  -3.86548  0.68026   1.000 28.97000  ? 124 LEU A C   1 
ATOM   715  O  O   . LEU A 1 101 ? 12.66474  -2.69607  0.99467   1.000 31.39000  ? 124 LEU A O   1 
ATOM   716  C  CB  . LEU A 1 101 ? 14.48195  -4.40465  -1.17739  1.000 26.90000  ? 124 LEU A CB  1 
ATOM   717  C  CG  . LEU A 1 101 ? 15.94431  -4.58962  -1.59956  1.000 35.18000  ? 124 LEU A CG  1 
ATOM   718  C  CD1 . LEU A 1 101 ? 16.03001  -4.90261  -3.09353  1.000 38.66000  ? 124 LEU A CD1 1 
ATOM   719  C  CD2 . LEU A 1 101 ? 16.74644  -3.34950  -1.26922  1.000 30.78000  ? 124 LEU A CD2 1 
ATOM   720  N  N   . ILE A 1 102 ? 11.93129  -4.78514  0.61425   1.000 23.74000  ? 125 ILE A N   1 
ATOM   721  C  CA  . ILE A 1 102 ? 10.55399  -4.41544  0.91955   1.000 24.70000  ? 125 ILE A CA  1 
ATOM   722  C  C   . ILE A 1 102 ? 10.41189  -4.04811  2.39335   1.000 27.35000  ? 125 ILE A C   1 
ATOM   723  O  O   . ILE A 1 102 ? 9.74280   -3.06689  2.73115   1.000 26.98000  ? 125 ILE A O   1 
ATOM   724  C  CB  . ILE A 1 102 ? 9.57680   -5.52837  0.50494   1.000 22.27000  ? 125 ILE A CB  1 
ATOM   725  C  CG1 . ILE A 1 102 ? 9.60838   -5.70806  -1.01484  1.000 25.96000  ? 125 ILE A CG1 1 
ATOM   726  C  CG2 . ILE A 1 102 ? 8.14156   -5.20942  0.99080   1.000 24.56000  ? 125 ILE A CG2 1 
ATOM   727  C  CD1 . ILE A 1 102 ? 8.72909   -6.81906  -1.55277  1.000 24.41000  ? 125 ILE A CD1 1 
ATOM   728  N  N   . LEU A 1 103 ? 11.03176  -4.81750  3.29231   1.000 26.04000  ? 126 LEU A N   1 
ATOM   729  C  CA  . LEU A 1 103 ? 10.94549  -4.48904  4.71066   1.000 31.75000  ? 126 LEU A CA  1 
ATOM   730  C  C   . LEU A 1 103 ? 11.63137  -3.16471  4.99069   1.000 30.12000  ? 126 LEU A C   1 
ATOM   731  O  O   . LEU A 1 103 ? 11.05001  -2.28409  5.63127   1.000 26.73000  ? 126 LEU A O   1 
ATOM   732  C  CB  . LEU A 1 103 ? 11.55914  -5.59739  5.57114   1.000 26.06000  ? 126 LEU A CB  1 
ATOM   733  C  CG  . LEU A 1 103 ? 10.61138  -6.73790  5.98152   1.000 27.89000  ? 126 LEU A CG  1 
ATOM   734  C  CD1 . LEU A 1 103 ? 11.39429  -7.84501  6.67126   1.000 26.30000  ? 126 LEU A CD1 1 
ATOM   735  C  CD2 . LEU A 1 103 ? 9.49461   -6.23242  6.90284   1.000 28.08000  ? 126 LEU A CD2 1 
ATOM   736  N  N   . PHE A 1 104 ? 12.86072  -2.99050  4.48142   1.000 26.85000  ? 127 PHE A N   1 
ATOM   737  C  CA  . PHE A 1 104 ? 13.62138  -1.79152  4.82386   1.000 29.99000  ? 127 PHE A CA  1 
ATOM   738  C  C   . PHE A 1 104 ? 13.08397  -0.55360  4.10709   1.000 29.12000  ? 127 PHE A C   1 
ATOM   739  O  O   . PHE A 1 104 ? 12.74491  0.44959   4.74897   1.000 26.45000  ? 127 PHE A O   1 
ATOM   740  C  CB  . PHE A 1 104 ? 15.11363  -1.99467  4.52554   1.000 27.55000  ? 127 PHE A CB  1 
ATOM   741  C  CG  . PHE A 1 104 ? 15.98878  -0.91622  5.10540   1.000 27.82000  ? 127 PHE A CG  1 
ATOM   742  C  CD1 . PHE A 1 104 ? 16.39635  -0.97729  6.41835   1.000 29.60000  ? 127 PHE A CD1 1 
ATOM   743  C  CD2 . PHE A 1 104 ? 16.35708  0.18307   4.34759   1.000 26.73000  ? 127 PHE A CD2 1 
ATOM   744  C  CE1 . PHE A 1 104 ? 17.18956  0.01827   6.96049   1.000 31.95000  ? 127 PHE A CE1 1 
ATOM   745  C  CE2 . PHE A 1 104 ? 17.14846  1.19210   4.88670   1.000 26.94000  ? 127 PHE A CE2 1 
ATOM   746  C  CZ  . PHE A 1 104 ? 17.56116  1.10595   6.18570   1.000 28.54000  ? 127 PHE A CZ  1 
ATOM   747  N  N   . PHE A 1 105 ? 13.00892  -0.59421  2.78257   1.000 26.72000  ? 128 PHE A N   1 
ATOM   748  C  CA  . PHE A 1 105 ? 12.64433  0.59380   2.02119   1.000 32.92000  ? 128 PHE A CA  1 
ATOM   749  C  C   . PHE A 1 105 ? 11.15081  0.71929   1.77088   1.000 26.40000  ? 128 PHE A C   1 
ATOM   750  O  O   . PHE A 1 105 ? 10.65937  1.84505   1.61593   1.000 25.24000  ? 128 PHE A O   1 
ATOM   751  C  CB  . PHE A 1 105 ? 13.37250  0.61068   0.66901   1.000 25.73000  ? 128 PHE A CB  1 
ATOM   752  C  CG  . PHE A 1 105 ? 14.86744  0.76855   0.78870   1.000 34.01000  ? 128 PHE A CG  1 
ATOM   753  C  CD1 . PHE A 1 105 ? 15.42021  1.94876   1.26263   1.000 33.19000  ? 128 PHE A CD1 1 
ATOM   754  C  CD2 . PHE A 1 105 ? 15.71689  -0.26492  0.42901   1.000 30.52000  ? 128 PHE A CD2 1 
ATOM   755  C  CE1 . PHE A 1 105 ? 16.79254  2.09709   1.37486   1.000 32.01000  ? 128 PHE A CE1 1 
ATOM   756  C  CE2 . PHE A 1 105 ? 17.09525  -0.12377  0.54132   1.000 35.53000  ? 128 PHE A CE2 1 
ATOM   757  C  CZ  . PHE A 1 105 ? 17.63197  1.05848   1.00890   1.000 30.01000  ? 128 PHE A CZ  1 
ATOM   758  N  N   . GLY A 1 106 ? 10.42144  -0.39536  1.68707   1.000 26.05000  ? 129 GLY A N   1 
ATOM   759  C  CA  . GLY A 1 106 ? 9.00227   -0.29289  1.38291   1.000 29.33000  ? 129 GLY A CA  1 
ATOM   760  C  C   . GLY A 1 106 ? 8.09800   -0.22021  2.59555   1.000 30.12000  ? 129 GLY A C   1 
ATOM   761  O  O   . GLY A 1 106 ? 6.90287   0.07362   2.46146   1.000 28.32000  ? 129 GLY A O   1 
ATOM   762  N  N   . GLU A 1 107 ? 8.64514   -0.49413  3.78764   1.000 27.34000  ? 130 GLU A N   1 
ATOM   763  C  CA  . GLU A 1 107 ? 7.80015   -0.56491  4.97385   1.000 31.46000  ? 130 GLU A CA  1 
ATOM   764  C  C   . GLU A 1 107 ? 8.37918   0.21022   6.16354   1.000 28.25000  ? 130 GLU A C   1 
ATOM   765  O  O   . GLU A 1 107 ? 7.79476   1.20761   6.59865   1.000 31.72000  ? 130 GLU A O   1 
ATOM   766  C  CB  . GLU A 1 107 ? 7.54054   -2.03870  5.32683   1.000 28.84000  ? 130 GLU A CB  1 
ATOM   767  C  CG  . GLU A 1 107 ? 6.83970   -2.86444  4.18762   1.000 34.95000  ? 130 GLU A CG  1 
ATOM   768  C  CD  . GLU A 1 107 ? 5.49898   -2.25685  3.66824   1.000 35.59000  ? 130 GLU A CD  1 
ATOM   769  O  OE1 . GLU A 1 107 ? 4.73049   -1.68841  4.48753   1.000 37.77000  ? 130 GLU A OE1 1 
ATOM   770  O  OE2 . GLU A 1 107 ? 5.21192   -2.34714  2.43358   1.000 28.85000  ? 130 GLU A OE2 1 
ATOM   771  N  N   . ILE A 1 108 ? 9.53974   -0.20265  6.67606   1.000 31.35000  ? 131 ILE A N   1 
ATOM   772  C  CA  . ILE A 1 108 ? 10.04398  0.35381   7.93132   1.000 29.61000  ? 131 ILE A CA  1 
ATOM   773  C  C   . ILE A 1 108 ? 10.47572  1.80384   7.75118   1.000 28.20000  ? 131 ILE A C   1 
ATOM   774  O  O   . ILE A 1 108 ? 10.03160  2.69464   8.48687   1.000 24.13000  ? 131 ILE A O   1 
ATOM   775  C  CB  . ILE A 1 108 ? 11.17858  -0.52984  8.46621   1.000 29.01000  ? 131 ILE A CB  1 
ATOM   776  C  CG1 . ILE A 1 108 ? 10.56217  -1.80163  9.06389   1.000 31.80000  ? 131 ILE A CG1 1 
ATOM   777  C  CG2 . ILE A 1 108 ? 12.07920  0.24366   9.43198   1.000 34.21000  ? 131 ILE A CG2 1 
ATOM   778  C  CD1 . ILE A 1 108 ? 11.54754  -2.97533  9.17826   1.000 30.34000  ? 131 ILE A CD1 1 
ATOM   779  N  N   . THR A 1 109 ? 11.30999  2.07221   6.75442   1.000 24.00000  ? 132 THR A N   1 
ATOM   780  C  CA  . THR A 1 109 ? 11.74871  3.45223   6.53356   1.000 28.61000  ? 132 THR A CA  1 
ATOM   781  C  C   . THR A 1 109 ? 10.60599  4.40082   6.20961   1.000 31.36000  ? 132 THR A C   1 
ATOM   782  O  O   . THR A 1 109 ? 10.56157  5.50206   6.80067   1.000 31.23000  ? 132 THR A O   1 
ATOM   783  C  CB  . THR A 1 109 ? 12.81824  3.49844   5.43735   1.000 26.37000  ? 132 THR A CB  1 
ATOM   784  O  OG1 . THR A 1 109 ? 13.97511  2.76915   5.86575   1.000 25.63000  ? 132 THR A OG1 1 
ATOM   785  C  CG2 . THR A 1 109 ? 13.20445  4.94189   5.14164   1.000 30.11000  ? 132 THR A CG2 1 
ATOM   786  N  N   . PRO A 1 110 ? 9.67230   4.09103   5.29772   1.000 29.83000  ? 133 PRO A N   1 
ATOM   787  C  CA  . PRO A 1 110 ? 8.61490   5.07420   5.02176   1.000 26.98000  ? 133 PRO A CA  1 
ATOM   788  C  C   . PRO A 1 110 ? 7.65558   5.27017   6.17645   1.000 28.48000  ? 133 PRO A C   1 
ATOM   789  O  O   . PRO A 1 110 ? 7.15577   6.38483   6.36175   1.000 24.01000  ? 133 PRO A O   1 
ATOM   790  C  CB  . PRO A 1 110 ? 7.90630   4.51046   3.77871   1.000 27.10000  ? 133 PRO A CB  1 
ATOM   791  C  CG  . PRO A 1 110 ? 8.25168   3.05541   3.77425   1.000 25.94000  ? 133 PRO A CG  1 
ATOM   792  C  CD  . PRO A 1 110 ? 9.65890   3.00329   4.29514   1.000 29.08000  ? 133 PRO A CD  1 
ATOM   793  N  N   . LYS A 1 111 ? 7.37407   4.22564   6.95586   1.000 26.55000  ? 134 LYS A N   1 
ATOM   794  C  CA  . LYS A 1 111 ? 6.48134   4.40225   8.09849   1.000 27.74000  ? 134 LYS A CA  1 
ATOM   795  C  C   . LYS A 1 111 ? 7.13074   5.25843   9.17129   1.000 35.42000  ? 134 LYS A C   1 
ATOM   796  O  O   . LYS A 1 111 ? 6.48015   6.13707   9.74957   1.000 29.45000  ? 134 LYS A O   1 
ATOM   797  C  CB  . LYS A 1 111 ? 6.08974   3.04259   8.67328   1.000 28.65000  ? 134 LYS A CB  1 
ATOM   798  C  CG  . LYS A 1 111 ? 5.13197   2.28109   7.74916   1.000 31.56000  ? 134 LYS A CG  1 
ATOM   799  C  CD  . LYS A 1 111 ? 4.52781   1.08471   8.45119   1.000 36.95000  ? 134 LYS A CD  1 
ATOM   800  C  CE  . LYS A 1 111 ? 3.36059   0.52786   7.65992   1.000 39.11000  ? 134 LYS A CE  1 
ATOM   801  N  NZ  . LYS A 1 111 ? 2.33160   1.56976   7.36125   1.000 36.73000  ? 134 LYS A NZ  1 
ATOM   802  N  N   . SER A 1 112 ? 8.40849   4.99639   9.46628   1.000 27.48000  ? 135 SER A N   1 
ATOM   803  C  CA  . SER A 1 112 ? 9.14095   5.82033   10.41868  1.000 29.60000  ? 135 SER A CA  1 
ATOM   804  C  C   . SER A 1 112 ? 9.15607   7.27940   9.97771   1.000 33.92000  ? 135 SER A C   1 
ATOM   805  O  O   . SER A 1 112 ? 8.88113   8.18486   10.77246  1.000 30.95000  ? 135 SER A O   1 
ATOM   806  C  CB  . SER A 1 112 ? 10.55594  5.26527   10.56904  1.000 30.42000  ? 135 SER A CB  1 
ATOM   807  O  OG  . SER A 1 112 ? 11.44833  6.30053   10.90043  1.000 41.42000  ? 135 SER A OG  1 
ATOM   808  N  N   . LEU A 1 113 ? 9.43006   7.52244   8.69439   1.000 27.28000  ? 136 LEU A N   1 
ATOM   809  C  CA  . LEU A 1 113 ? 9.42011   8.88360   8.17190   1.000 28.20000  ? 136 LEU A CA  1 
ATOM   810  C  C   . LEU A 1 113 ? 8.04109   9.53913   8.30266   1.000 35.63000  ? 136 LEU A C   1 
ATOM   811  O  O   . LEU A 1 113 ? 7.93490   10.73036  8.63315   1.000 32.27000  ? 136 LEU A O   1 
ATOM   812  C  CB  . LEU A 1 113 ? 9.87553   8.86685   6.71484   1.000 30.64000  ? 136 LEU A CB  1 
ATOM   813  C  CG  . LEU A 1 113 ? 9.86282   10.21889  6.01717   1.000 36.30000  ? 136 LEU A CG  1 
ATOM   814  C  CD1 . LEU A 1 113 ? 11.14407  10.96803  6.35590   1.000 38.39000  ? 136 LEU A CD1 1 
ATOM   815  C  CD2 . LEU A 1 113 ? 9.72421   10.03496  4.50450   1.000 47.02000  ? 136 LEU A CD2 1 
ATOM   816  N  N   . ALA A 1 114 ? 6.97227   8.77263   8.06486   1.000 28.96000  ? 137 ALA A N   1 
ATOM   817  C  CA  . ALA A 1 114 ? 5.63553   9.35227   8.02906   1.000 32.22000  ? 137 ALA A CA  1 
ATOM   818  C  C   . ALA A 1 114 ? 5.20375   9.91358   9.38156   1.000 30.62000  ? 137 ALA A C   1 
ATOM   819  O  O   . ALA A 1 114 ? 4.47435   10.91075  9.42538   1.000 25.73000  ? 137 ALA A O   1 
ATOM   820  C  CB  . ALA A 1 114 ? 4.62045   8.31393   7.53676   1.000 25.41000  ? 137 ALA A CB  1 
ATOM   821  N  N   . VAL A 1 115 ? 5.62864   9.31533   10.49641  1.000 28.28000  ? 138 VAL A N   1 
ATOM   822  C  CA  . VAL A 1 115 ? 5.15123   9.84784   11.77359  1.000 36.67000  ? 138 VAL A CA  1 
ATOM   823  C  C   . VAL A 1 115 ? 5.65814   11.26897  11.98776  1.000 32.83000  ? 138 VAL A C   1 
ATOM   824  O  O   . VAL A 1 115 ? 5.02136   12.05800  12.69087  1.000 36.36000  ? 138 VAL A O   1 
ATOM   825  C  CB  . VAL A 1 115 ? 5.54287   8.93072   12.95047  1.000 40.74000  ? 138 VAL A CB  1 
ATOM   826  C  CG1 . VAL A 1 115 ? 4.90086   7.55883   12.80242  1.000 46.04000  ? 138 VAL A CG1 1 
ATOM   827  C  CG2 . VAL A 1 115 ? 7.03489   8.82804   13.07544  1.000 42.04000  ? 138 VAL A CG2 1 
ATOM   828  N  N   . HIS A 1 116 ? 6.76799   11.62582  11.38091  1.000 30.41000  ? 139 HIS A N   1 
ATOM   829  C  CA  . HIS A 1 116 ? 7.34194   12.95552  11.52425  1.000 37.79000  ? 139 HIS A CA  1 
ATOM   830  C  C   . HIS A 1 116 ? 6.94577   13.93857  10.44181  1.000 38.14000  ? 139 HIS A C   1 
ATOM   831  O  O   . HIS A 1 116 ? 7.32729   15.04172  10.47736  1.000 40.87000  ? 139 HIS A O   1 
ATOM   832  C  CB  . HIS A 1 116 ? 8.86901   12.90595  11.59319  1.000 34.96000  ? 139 HIS A CB  1 
ATOM   833  C  CG  . HIS A 1 116 ? 9.39252   11.93676  12.58214  1.000 35.75000  ? 139 HIS A CG  1 
ATOM   834  N  ND1 . HIS A 1 116 ? 9.52659   12.22726  13.91461  1.000 40.83000  ? 139 HIS A ND1 1 
ATOM   835  C  CD2 . HIS A 1 116 ? 9.78946   10.66394  12.43582  1.000 36.65000  ? 139 HIS A CD2 1 
ATOM   836  C  CE1 . HIS A 1 116 ? 9.97167   11.16820  14.54483  1.000 37.41000  ? 139 HIS A CE1 1 
ATOM   837  N  NE2 . HIS A 1 116 ? 10.13314  10.20529  13.66944  1.000 35.06000  ? 139 HIS A NE2 1 
ATOM   838  N  N   . HIS A 1 117 ? 6.19906   13.50513  9.46932   1.000 34.16000  ? 140 HIS A N   1 
ATOM   839  C  CA  . HIS A 1 117 ? 5.78814   14.36563  8.37130   1.000 35.01000  ? 140 HIS A CA  1 
ATOM   840  C  C   . HIS A 1 117 ? 4.38310   14.00016  7.92940   1.000 33.95000  ? 140 HIS A C   1 
ATOM   841  O  O   . HIS A 1 117 ? 4.05840   14.03658  6.73735   1.000 31.45000  ? 140 HIS A O   1 
ATOM   842  C  CB  . HIS A 1 117 ? 6.76837   14.26980  7.20272   1.000 34.45000  ? 140 HIS A CB  1 
ATOM   843  C  CG  . HIS A 1 117 ? 8.16227   14.67592  7.55103   1.000 40.57000  ? 140 HIS A CG  1 
ATOM   844  N  ND1 . HIS A 1 117 ? 9.13576   13.76932  7.91223   1.000 42.32000  ? 140 HIS A ND1 1 
ATOM   845  C  CD2 . HIS A 1 117 ? 8.73896   15.89919  7.62726   1.000 46.52000  ? 140 HIS A CD2 1 
ATOM   846  C  CE1 . HIS A 1 117 ? 10.25607  14.41644  8.17601   1.000 40.45000  ? 140 HIS A CE1 1 
ATOM   847  N  NE2 . HIS A 1 117 ? 10.04418  15.70874  8.01002   1.000 42.05000  ? 140 HIS A NE2 1 
ATOM   848  N  N   . ALA A 1 118 ? 3.52493   13.65849  8.89646   1.000 32.08000  ? 141 ALA A N   1 
ATOM   849  C  CA  . ALA A 1 118 ? 2.23734   13.05589  8.56725   1.000 32.80000  ? 141 ALA A CA  1 
ATOM   850  C  C   . ALA A 1 118 ? 1.34813   14.01540  7.78738   1.000 36.30000  ? 141 ALA A C   1 
ATOM   851  O  O   . ALA A 1 118 ? 0.63484   13.59834  6.86901   1.000 29.83000  ? 141 ALA A O   1 
ATOM   852  C  CB  . ALA A 1 118 ? 1.53660   12.59040  9.84495   1.000 33.63000  ? 141 ALA A CB  1 
ATOM   853  N  N   . GLU A 1 119 ? 1.36610   15.30395  8.14120   1.000 34.11000  ? 142 GLU A N   1 
ATOM   854  C  CA  . GLU A 1 119 ? 0.47935   16.24487  7.46617   1.000 37.89000  ? 142 GLU A CA  1 
ATOM   855  C  C   . GLU A 1 119 ? 0.90570   16.47481  6.02487   1.000 35.83000  ? 142 GLU A C   1 
ATOM   856  O  O   . GLU A 1 119 ? 0.06907   16.49780  5.11709   1.000 31.77000  ? 142 GLU A O   1 
ATOM   857  C  CB  . GLU A 1 119 ? 0.43837   17.57195  8.21048   1.000 39.16000  ? 142 GLU A CB  1 
ATOM   858  C  CG  . GLU A 1 119 ? -0.29963  17.52198  9.50352   1.000 42.91000  ? 142 GLU A CG  1 
ATOM   859  C  CD  . GLU A 1 119 ? -0.51321  18.91012  10.05761  1.000 61.97000  ? 142 GLU A CD  1 
ATOM   860  O  OE1 . GLU A 1 119 ? -0.72271  19.84477  9.24773   1.000 62.40000  ? 142 GLU A OE1 1 
ATOM   861  O  OE2 . GLU A 1 119 ? -0.44955  19.07224  11.29078  1.000 68.67000  ? 142 GLU A OE2 1 
ATOM   862  N  N   . ALA A 1 120 ? 2.20366   16.67613  5.79867   1.000 31.58000  ? 143 ALA A N   1 
ATOM   863  C  CA  . ALA A 1 120 ? 2.66765   16.90317  4.44048   1.000 37.98000  ? 143 ALA A CA  1 
ATOM   864  C  C   . ALA A 1 120 ? 2.42506   15.67566  3.56225   1.000 34.47000  ? 143 ALA A C   1 
ATOM   865  O  O   . ALA A 1 120 ? 2.04273   15.80841  2.39339   1.000 30.78000  ? 143 ALA A O   1 
ATOM   866  C  CB  . ALA A 1 120 ? 4.14799   17.28331  4.45677   1.000 38.23000  ? 143 ALA A CB  1 
ATOM   867  N  N   . ILE A 1 121 ? 2.62971   14.47223  4.11176   1.000 29.19000  ? 144 ILE A N   1 
ATOM   868  C  CA  . ILE A 1 121 ? 2.49077   13.27256  3.29603   1.000 31.12000  ? 144 ILE A CA  1 
ATOM   869  C  C   . ILE A 1 121 ? 1.02421   13.01612  2.96665   1.000 33.82000  ? 144 ILE A C   1 
ATOM   870  O  O   . ILE A 1 121 ? 0.68996   12.66805  1.83388   1.000 28.72000  ? 144 ILE A O   1 
ATOM   871  C  CB  . ILE A 1 121 ? 3.14383   12.05997  3.98540   1.000 30.79000  ? 144 ILE A CB  1 
ATOM   872  C  CG1 . ILE A 1 121 ? 4.66930   12.18388  3.91190   1.000 30.55000  ? 144 ILE A CG1 1 
ATOM   873  C  CG2 . ILE A 1 121 ? 2.72014   10.75736  3.29198   1.000 32.36000  ? 144 ILE A CG2 1 
ATOM   874  C  CD1 . ILE A 1 121 ? 5.40606   11.37861  4.93431   1.000 30.16000  ? 144 ILE A CD1 1 
ATOM   875  N  N   . ALA A 1 122 ? 0.13346   13.17020  3.94919   1.000 30.14000  ? 145 ALA A N   1 
ATOM   876  C  CA  . ALA A 1 122 ? -1.29352  13.01509  3.68762   1.000 29.36000  ? 145 ALA A CA  1 
ATOM   877  C  C   . ALA A 1 122 ? -1.77135  14.02948  2.65753   1.000 35.40000  ? 145 ALA A C   1 
ATOM   878  O  O   . ALA A 1 122 ? -2.54970  13.69135  1.76008   1.000 31.77000  ? 145 ALA A O   1 
ATOM   879  C  CB  . ALA A 1 122 ? -2.08955  13.15309  4.98345   1.000 30.99000  ? 145 ALA A CB  1 
ATOM   880  N  N   . ARG A 1 123 ? -1.29779  15.27720  2.76013   1.000 36.76000  ? 146 ARG A N   1 
ATOM   881  C  CA  . ARG A 1 123 ? -1.71991  16.30587  1.81759   1.000 43.52000  ? 146 ARG A CA  1 
ATOM   882  C  C   . ARG A 1 123 ? -1.34235  15.93193  0.39444   1.000 41.58000  ? 146 ARG A C   1 
ATOM   883  O  O   . ARG A 1 123 ? -2.13322  16.11172  -0.54146  1.000 40.74000  ? 146 ARG A O   1 
ATOM   884  C  CB  . ARG A 1 123 ? -1.09593  17.65205  2.18536   1.000 42.64000  ? 146 ARG A CB  1 
ATOM   885  C  CG  . ARG A 1 123 ? -1.49875  18.74082  1.20497   1.000 54.67000  ? 146 ARG A CG  1 
ATOM   886  C  CD  . ARG A 1 123 ? -0.53722  19.91210  1.20316   1.000 55.63000  ? 146 ARG A CD  1 
ATOM   887  N  NE  . ARG A 1 123 ? -0.23442  20.37348  2.55027   1.000 61.50000  ? 146 ARG A NE  1 
ATOM   888  C  CZ  . ARG A 1 123 ? -1.09059  21.01883  3.33461   1.000 67.88000  ? 146 ARG A CZ  1 
ATOM   889  N  NH1 . ARG A 1 123 ? -2.32499  21.28703  2.91195   1.000 65.37000  ? 146 ARG A NH1 1 
ATOM   890  N  NH2 . ARG A 1 123 ? -0.70521  21.40116  4.54492   1.000 59.99000  ? 146 ARG A NH2 1 
ATOM   891  N  N   . LEU A 1 124 ? -0.14020  15.39245  0.21952   1.000 36.12000  ? 147 LEU A N   1 
ATOM   892  C  CA  . LEU A 1 124 ? 0.37035   15.08889  -1.10720  1.000 37.72000  ? 147 LEU A CA  1 
ATOM   893  C  C   . LEU A 1 124 ? -0.14841  13.76073  -1.63452  1.000 36.26000  ? 147 LEU A C   1 
ATOM   894  O  O   . LEU A 1 124 ? -0.26946  13.59516  -2.84780  1.000 33.84000  ? 147 LEU A O   1 
ATOM   895  C  CB  . LEU A 1 124 ? 1.90072   15.08086  -1.08766  1.000 38.18000  ? 147 LEU A CB  1 
ATOM   896  C  CG  . LEU A 1 124 ? 2.54818   16.44039  -1.34519  1.000 52.72000  ? 147 LEU A CG  1 
ATOM   897  C  CD1 . LEU A 1 124 ? 4.01761   16.42211  -0.94066  1.000 56.73000  ? 147 LEU A CD1 1 
ATOM   898  C  CD2 . LEU A 1 124 ? 2.38149   16.84882  -2.80688  1.000 61.76000  ? 147 LEU A CD2 1 
ATOM   899  N  N   . ALA A 1 125 ? -0.45661  12.81259  -0.75441  1.000 33.88000  ? 148 ALA A N   1 
ATOM   900  C  CA  . ALA A 1 125 ? -0.88515  11.48661  -1.18163  1.000 31.10000  ? 148 ALA A CA  1 
ATOM   901  C  C   . ALA A 1 125 ? -2.38388  11.38402  -1.44068  1.000 31.45000  ? 148 ALA A C   1 
ATOM   902  O  O   . ALA A 1 125 ? -2.81250  10.46533  -2.14612  1.000 28.78000  ? 148 ALA A O   1 
ATOM   903  C  CB  . ALA A 1 125 ? -0.50849  10.45210  -0.12458  1.000 30.47000  ? 148 ALA A CB  1 
ATOM   904  N  N   . ALA A 1 126 ? -3.18819  12.29092  -0.88113  1.000 27.52000  ? 149 ALA A N   1 
ATOM   905  C  CA  . ALA A 1 126 ? -4.63917  12.09310  -0.86708  1.000 33.13000  ? 149 ALA A CA  1 
ATOM   906  C  C   . ALA A 1 126 ? -5.21778  11.98163  -2.27742  1.000 34.06000  ? 149 ALA A C   1 
ATOM   907  O  O   . ALA A 1 126 ? -6.02396  11.08251  -2.56061  1.000 27.74000  ? 149 ALA A O   1 
ATOM   908  C  CB  . ALA A 1 126 ? -5.31776  13.22737  -0.11180  1.000 32.23000  ? 149 ALA A CB  1 
ATOM   909  N  N   . TRP A 1 127 ? -4.83784  12.89491  -3.17390  1.000 29.02000  ? 150 TRP A N   1 
ATOM   910  C  CA  . TRP A 1 127 ? -5.48215  12.90302  -4.48469  1.000 34.09000  ? 150 TRP A CA  1 
ATOM   911  C  C   . TRP A 1 127 ? -4.99467  11.75420  -5.36635  1.000 32.46000  ? 150 TRP A C   1 
ATOM   912  O  O   . TRP A 1 127 ? -5.82510  11.13119  -6.04265  1.000 28.91000  ? 150 TRP A O   1 
ATOM   913  C  CB  . TRP A 1 127 ? -5.29188  14.25893  -5.16960  1.000 30.18000  ? 150 TRP A CB  1 
ATOM   914  C  CG  . TRP A 1 127 ? -6.18289  15.31299  -4.55416  1.000 39.08000  ? 150 TRP A CG  1 
ATOM   915  C  CD1 . TRP A 1 127 ? -5.79807  16.37069  -3.78463  1.000 40.17000  ? 150 TRP A CD1 1 
ATOM   916  C  CD2 . TRP A 1 127 ? -7.61418  15.36811  -4.62548  1.000 39.62000  ? 150 TRP A CD2 1 
ATOM   917  N  NE1 . TRP A 1 127 ? -6.89978  17.09178  -3.38728  1.000 40.14000  ? 150 TRP A NE1 1 
ATOM   918  C  CE2 . TRP A 1 127 ? -8.02609  16.49483  -3.89056  1.000 42.95000  ? 150 TRP A CE2 1 
ATOM   919  C  CE3 . TRP A 1 127 ? -8.58523  14.58171  -5.25833  1.000 43.24000  ? 150 TRP A CE3 1 
ATOM   920  C  CZ2 . TRP A 1 127 ? -9.36648  16.85414  -3.76759  1.000 46.19000  ? 150 TRP A CZ2 1 
ATOM   921  C  CZ3 . TRP A 1 127 ? -9.92121  14.94307  -5.13419  1.000 46.80000  ? 150 TRP A CZ3 1 
ATOM   922  C  CH2 . TRP A 1 127 ? -10.29451 16.06520  -4.39836  1.000 46.33000  ? 150 TRP A CH2 1 
ATOM   923  N  N   . PRO A 1 128 ? -3.69063  11.42186  -5.39317  1.000 32.85000  ? 151 PRO A N   1 
ATOM   924  C  CA  . PRO A 1 128 ? -3.28638  10.21640  -6.14525  1.000 31.40000  ? 151 PRO A CA  1 
ATOM   925  C  C   . PRO A 1 128 ? -3.96856  8.95317   -5.65262  1.000 31.03000  ? 151 PRO A C   1 
ATOM   926  O  O   . PRO A 1 128 ? -4.36380  8.10300   -6.45885  1.000 30.90000  ? 151 PRO A O   1 
ATOM   927  C  CB  . PRO A 1 128 ? -1.76376  10.15976  -5.93810  1.000 32.88000  ? 151 PRO A CB  1 
ATOM   928  C  CG  . PRO A 1 128 ? -1.36181  11.54610  -5.67668  1.000 35.58000  ? 151 PRO A CG  1 
ATOM   929  C  CD  . PRO A 1 128 ? -2.51553  12.16414  -4.89985  1.000 29.34000  ? 151 PRO A CD  1 
ATOM   930  N  N   . ILE A 1 129 ? -4.15458  8.82276   -4.34056  1.000 26.27000  ? 152 ILE A N   1 
ATOM   931  C  CA  . ILE A 1 129 ? -4.76403  7.60954   -3.81546  1.000 30.35000  ? 152 ILE A CA  1 
ATOM   932  C  C   . ILE A 1 129 ? -6.26014  7.60415   -4.09807  1.000 26.97000  ? 152 ILE A C   1 
ATOM   933  O  O   . ILE A 1 129 ? -6.85019  6.55608   -4.38072  1.000 28.15000  ? 152 ILE A O   1 
ATOM   934  C  CB  . ILE A 1 129 ? -4.44681  7.47308   -2.31394  1.000 25.05000  ? 152 ILE A CB  1 
ATOM   935  C  CG1 . ILE A 1 129 ? -2.95631  7.17867   -2.10478  1.000 25.18000  ? 152 ILE A CG1 1 
ATOM   936  C  CG2 . ILE A 1 129 ? -5.21329  6.34639   -1.69315  1.000 24.10000  ? 152 ILE A CG2 1 
ATOM   937  C  CD1 . ILE A 1 129 ? -2.54450  7.21267   -0.63764  1.000 27.42000  ? 152 ILE A CD1 1 
ATOM   938  N  N   . TYR A 1 130 ? -6.89764  8.77415   -4.01830  1.000 26.70000  ? 153 TYR A N   1 
ATOM   939  C  CA  . TYR A 1 130 ? -8.29678  8.88761   -4.40467  1.000 33.14000  ? 153 TYR A CA  1 
ATOM   940  C  C   . TYR A 1 130 ? -8.49964  8.43128   -5.84450  1.000 25.19000  ? 153 TYR A C   1 
ATOM   941  O  O   . TYR A 1 130 ? -9.45976  7.71506   -6.14778  1.000 25.41000  ? 153 TYR A O   1 
ATOM   942  C  CB  . TYR A 1 130 ? -8.76901  10.32531  -4.22434  1.000 29.77000  ? 153 TYR A CB  1 
ATOM   943  C  CG  . TYR A 1 130 ? -10.26107 10.48407  -4.36267  1.000 39.94000  ? 153 TYR A CG  1 
ATOM   944  C  CD1 . TYR A 1 130 ? -11.12847 9.88955   -3.45375  1.000 39.31000  ? 153 TYR A CD1 1 
ATOM   945  C  CD2 . TYR A 1 130 ? -10.80335 11.23259  -5.40016  1.000 42.63000  ? 153 TYR A CD2 1 
ATOM   946  C  CE1 . TYR A 1 130 ? -12.50059 10.02525  -3.58506  1.000 43.90000  ? 153 TYR A CE1 1 
ATOM   947  C  CE2 . TYR A 1 130 ? -12.16187 11.38444  -5.53150  1.000 48.17000  ? 153 TYR A CE2 1 
ATOM   948  C  CZ  . TYR A 1 130 ? -13.00955 10.77778  -4.62611  1.000 53.73000  ? 153 TYR A CZ  1 
ATOM   949  O  OH  . TYR A 1 130 ? -14.37379 10.92829  -4.77290  1.000 54.65000  ? 153 TYR A OH  1 
ATOM   950  N  N   . GLY A 1 131 ? -7.59622  8.82898   -6.73802  1.000 26.80000  ? 154 GLY A N   1 
ATOM   951  C  CA  . GLY A 1 131 ? -7.69102  8.39244   -8.12218  1.000 30.83000  ? 154 GLY A CA  1 
ATOM   952  C  C   . GLY A 1 131 ? -7.59534  6.88707   -8.27222  1.000 29.58000  ? 154 GLY A C   1 
ATOM   953  O  O   . GLY A 1 131 ? -8.38153  6.27560   -9.00317  1.000 28.89000  ? 154 GLY A O   1 
ATOM   954  N  N   . LEU A 1 132 ? -6.62882  6.26455   -7.57792  1.000 27.59000  ? 155 LEU A N   1 
ATOM   955  C  CA  . LEU A 1 132 ? -6.48930  4.81104   -7.64603  1.000 25.93000  ? 155 LEU A CA  1 
ATOM   956  C  C   . LEU A 1 132 ? -7.68304  4.11090   -7.02924  1.000 27.81000  ? 155 LEU A C   1 
ATOM   957  O  O   . LEU A 1 132 ? -8.04893  3.00627   -7.46110  1.000 27.62000  ? 155 LEU A O   1 
ATOM   958  C  CB  . LEU A 1 132 ? -5.21967  4.34257   -6.93382  1.000 25.97000  ? 155 LEU A CB  1 
ATOM   959  C  CG  . LEU A 1 132 ? -3.86674  4.57428   -7.59125  1.000 29.35000  ? 155 LEU A CG  1 
ATOM   960  C  CD1 . LEU A 1 132 ? -2.75407  4.25504   -6.59262  1.000 32.37000  ? 155 LEU A CD1 1 
ATOM   961  C  CD2 . LEU A 1 132 ? -3.72066  3.71435   -8.84314  1.000 28.60000  ? 155 LEU A CD2 1 
ATOM   962  N  N   . SER A 1 133 ? -8.30318  4.74263   -6.02708  1.000 22.21000  ? 156 SER A N   1 
ATOM   963  C  CA  . SER A 1 133 ? -9.41561  4.13569   -5.31793  1.000 27.15000  ? 156 SER A CA  1 
ATOM   964  C  C   . SER A 1 133 ? -10.60417 3.86994   -6.22732  1.000 31.95000  ? 156 SER A C   1 
ATOM   965  O  O   . SER A 1 133 ? -11.45186 3.04312   -5.88417  1.000 32.75000  ? 156 SER A O   1 
ATOM   966  C  CB  . SER A 1 133 ? -9.85080  5.03003   -4.15123  1.000 28.83000  ? 156 SER A CB  1 
ATOM   967  O  OG  . SER A 1 133 ? -10.68504 6.07995   -4.60809  1.000 32.26000  ? 156 SER A OG  1 
ATOM   968  N  N   . VAL A 1 134 ? -10.70060 4.56181   -7.36473  1.000 28.19000  ? 157 VAL A N   1 
ATOM   969  C  CA  . VAL A 1 134 ? -11.85150 4.34504   -8.23833  1.000 36.89000  ? 157 VAL A CA  1 
ATOM   970  C  C   . VAL A 1 134 ? -11.85982 2.91496   -8.74050  1.000 33.68000  ? 157 VAL A C   1 
ATOM   971  O  O   . VAL A 1 134 ? -12.92577 2.32911   -8.94862  1.000 38.18000  ? 157 VAL A O   1 
ATOM   972  C  CB  . VAL A 1 134 ? -11.87375 5.35769   -9.40038  1.000 36.13000  ? 157 VAL A CB  1 
ATOM   973  C  CG1 . VAL A 1 134 ? -11.75550 6.78137   -8.86282  1.000 40.52000  ? 157 VAL A CG1 1 
ATOM   974  C  CG2 . VAL A 1 134 ? -10.79129 5.04970   -10.41252 1.000 41.04000  ? 157 VAL A CG2 1 
ATOM   975  N  N   . LEU A 1 135 ? -10.68419 2.31204   -8.88211  1.000 33.45000  ? 158 LEU A N   1 
ATOM   976  C  CA  . LEU A 1 135 ? -10.56006 0.89189   -9.16334  1.000 37.50000  ? 158 LEU A CA  1 
ATOM   977  C  C   . LEU A 1 135 ? -10.28420 0.04971   -7.91932  1.000 37.21000  ? 158 LEU A C   1 
ATOM   978  O  O   . LEU A 1 135 ? -10.90231 -1.00672  -7.74741  1.000 35.40000  ? 158 LEU A O   1 
ATOM   979  C  CB  . LEU A 1 135 ? -9.44922  0.66335   -10.18387 1.000 33.72000  ? 158 LEU A CB  1 
ATOM   980  C  CG  . LEU A 1 135 ? -9.15025  -0.81471  -10.39612 1.000 45.73000  ? 158 LEU A CG  1 
ATOM   981  C  CD1 . LEU A 1 135 ? -10.16174 -1.43423  -11.35001 1.000 53.37000  ? 158 LEU A CD1 1 
ATOM   982  C  CD2 . LEU A 1 135 ? -7.73636  -0.98336  -10.90550 1.000 60.04000  ? 158 LEU A CD2 1 
ATOM   983  N  N   . PHE A 1 136 ? -9.38358  0.48765   -7.03523  1.000 33.38000  ? 159 PHE A N   1 
ATOM   984  C  CA  . PHE A 1 136 ? -8.91579  -0.39609  -5.96663  1.000 30.01000  ? 159 PHE A CA  1 
ATOM   985  C  C   . PHE A 1 136 ? -9.94827  -0.56983  -4.86307  1.000 29.32000  ? 159 PHE A C   1 
ATOM   986  O  O   . PHE A 1 136 ? -10.01673 -1.63181  -4.23379  1.000 29.87000  ? 159 PHE A O   1 
ATOM   987  C  CB  . PHE A 1 136 ? -7.62694  0.13926   -5.34389  1.000 24.78000  ? 159 PHE A CB  1 
ATOM   988  C  CG  . PHE A 1 136 ? -6.41243  -0.02413  -6.19592  1.000 26.84000  ? 159 PHE A CG  1 
ATOM   989  C  CD1 . PHE A 1 136 ? -6.49240  -0.60266  -7.46070  1.000 30.17000  ? 159 PHE A CD1 1 
ATOM   990  C  CD2 . PHE A 1 136 ? -5.17748  0.40166   -5.73282  1.000 28.59000  ? 159 PHE A CD2 1 
ATOM   991  C  CE1 . PHE A 1 136 ? -5.36529  -0.75163  -8.24499  1.000 28.27000  ? 159 PHE A CE1 1 
ATOM   992  C  CE2 . PHE A 1 136 ? -4.02803  0.24607   -6.52138  1.000 30.28000  ? 159 PHE A CE2 1 
ATOM   993  C  CZ  . PHE A 1 136 ? -4.13266  -0.32864  -7.78272  1.000 31.92000  ? 159 PHE A CZ  1 
ATOM   994  N  N   . TYR A 1 137 ? -10.69160 0.48200   -4.53824  1.000 25.29000  ? 160 TYR A N   1 
ATOM   995  C  CA  . TYR A 1 137 ? -11.62760 0.35489   -3.42607  1.000 28.23000  ? 160 TYR A CA  1 
ATOM   996  C  C   . TYR A 1 137 ? -12.75707 -0.59538  -3.76972  1.000 33.02000  ? 160 TYR A C   1 
ATOM   997  O  O   . TYR A 1 137 ? -13.05714 -1.49189  -2.94926  1.000 27.05000  ? 160 TYR A O   1 
ATOM   998  C  CB  . TYR A 1 137 ? -12.11801 1.74440   -3.00398  1.000 26.70000  ? 160 TYR A CB  1 
ATOM   999  C  CG  . TYR A 1 137 ? -13.09886 1.73856   -1.87074  1.000 33.52000  ? 160 TYR A CG  1 
ATOM   1000 C  CD1 . TYR A 1 137 ? -12.89573 0.94032   -0.75810  1.000 30.18000  ? 160 TYR A CD1 1 
ATOM   1001 C  CD2 . TYR A 1 137 ? -14.22915 2.55102   -1.90227  1.000 38.29000  ? 160 TYR A CD2 1 
ATOM   1002 C  CE1 . TYR A 1 137 ? -13.79277 0.94565   0.30094   1.000 37.10000  ? 160 TYR A CE1 1 
ATOM   1003 C  CE2 . TYR A 1 137 ? -15.13439 2.55574   -0.85658  1.000 40.65000  ? 160 TYR A CE2 1 
ATOM   1004 C  CZ  . TYR A 1 137 ? -14.90807 1.74927   0.24279   1.000 43.55000  ? 160 TYR A CZ  1 
ATOM   1005 O  OH  . TYR A 1 137 ? -15.79860 1.75443   1.29380   1.000 54.20000  ? 160 TYR A OH  1 
ATOM   1006 N  N   . PRO A 1 138 ? -13.41926 -0.51119  -4.93972  1.000 32.55000  ? 161 PRO A N   1 
ATOM   1007 C  CA  . PRO A 1 138 ? -14.38086 -1.55663  -5.31905  1.000 37.43000  ? 161 PRO A CA  1 
ATOM   1008 C  C   . PRO A 1 138 ? -13.79755 -2.95049  -5.24510  1.000 32.99000  ? 161 PRO A C   1 
ATOM   1009 O  O   . PRO A 1 138 ? -14.47823 -3.87611  -4.78389  1.000 32.17000  ? 161 PRO A O   1 
ATOM   1010 C  CB  . PRO A 1 138 ? -14.76334 -1.18342  -6.76372  1.000 39.90000  ? 161 PRO A CB  1 
ATOM   1011 C  CG  . PRO A 1 138 ? -14.62967 0.30191   -6.80543  1.000 43.76000  ? 161 PRO A CG  1 
ATOM   1012 C  CD  . PRO A 1 138 ? -13.39335 0.58400   -5.93473  1.000 38.03000  ? 161 PRO A CD  1 
ATOM   1013 N  N   . VAL A 1 139 ? -12.53450 -3.10869  -5.65420  1.000 34.65000  ? 162 VAL A N   1 
ATOM   1014 C  CA  . VAL A 1 139 ? -11.88860 -4.41638  -5.64582  1.000 31.43000  ? 162 VAL A CA  1 
ATOM   1015 C  C   . VAL A 1 139 ? -11.73154 -4.93549  -4.22272  1.000 33.02000  ? 162 VAL A C   1 
ATOM   1016 O  O   . VAL A 1 139 ? -12.08948 -6.07998  -3.91893  1.000 32.17000  ? 162 VAL A O   1 
ATOM   1017 C  CB  . VAL A 1 139 ? -10.52739 -4.34171  -6.35480  1.000 34.66000  ? 162 VAL A CB  1 
ATOM   1018 C  CG1 . VAL A 1 139 ? -9.63936  -5.51392  -5.93824  1.000 34.76000  ? 162 VAL A CG1 1 
ATOM   1019 C  CG2 . VAL A 1 139 ? -10.71915 -4.31756  -7.85243  1.000 36.47000  ? 162 VAL A CG2 1 
ATOM   1020 N  N   . GLY A 1 140 ? -11.16019 -4.11564  -3.34074  1.000 28.82000  ? 163 GLY A N   1 
ATOM   1021 C  CA  . GLY A 1 140 ? -10.97569 -4.54732  -1.96827  1.000 29.89000  ? 163 GLY A CA  1 
ATOM   1022 C  C   . GLY A 1 140 ? -12.29221 -4.81403  -1.27220  1.000 29.95000  ? 163 GLY A C   1 
ATOM   1023 O  O   . GLY A 1 140 ? -12.40113 -5.73750  -0.46532  1.000 30.24000  ? 163 GLY A O   1 
ATOM   1024 N  N   . ARG A 1 141 ? -13.30976 -4.00679  -1.57530  1.000 33.72000  ? 164 ARG A N   1 
ATOM   1025 C  CA  . ARG A 1 141 ? -14.60631 -4.18223  -0.91946  1.000 38.41000  ? 164 ARG A CA  1 
ATOM   1026 C  C   . ARG A 1 141 ? -15.28557 -5.46823  -1.37334  1.000 29.62000  ? 164 ARG A C   1 
ATOM   1027 O  O   . ARG A 1 141 ? -15.83579 -6.21289  -0.55071  1.000 30.81000  ? 164 ARG A O   1 
ATOM   1028 C  CB  . ARG A 1 141 ? -15.49468 -2.97009  -1.18867  1.000 38.59000  ? 164 ARG A CB  1 
ATOM   1029 C  CG  . ARG A 1 141 ? -16.72754 -2.89932  -0.31561  1.000 48.36000  ? 164 ARG A CG  1 
ATOM   1030 C  CD  . ARG A 1 141 ? -17.44770 -1.56118  -0.47651  1.000 53.82000  ? 164 ARG A CD  1 
ATOM   1031 N  NE  . ARG A 1 141 ? -18.68895 -1.52302  0.29338   1.000 71.05000  ? 164 ARG A NE  1 
ATOM   1032 C  CZ  . ARG A 1 141 ? -19.91082 -1.58037  -0.23649  1.000 82.68000  ? 164 ARG A CZ  1 
ATOM   1033 N  NH1 . ARG A 1 141 ? -20.07352 -1.67171  -1.55291  1.000 71.39000  ? 164 ARG A NH1 1 
ATOM   1034 N  NH2 . ARG A 1 141 ? -20.97544 -1.54258  0.55376   1.000 87.90000  ? 164 ARG A NH2 1 
ATOM   1035 N  N   . PHE A 1 142 ? -15.26164 -5.73373  -2.67660  1.000 31.33000  ? 165 PHE A N   1 
ATOM   1036 C  CA  . PHE A 1 142 ? -15.71405 -7.01841  -3.20362  1.000 33.83000  ? 165 PHE A CA  1 
ATOM   1037 C  C   . PHE A 1 142 ? -15.07310 -8.18179  -2.45273  1.000 34.14000  ? 165 PHE A C   1 
ATOM   1038 O  O   . PHE A 1 142 ? -15.77417 -9.04431  -1.90675  1.000 30.26000  ? 165 PHE A O   1 
ATOM   1039 C  CB  . PHE A 1 142 ? -15.38339 -7.10047  -4.69157  1.000 32.30000  ? 165 PHE A CB  1 
ATOM   1040 C  CG  . PHE A 1 142 ? -15.91798 -8.34121  -5.36312  1.000 39.20000  ? 165 PHE A CG  1 
ATOM   1041 C  CD1 . PHE A 1 142 ? -17.27472 -8.45256  -5.67217  1.000 35.89000  ? 165 PHE A CD1 1 
ATOM   1042 C  CD2 . PHE A 1 142 ? -15.07633 -9.38767  -5.67047  1.000 40.02000  ? 165 PHE A CD2 1 
ATOM   1043 C  CE1 . PHE A 1 142 ? -17.76791 -9.59723  -6.28727  1.000 45.88000  ? 165 PHE A CE1 1 
ATOM   1044 C  CE2 . PHE A 1 142 ? -15.55931 -10.53303 -6.29384  1.000 45.13000  ? 165 PHE A CE2 1 
ATOM   1045 C  CZ  . PHE A 1 142 ? -16.89827 -10.63940 -6.59741  1.000 40.44000  ? 165 PHE A CZ  1 
ATOM   1046 N  N   . PHE A 1 143 ? -13.73286 -8.20335  -2.40381  1.000 30.27000  ? 166 PHE A N   1 
ATOM   1047 C  CA  . PHE A 1 143 ? -12.99898 -9.23052  -1.65864  1.000 33.35000  ? 166 PHE A CA  1 
ATOM   1048 C  C   . PHE A 1 143 ? -13.52273 -9.36511  -0.23669  1.000 26.31000  ? 166 PHE A C   1 
ATOM   1049 O  O   . PHE A 1 143 ? -13.80897 -10.46988 0.23912   1.000 28.04000  ? 166 PHE A O   1 
ATOM   1050 C  CB  . PHE A 1 143 ? -11.49731 -8.89585  -1.60549  1.000 29.95000  ? 166 PHE A CB  1 
ATOM   1051 C  CG  . PHE A 1 143 ? -10.75511 -9.12882  -2.88947  1.000 33.69000  ? 166 PHE A CG  1 
ATOM   1052 C  CD1 . PHE A 1 143 ? -11.40711 -9.56566  -4.02559  1.000 40.85000  ? 166 PHE A CD1 1 
ATOM   1053 C  CD2 . PHE A 1 143 ? -9.38395  -8.88548  -2.95082  1.000 35.93000  ? 166 PHE A CD2 1 
ATOM   1054 C  CE1 . PHE A 1 143 ? -10.70165 -9.77168  -5.21100  1.000 47.50000  ? 166 PHE A CE1 1 
ATOM   1055 C  CE2 . PHE A 1 143 ? -8.67222  -9.08323  -4.11440  1.000 39.42000  ? 166 PHE A CE2 1 
ATOM   1056 C  CZ  . PHE A 1 143 ? -9.33199  -9.53001  -5.25772  1.000 47.26000  ? 166 PHE A CZ  1 
ATOM   1057 N  N   . SER A 1 144 ? -13.62829 -8.24658  0.47819   1.000 29.37000  ? 167 SER A N   1 
ATOM   1058 C  CA  . SER A 1 144 ? -14.00608 -8.34729  1.88031   1.000 30.89000  ? 167 SER A CA  1 
ATOM   1059 C  C   . SER A 1 144 ? -15.44807 -8.84223  2.02775   1.000 26.49000  ? 167 SER A C   1 
ATOM   1060 O  O   . SER A 1 144 ? -15.74972 -9.64918  2.91488   1.000 22.98000  ? 167 SER A O   1 
ATOM   1061 C  CB  . SER A 1 144 ? -13.80693 -6.99514  2.55563   1.000 31.53000  ? 167 SER A CB  1 
ATOM   1062 O  OG  . SER A 1 144 ? -14.39761 -6.96750  3.82673   1.000 47.15000  ? 167 SER A OG  1 
ATOM   1063 N  N   . LEU A 1 145 ? -16.34842 -8.38536  1.15601   1.000 24.55000  ? 168 LEU A N   1 
ATOM   1064 C  CA  . LEU A 1 145 ? -17.73504 -8.85652  1.20404   1.000 31.39000  ? 168 LEU A CA  1 
ATOM   1065 C  C   . LEU A 1 145 ? -17.81689 -10.34389 0.89882   1.000 30.34000  ? 168 LEU A C   1 
ATOM   1066 O  O   . LEU A 1 145 ? -18.51843 -11.08865 1.58980   1.000 30.23000  ? 168 LEU A O   1 
ATOM   1067 C  CB  . LEU A 1 145 ? -18.60341 -8.05587  0.22364   1.000 31.64000  ? 168 LEU A CB  1 
ATOM   1068 C  CG  . LEU A 1 145 ? -18.91837 -6.62977  0.67340   1.000 36.61000  ? 168 LEU A CG  1 
ATOM   1069 C  CD1 . LEU A 1 145 ? -19.48139 -5.84907  -0.49825  1.000 42.21000  ? 168 LEU A CD1 1 
ATOM   1070 C  CD2 . LEU A 1 145 ? -19.89425 -6.64336  1.83922   1.000 35.01000  ? 168 LEU A CD2 1 
ATOM   1071 N  N   . VAL A 1 146 ? -17.08144 -10.80032 -0.11481  1.000 27.10000  ? 169 VAL A N   1 
ATOM   1072 C  CA  . VAL A 1 146 ? -17.11592 -12.21632 -0.46635  1.000 30.21000  ? 169 VAL A CA  1 
ATOM   1073 C  C   . VAL A 1 146 ? -16.46666 -13.05120 0.62941   1.000 31.90000  ? 169 VAL A C   1 
ATOM   1074 O  O   . VAL A 1 146 ? -16.94277 -14.14432 0.96159   1.000 30.63000  ? 169 VAL A O   1 
ATOM   1075 C  CB  . VAL A 1 146 ? -16.43415 -12.44761 -1.82315  1.000 29.13000  ? 169 VAL A CB  1 
ATOM   1076 C  CG1 . VAL A 1 146 ? -16.34658 -13.93004 -2.11408  1.000 32.21000  ? 169 VAL A CG1 1 
ATOM   1077 C  CG2 . VAL A 1 146 ? -17.18244 -11.71455 -2.94106  1.000 30.16000  ? 169 VAL A CG2 1 
ATOM   1078 N  N   . SER A 1 147 ? -15.36862 -12.54942 1.20089   1.000 26.39000  ? 170 SER A N   1 
ATOM   1079 C  CA  . SER A 1 147 ? -14.68426 -13.26433 2.26632   1.000 29.28000  ? 170 SER A CA  1 
ATOM   1080 C  C   . SER A 1 147 ? -15.59022 -13.45326 3.47118   1.000 27.74000  ? 170 SER A C   1 
ATOM   1081 O  O   . SER A 1 147 ? -15.70847 -14.56369 3.99731   1.000 29.84000  ? 170 SER A O   1 
ATOM   1082 C  CB  . SER A 1 147 ? -13.41962 -12.50470 2.65459   1.000 30.55000  ? 170 SER A CB  1 
ATOM   1083 O  OG  . SER A 1 147 ? -12.96439 -12.94331 3.89854   1.000 37.66000  ? 170 SER A OG  1 
ATOM   1084 N  N   . GLY A 1 148 ? -16.24909 -12.37765 3.92111   1.000 27.22000  ? 171 GLY A N   1 
ATOM   1085 C  CA  . GLY A 1 148 ? -17.19297 -12.51233 5.02320   1.000 29.08000  ? 171 GLY A CA  1 
ATOM   1086 C  C   . GLY A 1 148 ? -18.33587 -13.46226 4.69803   1.000 34.04000  ? 171 GLY A C   1 
ATOM   1087 O  O   . GLY A 1 148 ? -18.74847 -14.26905 5.53878   1.000 32.64000  ? 171 GLY A O   1 
ATOM   1088 N  N   . GLY A 1 149 ? -18.86006 -13.37989 3.47664   1.000 29.62000  ? 172 GLY A N   1 
ATOM   1089 C  CA  . GLY A 1 149 ? -19.86452 -14.34624 3.05197   1.000 35.93000  ? 172 GLY A CA  1 
ATOM   1090 C  C   . GLY A 1 149 ? -19.38146 -15.77832 3.18713   1.000 35.98000  ? 172 GLY A C   1 
ATOM   1091 O  O   . GLY A 1 149 ? -20.07869 -16.63509 3.73423   1.000 34.06000  ? 172 GLY A O   1 
ATOM   1092 N  N   . LEU A 1 150 ? -18.15969 -16.04475 2.72020   1.000 31.07000  ? 173 LEU A N   1 
ATOM   1093 C  CA  . LEU A 1 150 ? -17.59637 -17.39118 2.81050   1.000 33.96000  ? 173 LEU A CA  1 
ATOM   1094 C  C   . LEU A 1 150 ? -17.40572 -17.82556 4.25883   1.000 34.50000  ? 173 LEU A C   1 
ATOM   1095 O  O   . LEU A 1 150 ? -17.67553 -18.98071 4.61339   1.000 33.51000  ? 173 LEU A O   1 
ATOM   1096 C  CB  . LEU A 1 150 ? -16.26060 -17.43780 2.08047   1.000 32.34000  ? 173 LEU A CB  1 
ATOM   1097 C  CG  . LEU A 1 150 ? -15.48619 -18.75010 2.18979   1.000 41.56000  ? 173 LEU A CG  1 
ATOM   1098 C  CD1 . LEU A 1 150 ? -16.23497 -19.85704 1.42886   1.000 40.06000  ? 173 LEU A CD1 1 
ATOM   1099 C  CD2 . LEU A 1 150 ? -14.06542 -18.59033 1.66962   1.000 43.08000  ? 173 LEU A CD2 1 
ATOM   1100 N  N   . LEU A 1 151 ? -16.90733 -16.92867 5.10746   1.000 32.74000  ? 174 LEU A N   1 
ATOM   1101 C  CA  . LEU A 1 151 ? -16.72001 -17.29086 6.50941   1.000 35.86000  ? 174 LEU A CA  1 
ATOM   1102 C  C   . LEU A 1 151 ? -18.05630 -17.61291 7.17587   1.000 32.80000  ? 174 LEU A C   1 
ATOM   1103 O  O   . LEU A 1 151 ? -18.14419 -18.52965 8.00201   1.000 37.63000  ? 174 LEU A O   1 
ATOM   1104 C  CB  . LEU A 1 151 ? -15.99409 -16.16771 7.24859   1.000 32.09000  ? 174 LEU A CB  1 
ATOM   1105 C  CG  . LEU A 1 151 ? -14.51191 -16.10366 6.83660   1.000 34.21000  ? 174 LEU A CG  1 
ATOM   1106 C  CD1 . LEU A 1 151 ? -13.84294 -14.86380 7.38212   1.000 33.17000  ? 174 LEU A CD1 1 
ATOM   1107 C  CD2 . LEU A 1 151 ? -13.77007 -17.34930 7.29271   1.000 35.70000  ? 174 LEU A CD2 1 
ATOM   1108 N  N   . ARG A 1 152 ? -19.11230 -16.88504 6.81784   1.000 27.64000  ? 175 ARG A N   1 
ATOM   1109 C  CA  . ARG A 1 152 ? -20.40789 -17.17067 7.43022   1.000 38.99000  ? 175 ARG A CA  1 
ATOM   1110 C  C   . ARG A 1 152 ? -20.99535 -18.47095 6.88740   1.000 38.55000  ? 175 ARG A C   1 
ATOM   1111 O  O   . ARG A 1 152 ? -21.51789 -19.28365 7.65868   1.000 38.86000  ? 175 ARG A O   1 
ATOM   1112 C  CB  . ARG A 1 152 ? -21.35223 -15.98948 7.23581   1.000 35.16000  ? 175 ARG A CB  1 
ATOM   1113 C  CG  . ARG A 1 152 ? -20.87711 -14.76225 8.01368   1.000 40.56000  ? 175 ARG A CG  1 
ATOM   1114 C  CD  . ARG A 1 152 ? -21.84171 -13.60884 7.96703   1.000 43.11000  ? 175 ARG A CD  1 
ATOM   1115 N  NE  . ARG A 1 152 ? -22.31136 -13.32742 6.61441   1.000 49.88000  ? 175 ARG A NE  1 
ATOM   1116 C  CZ  . ARG A 1 152 ? -21.79967 -12.38953 5.82309   1.000 46.75000  ? 175 ARG A CZ  1 
ATOM   1117 N  NH1 . ARG A 1 152 ? -20.79476 -11.63089 6.24103   1.000 38.26000  ? 175 ARG A NH1 1 
ATOM   1118 N  NH2 . ARG A 1 152 ? -22.30419 -12.20418 4.61412   1.000 47.19000  ? 175 ARG A NH2 1 
ATOM   1119 N  N   . LEU A 1 153 ? -20.87173 -18.70904 5.57400   1.000 39.23000  ? 176 LEU A N   1 
ATOM   1120 C  CA  . LEU A 1 153 ? -21.25033 -20.00344 5.00272   1.000 34.14000  ? 176 LEU A CA  1 
ATOM   1121 C  C   . LEU A 1 153 ? -20.60424 -21.16305 5.75410   1.000 41.68000  ? 176 LEU A C   1 
ATOM   1122 O  O   . LEU A 1 153 ? -21.25985 -22.17418 6.03214   1.000 45.88000  ? 176 LEU A O   1 
ATOM   1123 C  CB  . LEU A 1 153 ? -20.86402 -20.06790 3.52292   1.000 35.22000  ? 176 LEU A CB  1 
ATOM   1124 C  CG  . LEU A 1 153 ? -21.85852 -19.53839 2.48436   1.000 38.45000  ? 176 LEU A CG  1 
ATOM   1125 C  CD1 . LEU A 1 153 ? -21.43492 -19.99055 1.09468   1.000 37.97000  ? 176 LEU A CD1 1 
ATOM   1126 C  CD2 . LEU A 1 153 ? -23.27843 -19.99947 2.79682   1.000 37.22000  ? 176 LEU A CD2 1 
ATOM   1127 N  N   . LEU A 1 154 ? -19.31544 -21.03723 6.09063   1.000 39.24000  ? 177 LEU A N   1 
ATOM   1128 C  CA  . LEU A 1 154 ? -18.59395 -22.11541 6.75781   1.000 39.43000  ? 177 LEU A CA  1 
ATOM   1129 C  C   . LEU A 1 154 ? -18.86405 -22.18487 8.25005   1.000 38.66000  ? 177 LEU A C   1 
ATOM   1130 O  O   . LEU A 1 154 ? -18.33041 -23.07868 8.91392   1.000 43.67000  ? 177 LEU A O   1 
ATOM   1131 C  CB  . LEU A 1 154 ? -17.08631 -21.97065 6.53931   1.000 40.82000  ? 177 LEU A CB  1 
ATOM   1132 C  CG  . LEU A 1 154 ? -16.57549 -22.06565 5.10525   1.000 38.71000  ? 177 LEU A CG  1 
ATOM   1133 C  CD1 . LEU A 1 154 ? -15.21624 -21.40091 5.02251   1.000 38.59000  ? 177 LEU A CD1 1 
ATOM   1134 C  CD2 . LEU A 1 154 ? -16.48065 -23.52078 4.68055   1.000 45.80000  ? 177 LEU A CD2 1 
ATOM   1135 N  N   . GLY A 1 155 ? -19.65340 -21.26639 8.79359   1.000 36.68000  ? 178 GLY A N   1 
ATOM   1136 C  CA  . GLY A 1 155 ? -19.92633 -21.24013 10.21170  1.000 41.22000  ? 178 GLY A CA  1 
ATOM   1137 C  C   . GLY A 1 155 ? -18.84630 -20.60891 11.06158  1.000 44.18000  ? 178 GLY A C   1 
ATOM   1138 O  O   . GLY A 1 155 ? -18.89137 -20.74624 12.28916  1.000 41.63000  ? 178 GLY A O   1 
ATOM   1139 N  N   . LEU A 1 156 ? -17.88364 -19.91263 10.45430  1.000 41.82000  ? 179 LEU A N   1 
ATOM   1140 C  CA  . LEU A 1 156 ? -16.76452 -19.31776 11.18147  1.000 40.91000  ? 179 LEU A CA  1 
ATOM   1141 C  C   . LEU A 1 156 ? -16.99494 -17.86012 11.55369  1.000 44.27000  ? 179 LEU A C   1 
ATOM   1142 O  O   . LEU A 1 156 ? -16.10971 -17.23613 12.15130  1.000 43.83000  ? 179 LEU A O   1 
ATOM   1143 C  CB  . LEU A 1 156 ? -15.47933 -19.44099 10.35524  1.000 39.85000  ? 179 LEU A CB  1 
ATOM   1144 C  CG  . LEU A 1 156 ? -15.13732 -20.88574 10.02803  1.000 40.28000  ? 179 LEU A CG  1 
ATOM   1145 C  CD1 . LEU A 1 156 ? -14.04366 -20.99633 8.96233   1.000 39.17000  ? 179 LEU A CD1 1 
ATOM   1146 C  CD2 . LEU A 1 156 ? -14.73919 -21.59492 11.31622  1.000 46.22000  ? 179 LEU A CD2 1 
ATOM   1147 N  N   . GLU A 1 157 ? -18.14101 -17.29643 11.20107  1.000 39.11000  ? 180 GLU A N   1 
ATOM   1148 C  CA  . GLU A 1 157 ? -18.54834 -15.97394 11.64010  1.000 40.05000  ? 180 GLU A CA  1 
ATOM   1149 C  C   . GLU A 1 157 ? -20.03907 -16.01868 11.86349  1.000 48.24000  ? 180 GLU A C   1 
ATOM   1150 O  O   . GLU A 1 157 ? -20.74874 -16.78668 11.18823  1.000 47.23000  ? 180 GLU A O   1 
ATOM   1151 C  CB  . GLU A 1 157 ? -18.18800 -14.88549 10.61231  1.000 42.54000  ? 180 GLU A CB  1 
ATOM   1152 C  CG  . GLU A 1 157 ? -16.69066 -14.71700 10.42800  1.000 42.60000  ? 180 GLU A CG  1 
ATOM   1153 C  CD  . GLU A 1 157 ? -16.30257 -13.46270 9.66799   1.000 41.27000  ? 180 GLU A CD  1 
ATOM   1154 O  OE1 . GLU A 1 157 ? -17.14039 -12.89982 8.93286   1.000 40.57000  ? 180 GLU A OE1 1 
ATOM   1155 O  OE2 . GLU A 1 157 ? -15.12992 -13.04291 9.81457   1.000 58.53000  ? 180 GLU A OE2 1 
ATOM   1156 N  N   . PRO A 1 158 ? -20.57109 -15.21231 12.79095  1.000 48.37000  ? 181 PRO A N   1 
ATOM   1157 C  CA  . PRO A 1 158 ? -21.98455 -15.31772 13.17854  1.000 51.65000  ? 181 PRO A CA  1 
ATOM   1158 C  C   . PRO A 1 158 ? -22.92235 -15.15561 11.99233  1.000 56.26000  ? 181 PRO A C   1 
ATOM   1159 O  O   . PRO A 1 158 ? -22.78429 -14.22515 11.19075  1.000 48.82000  ? 181 PRO A O   1 
ATOM   1160 C  CB  . PRO A 1 158 ? -22.16569 -14.18168 14.19236  1.000 51.75000  ? 181 PRO A CB  1 
ATOM   1161 C  CG  . PRO A 1 158 ? -21.02363 -13.25674 13.93572  1.000 51.21000  ? 181 PRO A CG  1 
ATOM   1162 C  CD  . PRO A 1 158 ? -19.88520 -14.14495 13.54186  1.000 47.93000  ? 181 PRO A CD  1 
ATOM   1163 N  N   . ARG A 1 159 ? -23.89903 -16.06196 11.91312  1.000 54.01000  ? 182 ARG A N   1 
ATOM   1164 C  CA  . ARG A 1 159 ? -24.73734 -16.17572 10.73105  1.000 58.41000  ? 182 ARG A CA  1 
ATOM   1165 C  C   . ARG A 1 159 ? -25.44861 -14.86687 10.43263  1.000 57.66000  ? 182 ARG A C   1 
ATOM   1166 O  O   . ARG A 1 159 ? -25.86546 -14.13606 11.33751  1.000 56.97000  ? 182 ARG A O   1 
ATOM   1167 C  CB  . ARG A 1 159 ? -25.75893 -17.30355 10.90352  1.000 60.08000  ? 182 ARG A CB  1 
ATOM   1168 N  N   . LEU A 1 160 ? -25.53818 -14.57095 9.14438   1.000 61.12000  ? 183 LEU A N   1 
ATOM   1169 C  CA  . LEU A 1 160 ? -26.33871 -13.49797 8.58041   1.000 64.63000  ? 183 LEU A CA  1 
ATOM   1170 C  C   . LEU A 1 160 ? -26.04434 -13.58181 7.09557   1.000 57.64000  ? 183 LEU A C   1 
ATOM   1171 O  O   . LEU A 1 160 ? -25.34000 -14.50754 6.67284   1.000 49.16000  ? 183 LEU A O   1 
ATOM   1172 C  CB  . LEU A 1 160 ? -25.98648 -12.12320 9.15665   1.000 57.81000  ? 183 LEU A CB  1 
ATOM   1173 C  CG  . LEU A 1 160 ? -27.14183 -11.45962 9.91807   1.000 61.48000  ? 183 LEU A CG  1 
ATOM   1174 C  CD1 . LEU A 1 160 ? -26.87625 -9.97759  10.12767  1.000 61.36000  ? 183 LEU A CD1 1 
ATOM   1175 C  CD2 . LEU A 1 160 ? -28.46920 -11.68148 9.21233   1.000 51.22000  ? 183 LEU A CD2 1 
HETATM 1176 ZN ZN  . ZN  B 2 .   ? -11.34380 23.23273  14.96813  1.000 40.85000  ? 201 ZN  A ZN  1 
HETATM 1177 MG MG  . MG  C 3 .   ? 5.10989   -0.51367  1.30576   1.000 27.09000  ? 202 MG  A MG  1 
HETATM 1178 N  N1  . EPE D 4 .   ? -13.05031 -3.18269  5.74871   1.000 57.30000  ? 203 EPE A N1  1 
HETATM 1179 C  C2  . EPE D 4 .   ? -12.04000 -2.16130  6.09063   1.000 67.92000  ? 203 EPE A C2  1 
HETATM 1180 C  C3  . EPE D 4 .   ? -11.56910 -2.22913  7.53102   1.000 49.97000  ? 203 EPE A C3  1 
HETATM 1181 N  N4  . EPE D 4 .   ? -12.71570 -2.17715  8.41181   1.000 59.16000  ? 203 EPE A N4  1 
HETATM 1182 C  C5  . EPE D 4 .   ? -13.92965 -2.82955  7.97202   1.000 65.59000  ? 203 EPE A C5  1 
HETATM 1183 C  C6  . EPE D 4 .   ? -13.61119 -3.88576  6.91355   1.000 59.41000  ? 203 EPE A C6  1 
HETATM 1184 C  C7  . EPE D 4 .   ? -12.60902 -1.61445  9.74741   1.000 53.25000  ? 203 EPE A C7  1 
HETATM 1185 C  C8  . EPE D 4 .   ? -11.44482 -2.21701  10.53034  1.000 50.90000  ? 203 EPE A C8  1 
HETATM 1186 O  O8  . EPE D 4 .   ? -11.32478 -3.59205  10.22998  1.000 51.03000  ? 203 EPE A O8  1 
HETATM 1187 C  C9  . EPE D 4 .   ? -14.13195 -2.46733  5.07390   1.000 67.17000  ? 203 EPE A C9  1 
HETATM 1188 C  C10 . EPE D 4 .   ? -13.72278 -2.17101  3.63848   1.000 68.19000  ? 203 EPE A C10 1 
HETATM 1189 S  S   . EPE D 4 .   ? -12.65920 -3.46683  2.97301   1.000 90.98000  ? 203 EPE A S   1 
HETATM 1190 O  O1S . EPE D 4 .   ? -11.38909 -2.89923  2.53674   1.000 77.19000  ? 203 EPE A O1S 1 
HETATM 1191 O  O2S . EPE D 4 .   ? -12.40122 -4.47153  4.00637   1.000 76.59000  ? 203 EPE A O2S 1 
HETATM 1192 O  O3S . EPE D 4 .   ? -13.32400 -4.06165  1.81869   1.000 74.63000  ? 203 EPE A O3S 1 
HETATM 1193 C  C18 . OLC E 5 .   ? 16.52891  0.99356   -3.09718  1.000 49.02000  ? 204 OLC A C18 1 
HETATM 1194 C  C10 . OLC E 5 .   ? 16.75625  -6.04713  -6.24510  1.000 66.27000  ? 204 OLC A C10 1 
HETATM 1195 C  C9  . OLC E 5 .   ? 16.66821  -7.37931  -6.30522  1.000 47.04000  ? 204 OLC A C9  1 
HETATM 1196 C  C17 . OLC E 5 .   ? 17.17646  -0.18360  -3.80722  1.000 49.28000  ? 204 OLC A C17 1 
HETATM 1197 C  C11 . OLC E 5 .   ? 17.99300  -5.21555  -6.52708  1.000 85.24000  ? 204 OLC A C11 1 
HETATM 1198 C  C8  . OLC E 5 .   ? 17.80845  -8.29465  -6.64287  1.000 53.70000  ? 204 OLC A C8  1 
HETATM 1199 C  C16 . OLC E 5 .   ? 16.30501  -0.65052  -4.96700  1.000 54.82000  ? 204 OLC A C16 1 
HETATM 1200 C  C12 . OLC E 5 .   ? 17.53351  -3.98079  -7.31092  1.000 77.35000  ? 204 OLC A C12 1 
HETATM 1201 C  C7  . OLC E 5 .   ? 17.32144  -9.74388  -6.58187  1.000 48.15000  ? 204 OLC A C7  1 
HETATM 1202 C  C15 . OLC E 5 .   ? 16.72259  -2.03326  -5.44194  1.000 56.77000  ? 204 OLC A C15 1 
HETATM 1203 C  C13 . OLC E 5 .   ? 18.39830  -2.73187  -7.15677  1.000 79.07000  ? 204 OLC A C13 1 
HETATM 1204 C  C6  . OLC E 5 .   ? 18.15046  -10.59756 -7.53596  1.000 43.15000  ? 204 OLC A C6  1 
HETATM 1205 C  C14 . OLC E 5 .   ? 18.20089  -2.07221  -5.80252  1.000 66.39000  ? 204 OLC A C14 1 
HETATM 1206 C  C5  . OLC E 5 .   ? 18.05398  -10.02325 -8.94714  1.000 50.82000  ? 204 OLC A C5  1 
HETATM 1207 C  C4  . OLC E 5 .   ? 18.88602  -10.78498 -9.98148  1.000 44.44000  ? 204 OLC A C4  1 
HETATM 1208 C  C3  . OLC E 5 .   ? 20.26114  -10.15828 -10.18705 1.000 46.85000  ? 204 OLC A C3  1 
HETATM 1209 C  C2  . OLC E 5 .   ? 20.71272  -10.28348 -11.64158 1.000 42.72000  ? 204 OLC A C2  1 
HETATM 1210 C  C10 . OLC F 5 .   ? 8.82857   7.39264   -1.57957  1.000 47.52000  ? 205 OLC A C10 1 
HETATM 1211 C  C9  . OLC F 5 .   ? 10.12064  8.17145   -1.37936  1.000 58.45000  ? 205 OLC A C9  1 
HETATM 1212 C  C11 . OLC F 5 .   ? 7.63505   8.22661   -1.14540  1.000 49.41000  ? 205 OLC A C11 1 
HETATM 1213 C  C8  . OLC F 5 .   ? 11.34320  7.28862   -1.62484  1.000 67.43000  ? 205 OLC A C8  1 
HETATM 1214 C  C12 . OLC F 5 .   ? 7.64886   8.50719   0.35666   1.000 41.38000  ? 205 OLC A C12 1 
HETATM 1215 C  C7  . OLC F 5 .   ? 11.55756  6.32060   -0.47282  1.000 67.68000  ? 205 OLC A C7  1 
HETATM 1216 C  C13 . OLC F 5 .   ? 6.49202   9.44638   0.68691   1.000 41.83000  ? 205 OLC A C13 1 
HETATM 1217 C  C6  . OLC F 5 .   ? 11.96841  5.06685   -0.71385  1.000 57.56000  ? 205 OLC A C6  1 
HETATM 1218 C  C5  . OLC F 5 .   ? 12.21264  4.62012   -2.14042  1.000 54.54000  ? 205 OLC A C5  1 
HETATM 1219 C  C4  . OLC F 5 .   ? 12.94103  3.28254   -2.16519  1.000 45.99000  ? 205 OLC A C4  1 
HETATM 1220 C  C3  . OLC F 5 .   ? 13.16269  2.82761   -3.60179  1.000 44.49000  ? 205 OLC A C3  1 
HETATM 1221 C  C2  . OLC F 5 .   ? 13.92539  1.50817   -3.63723  1.000 42.31000  ? 205 OLC A C2  1 
HETATM 1222 C  C1  . OLC F 5 .   ? 15.42663  1.70063   -3.81231  1.000 50.90000  ? 205 OLC A C1  1 
HETATM 1223 C  C24 . OLC G 5 .   ? -21.80903 -10.62017 1.93661   1.000 54.03000  ? 206 OLC A C24 1 
HETATM 1224 C  C4  . OLC G 5 .   ? -21.99805 -15.21359 -5.47134  1.000 48.75000  ? 206 OLC A C4  1 
HETATM 1225 C  C3  . OLC G 5 .   ? -21.29345 -14.79877 -4.19361  1.000 42.61000  ? 206 OLC A C3  1 
HETATM 1226 C  C2  . OLC G 5 .   ? -22.22621 -14.00654 -3.28469  1.000 45.12000  ? 206 OLC A C2  1 
HETATM 1227 C  C21 . OLC G 5 .   ? -21.35300 -12.04983 -0.05734  1.000 44.25000  ? 206 OLC A C21 1 
HETATM 1228 C  C1  . OLC G 5 .   ? -21.40795 -13.43756 -2.15262  1.000 43.73000  ? 206 OLC A C1  1 
HETATM 1229 C  C22 . OLC G 5 .   ? -22.41305 -11.28404 0.71734   1.000 47.54000  ? 206 OLC A C22 1 
HETATM 1230 O  O19 . OLC G 5 .   ? -20.25709 -13.79938 -1.97786  1.000 50.39000  ? 206 OLC A O19 1 
HETATM 1231 O  O25 . OLC G 5 .   ? -22.90675 -10.11554 2.70672   1.000 72.33000  ? 206 OLC A O25 1 
HETATM 1232 O  O23 . OLC G 5 .   ? -22.96916 -10.24405 -0.08987  1.000 44.83000  ? 206 OLC A O23 1 
HETATM 1233 O  O20 . OLC G 5 .   ? -21.98246 -12.44820 -1.27078  1.000 46.56000  ? 206 OLC A O20 1 
HETATM 1234 O  O   . HOH H 6 .   ? -1.25390  20.81422  7.46723   1.000 58.40000  ? 301 HOH A O   1 
HETATM 1235 O  O   . HOH H 6 .   ? -12.06716 18.35751  -0.15297  1.000 65.44000  ? 302 HOH A O   1 
HETATM 1236 O  O   . HOH H 6 .   ? -24.41407 -11.49932 4.25930   0.50  74.07000  ? 303 HOH A O   1 
HETATM 1237 O  O   . HOH H 6 .   ? -7.27099  23.12648  15.62481  1.000 43.86000  ? 304 HOH A O   1 
HETATM 1238 O  O   . HOH H 6 .   ? -15.71096 9.92235   -3.09790  1.000 50.19000  ? 305 HOH A O   1 
HETATM 1239 O  O   . HOH H 6 .   ? -19.13504 -11.64210 8.62415   1.000 42.97000  ? 306 HOH A O   1 
HETATM 1240 O  O   . HOH H 6 .   ? 20.96335  -4.48002  -19.74418 1.000 101.00000 ? 307 HOH A O   1 
HETATM 1241 O  O   . HOH H 6 .   ? -10.04512 20.81822  -2.93050  1.000 70.69000  ? 308 HOH A O   1 
HETATM 1242 O  O   . HOH H 6 .   ? -16.62082 -6.23308  4.62482   1.000 45.10000  ? 309 HOH A O   1 
HETATM 1243 O  O   . HOH H 6 .   ? -16.30473 4.09332   2.30807   1.000 48.00000  ? 310 HOH A O   1 
HETATM 1244 O  O   . HOH H 6 .   ? -10.41397 25.00566  14.72387  1.000 34.67000  ? 311 HOH A O   1 
HETATM 1245 O  O   . HOH H 6 .   ? -4.29986  0.16807   4.53846   1.000 42.49000  ? 312 HOH A O   1 
HETATM 1246 O  O   . HOH H 6 .   ? -8.88692  -4.13133  9.84707   1.000 64.26000  ? 313 HOH A O   1 
HETATM 1247 O  O   . HOH H 6 .   ? -15.04648 12.59048  0.44393   1.000 67.28000  ? 314 HOH A O   1 
HETATM 1248 O  O   . HOH H 6 .   ? 10.24076  -8.84982  -17.90614 1.000 53.00000  ? 315 HOH A O   1 
HETATM 1249 O  O   . HOH H 6 .   ? 2.39152   -1.08399  5.27070   1.000 47.13000  ? 316 HOH A O   1 
HETATM 1250 O  O   . HOH H 6 .   ? -0.95724  21.41468  12.26263  1.000 69.59000  ? 317 HOH A O   1 
HETATM 1251 O  O   . HOH H 6 .   ? -14.99568 5.61360   5.22829   1.000 44.43000  ? 318 HOH A O   1 
HETATM 1252 O  O   . HOH H 6 .   ? 11.25190  -14.99849 -15.62404 1.000 46.45000  ? 319 HOH A O   1 
HETATM 1253 O  O   . HOH H 6 .   ? -3.10947  15.15238  -2.82501  1.000 39.98000  ? 320 HOH A O   1 
HETATM 1254 O  O   . HOH H 6 .   ? 1.77912   20.42333  4.46111   1.000 58.36000  ? 321 HOH A O   1 
HETATM 1255 O  O   . HOH H 6 .   ? 16.24155  -20.04529 -15.42609 0.50  35.25000  ? 322 HOH A O   1 
HETATM 1256 O  O   . HOH H 6 .   ? -19.72563 -10.17732 4.24341   1.000 36.84000  ? 323 HOH A O   1 
HETATM 1257 O  O   . HOH H 6 .   ? -17.48332 -20.05341 14.49468  1.000 54.95000  ? 324 HOH A O   1 
HETATM 1258 O  O   . HOH H 6 .   ? 24.09642  -19.14863 -13.82940 1.000 34.10000  ? 325 HOH A O   1 
HETATM 1259 O  O   . HOH H 6 .   ? -10.84648 17.54769  15.83062  1.000 48.17000  ? 326 HOH A O   1 
HETATM 1260 O  O   . HOH H 6 .   ? -5.65562  23.66026  6.75394   1.000 76.26000  ? 327 HOH A O   1 
HETATM 1261 O  O   . HOH H 6 .   ? 3.32731   11.86627  14.92916  1.000 46.12000  ? 328 HOH A O   1 
HETATM 1262 O  O   . HOH H 6 .   ? 4.23763   14.64689  11.90747  1.000 34.94000  ? 329 HOH A O   1 
HETATM 1263 O  O   . HOH H 6 .   ? 19.11152  -10.44622 -19.66899 1.000 69.59000  ? 330 HOH A O   1 
HETATM 1264 O  O   . HOH H 6 .   ? -15.01588 3.26223   -4.89537  1.000 55.80000  ? 331 HOH A O   1 
HETATM 1265 O  O   . HOH H 6 .   ? 10.82825  -15.53756 -18.40381 1.000 32.01000  ? 332 HOH A O   1 
HETATM 1266 O  O   . HOH H 6 .   ? -20.52807 -12.46407 10.90553  1.000 49.80000  ? 333 HOH A O   1 
HETATM 1267 O  O   . HOH H 6 .   ? -22.81056 -18.47468 10.10162  1.000 47.57000  ? 334 HOH A O   1 
HETATM 1268 O  O   . HOH H 6 .   ? -5.31815  12.99492  16.02257  1.000 47.10000  ? 335 HOH A O   1 
HETATM 1269 O  O   . HOH H 6 .   ? 12.31882  -18.08070 -14.70190 0.50  41.42000  ? 336 HOH A O   1 
HETATM 1270 O  O   . HOH H 6 .   ? -6.73449  19.92278  -2.72008  1.000 49.86000  ? 337 HOH A O   1 
HETATM 1271 O  O   . HOH H 6 .   ? -15.06061 4.50442   -6.51953  1.000 56.60000  ? 338 HOH A O   1 
HETATM 1272 O  O   . HOH H 6 .   ? 2.77558   16.78007  10.25108  1.000 44.65000  ? 339 HOH A O   1 
HETATM 1273 O  O   . HOH H 6 .   ? -0.73132  -6.22046  3.63221   1.000 34.37000  ? 340 HOH A O   1 
HETATM 1274 O  O   . HOH H 6 .   ? -14.81793 9.32003   -0.94614  1.000 48.70000  ? 341 HOH A O   1 
HETATM 1275 O  O   . HOH H 6 .   ? -1.39878  13.42909  15.16474  1.000 44.64000  ? 342 HOH A O   1 
HETATM 1276 O  O   . HOH H 6 .   ? -12.49432 26.57644  9.59129   1.000 61.80000  ? 343 HOH A O   1 
HETATM 1277 O  O   . HOH H 6 .   ? -19.29911 -17.24011 14.66320  1.000 58.64000  ? 344 HOH A O   1 
HETATM 1278 O  O   . HOH H 6 .   ? -24.53083 -17.31217 14.61670  1.000 64.81000  ? 345 HOH A O   1 
HETATM 1279 O  O   . HOH H 6 .   ? 12.74696  -10.25530 -18.61124 1.000 61.70000  ? 346 HOH A O   1 
HETATM 1280 O  O   . HOH H 6 .   ? 0.62815   -8.21082  3.27174   1.000 34.72000  ? 347 HOH A O   1 
HETATM 1281 O  O   . HOH H 6 .   ? -15.87375 3.32931   -8.58413  1.000 55.82000  ? 348 HOH A O   1 
HETATM 1282 O  O   . HOH H 6 .   ? 2.37276   -6.21988  1.51090   1.000 43.17000  ? 349 HOH A O   1 
HETATM 1283 O  O   . HOH H 6 .   ? -0.54660  -3.97159  3.12128   1.000 41.92000  ? 350 HOH A O   1 
HETATM 1284 O  O   . HOH H 6 .   ? 4.10580   17.39969  8.34986   1.000 38.87000  ? 351 HOH A O   1 
HETATM 1285 O  O   . HOH H 6 .   ? 3.01863   -7.38070  0.05353   1.000 37.65000  ? 352 HOH A O   1 
HETATM 1286 O  O   . HOH H 6 .   ? 0.22024   -0.82500  6.61699   1.000 53.57000  ? 353 HOH A O   1 
HETATM 1287 O  O   . HOH H 6 .   ? -24.59563 -20.35899 7.20931   1.000 48.51000  ? 354 HOH A O   1 
HETATM 1288 O  O   . HOH H 6 .   ? -3.97869  7.91734   -9.76141  1.000 47.30000  ? 355 HOH A O   1 
HETATM 1289 O  O   . HOH H 6 .   ? -13.31774 9.01419   -7.31322  1.000 60.39000  ? 356 HOH A O   1 
HETATM 1290 O  O   . HOH H 6 .   ? 12.52805  -17.39092 -17.39199 1.000 44.73000  ? 357 HOH A O   1 
HETATM 1291 O  O   . HOH H 6 .   ? 12.75326  -11.72261 -20.25639 1.000 65.04000  ? 358 HOH A O   1 
HETATM 1292 O  O   . HOH H 6 .   ? -6.35187  17.53174  17.08085  1.000 45.52000  ? 359 HOH A O   1 
HETATM 1293 O  O   . HOH H 6 .   ? -0.64760  16.05302  -5.30813  1.000 57.02000  ? 360 HOH A O   1 
HETATM 1294 O  O   . HOH H 6 .   ? 11.99256  18.31725  6.71101   1.000 60.11000  ? 361 HOH A O   1 
HETATM 1295 O  O   . HOH H 6 .   ? -17.11613 3.43124   -5.66822  1.000 73.22000  ? 362 HOH A O   1 
HETATM 1296 O  O   . HOH H 6 .   ? -7.88156  12.72876  -8.49014  1.000 53.79000  ? 363 HOH A O   1 
HETATM 1297 O  O   . HOH H 6 .   ? 9.61898   19.41944  7.43653   1.000 60.72000  ? 364 HOH A O   1 
HETATM 1298 O  O   . HOH H 6 .   ? 5.85645   17.35721  7.18375   1.000 54.60000  ? 365 HOH A O   1 
HETATM 1299 O  O   . HOH H 6 .   ? -6.08510  12.07971  -9.72105  1.000 49.56000  ? 366 HOH A O   1 
HETATM 1300 O  O   . HOH H 6 .   ? -14.85331 14.54446  -3.66525  0.50  54.85000  ? 367 HOH A O   1 
HETATM 1301 O  O   . HOH H 6 .   ? -20.91543 -25.75868 7.80837   1.000 59.02000  ? 368 HOH A O   1 
HETATM 1302 O  O   . HOH H 6 .   ? 23.14034  -6.10043  -12.96237 1.000 69.56000  ? 369 HOH A O   1 
HETATM 1303 O  O   . HOH H 6 .   ? -16.58329 -5.15621  6.53573   1.000 48.36000  ? 370 HOH A O   1 
HETATM 1304 O  O   . HOH H 6 .   ? -8.63021  -1.64787  5.48183   1.000 51.67000  ? 371 HOH A O   1 
HETATM 1305 O  O   . HOH H 6 .   ? -16.80555 -3.57909  4.12699   1.000 57.42000  ? 372 HOH A O   1 
HETATM 1306 O  O   . HOH H 6 .   ? 7.43705   18.70114  6.91278   1.000 49.71000  ? 373 HOH A O   1 
HETATM 1307 O  O   . HOH H 6 .   ? -22.13234 -17.97007 15.45924  1.000 73.34000  ? 374 HOH A O   1 
HETATM 1308 O  O   . HOH H 6 .   ? -16.59735 -3.47267  9.10797   1.000 63.89000  ? 375 HOH A O   1 
HETATM 1309 O  O   . HOH H 6 .   ? -7.93279  -0.78265  9.66261   1.000 59.34000  ? 376 HOH A O   1 
HETATM 1310 O  O   . HOH H 6 .   ? -19.17769 -0.48687  4.63001   1.000 59.99000  ? 377 HOH A O   1 
HETATM 1311 O  O   . HOH H 6 .   ? 4.37476   -9.05769  -0.48677  0.50  40.23000  ? 378 HOH A O   1 
HETATM 1312 O  O   . HOH H 6 .   ? -10.60200 9.71574   -11.27257 0.50  56.03000  ? 379 HOH A O   1 
HETATM 1313 O  O   . HOH H 6 .   ? -8.32528  -0.84971  7.45716   1.000 51.05000  ? 380 HOH A O   1 
HETATM 1314 O  O   . HOH H 6 .   ? -5.39130  9.67969   -10.86535 1.000 56.39000  ? 381 HOH A O   1 
HETATM 1315 O  O   . HOH H 6 .   ? -18.51053 -4.77554  4.94335   1.000 51.67000  ? 382 HOH A O   1 
HETATM 1316 O  O   . HOH H 6 .   ? -11.53180 10.77182  -9.60878  0.50  64.59000  ? 383 HOH A O   1 
HETATM 1317 O  O   . HOH H 6 .   ? 7.59690   19.10006  4.23566   1.000 63.02000  ? 384 HOH A O   1 
# 
